data_7MH1
#
_entry.id   7MH1
#
loop_
_entity.id
_entity.type
_entity.pdbx_description
1 polymer 'CTP synthase 2'
2 non-polymer "CYTIDINE-5'-TRIPHOSPHATE"
3 non-polymer 'MAGNESIUM ION'
#
_entity_poly.entity_id   1
_entity_poly.type   'polypeptide(L)'
_entity_poly.pdbx_seq_one_letter_code
;MKYILVTGGVISGIGKGIIASSIGTILKSCGLRVTAIKIDPYINIDAGTFSPYEHGEVFVLNDGGEVDLDLGNYERFLDI
NLYKDNNITTGKIYQHVINKERRGDYLGKTVQVVPHITDAVQEWVMNQAKVPVDGNKEEPQICVIELGGTIGDIEGMPFV
EAFRQFQFKAKRENFCNIHVSLVPQLSATGEQKTKPTQNSVRALRGLGLSPDLIVCRSSTPIEMAVKEKISMFCHVNPEQ
VICIHDVSSTYRVPVLLEEQSIVKYFKERLHLPIGDSASNLLFKWRNMADRYERLQKICSIALVGKYTKLRDCYASVFKA
LEHSALAINHKLNLMYIDSIDLEKITETEDPVKFHEAWQKLCKADGILVPGGFGIRGTLGKLQAISWARTKKIPFLGVCL
GMQLAVIEFARNCLNLKDADSTEFRPNAPVPLVIDMPEHNPGNLGGTMRLGIRRTVFKTENSILRKLYGDVPFIEERHRH
RFEVNPNLIKQFEQNDLSFVGQDVDGDRMEIIELANHPYFVGVQFHPEFSSRPMKPSPPYLGLLLAATGNLNAYLQQGCK
LSSSDRYSDASDDSFSEPRIAELEIS
;
_entity_poly.pdbx_strand_id   H,J,K,L
#
# COMPACT_ATOMS: atom_id res chain seq x y z
N MET A 1 -28.15 -2.91 17.49
CA MET A 1 -28.53 -3.77 16.35
C MET A 1 -27.30 -4.51 15.85
N LYS A 2 -27.45 -5.75 15.39
CA LYS A 2 -26.36 -6.53 14.82
C LYS A 2 -26.20 -6.20 13.34
N TYR A 3 -24.98 -6.11 12.85
CA TYR A 3 -24.66 -5.72 11.48
C TYR A 3 -23.66 -6.70 10.88
N ILE A 4 -23.91 -7.15 9.66
CA ILE A 4 -23.00 -8.00 8.90
C ILE A 4 -22.61 -7.24 7.64
N LEU A 5 -21.40 -6.70 7.55
CA LEU A 5 -20.87 -6.14 6.31
C LEU A 5 -20.27 -7.26 5.46
N VAL A 6 -20.66 -7.37 4.19
CA VAL A 6 -20.13 -8.30 3.20
C VAL A 6 -19.33 -7.51 2.17
N THR A 7 -18.05 -7.81 2.01
CA THR A 7 -17.10 -7.10 1.14
C THR A 7 -16.45 -8.06 0.17
N GLY A 8 -15.94 -7.56 -0.95
CA GLY A 8 -15.27 -8.36 -1.97
C GLY A 8 -13.80 -8.02 -2.11
N GLY A 9 -12.96 -9.04 -2.24
CA GLY A 9 -11.52 -8.86 -2.23
C GLY A 9 -10.87 -8.62 -3.57
N VAL A 10 -10.99 -9.59 -4.46
CA VAL A 10 -10.02 -9.77 -5.55
C VAL A 10 -10.50 -9.23 -6.89
N ILE A 11 -11.76 -9.53 -7.21
CA ILE A 11 -12.47 -9.18 -8.44
C ILE A 11 -13.96 -9.01 -8.10
N SER A 12 -14.68 -8.19 -8.85
CA SER A 12 -16.05 -7.81 -8.49
C SER A 12 -17.11 -8.89 -8.71
N GLY A 13 -16.88 -9.88 -9.57
CA GLY A 13 -17.88 -10.85 -10.01
C GLY A 13 -18.02 -12.14 -9.19
N ILE A 14 -17.35 -12.24 -8.04
CA ILE A 14 -17.25 -13.44 -7.19
C ILE A 14 -18.53 -13.89 -6.48
N GLY A 15 -19.61 -13.14 -6.56
CA GLY A 15 -20.88 -13.50 -5.94
C GLY A 15 -21.12 -12.95 -4.54
N LYS A 16 -20.64 -11.75 -4.20
CA LYS A 16 -20.94 -11.08 -2.92
C LYS A 16 -22.44 -11.04 -2.66
N GLY A 17 -23.23 -10.76 -3.68
CA GLY A 17 -24.69 -10.69 -3.61
C GLY A 17 -25.38 -12.01 -3.27
N ILE A 18 -24.92 -13.16 -3.76
CA ILE A 18 -25.52 -14.44 -3.35
C ILE A 18 -25.05 -14.86 -1.96
N ILE A 19 -23.81 -14.54 -1.57
CA ILE A 19 -23.36 -14.73 -0.20
C ILE A 19 -24.21 -13.92 0.75
N ALA A 20 -24.32 -12.61 0.58
CA ALA A 20 -25.08 -11.74 1.45
C ALA A 20 -26.56 -12.13 1.52
N SER A 21 -27.17 -12.48 0.39
CA SER A 21 -28.54 -12.97 0.37
C SER A 21 -28.68 -14.26 1.16
N SER A 22 -27.74 -15.18 1.01
CA SER A 22 -27.81 -16.49 1.63
C SER A 22 -27.55 -16.44 3.13
N ILE A 23 -26.64 -15.57 3.58
CA ILE A 23 -26.46 -15.22 4.99
C ILE A 23 -27.78 -14.72 5.57
N GLY A 24 -28.48 -13.86 4.84
CA GLY A 24 -29.77 -13.30 5.19
C GLY A 24 -30.86 -14.35 5.30
N THR A 25 -30.96 -15.25 4.32
CA THR A 25 -31.87 -16.40 4.31
C THR A 25 -31.62 -17.34 5.48
N ILE A 26 -30.36 -17.59 5.81
CA ILE A 26 -29.96 -18.39 6.95
C ILE A 26 -30.47 -17.80 8.25
N LEU A 27 -30.24 -16.52 8.48
CA LEU A 27 -30.57 -15.84 9.72
C LEU A 27 -32.09 -15.62 9.86
N LYS A 28 -32.79 -15.32 8.75
CA LYS A 28 -34.24 -15.41 8.59
C LYS A 28 -34.76 -16.79 8.97
N SER A 29 -34.13 -17.87 8.50
CA SER A 29 -34.56 -19.24 8.81
C SER A 29 -34.35 -19.64 10.27
N CYS A 30 -33.40 -19.03 10.97
CA CYS A 30 -33.18 -19.18 12.41
C CYS A 30 -34.22 -18.46 13.28
N GLY A 31 -35.09 -17.67 12.69
CA GLY A 31 -36.15 -16.93 13.37
C GLY A 31 -35.84 -15.47 13.67
N LEU A 32 -34.82 -14.88 13.05
CA LEU A 32 -34.48 -13.47 13.24
C LEU A 32 -35.15 -12.58 12.19
N ARG A 33 -35.60 -11.38 12.59
CA ARG A 33 -36.09 -10.35 11.68
C ARG A 33 -34.91 -9.68 10.99
N VAL A 34 -34.66 -10.02 9.73
CA VAL A 34 -33.47 -9.58 9.01
C VAL A 34 -33.83 -8.49 8.01
N THR A 35 -33.12 -7.38 8.08
CA THR A 35 -33.09 -6.35 7.03
C THR A 35 -31.81 -6.44 6.23
N ALA A 36 -31.77 -5.81 5.06
CA ALA A 36 -30.65 -5.81 4.18
C ALA A 36 -30.47 -4.45 3.52
N ILE A 37 -29.23 -4.01 3.41
CA ILE A 37 -28.83 -2.80 2.69
C ILE A 37 -27.83 -3.20 1.60
N LYS A 38 -27.84 -2.53 0.46
CA LYS A 38 -26.77 -2.64 -0.53
C LYS A 38 -26.16 -1.28 -0.78
N ILE A 39 -24.84 -1.21 -0.75
CA ILE A 39 -24.10 -0.06 -1.23
C ILE A 39 -23.70 -0.33 -2.68
N ASP A 40 -24.15 0.53 -3.59
CA ASP A 40 -23.68 0.59 -4.96
C ASP A 40 -22.79 1.83 -5.10
N PRO A 41 -21.46 1.72 -5.17
CA PRO A 41 -20.59 2.88 -5.22
C PRO A 41 -20.64 3.70 -6.52
N TYR A 42 -21.63 3.48 -7.38
CA TYR A 42 -21.90 4.29 -8.56
C TYR A 42 -22.60 5.61 -8.24
N ILE A 43 -22.52 6.57 -9.16
CA ILE A 43 -23.01 7.95 -8.98
C ILE A 43 -24.47 8.10 -9.38
N ASN A 44 -25.08 7.13 -10.05
CA ASN A 44 -26.52 7.14 -10.28
C ASN A 44 -27.26 7.20 -8.93
N ILE A 45 -28.23 8.11 -8.77
CA ILE A 45 -28.93 8.22 -7.49
C ILE A 45 -30.02 7.15 -7.36
N ASP A 46 -30.56 6.72 -8.49
CA ASP A 46 -31.58 5.68 -8.63
C ASP A 46 -31.33 4.87 -9.91
N ALA A 47 -32.08 3.80 -10.13
CA ALA A 47 -31.95 2.98 -11.32
C ALA A 47 -32.72 3.49 -12.54
N GLY A 48 -33.53 4.55 -12.43
CA GLY A 48 -34.50 4.92 -13.47
C GLY A 48 -33.91 5.35 -14.80
N THR A 49 -32.65 5.77 -14.81
CA THR A 49 -31.86 6.16 -15.99
C THR A 49 -31.32 4.97 -16.77
N PHE A 50 -31.27 3.76 -16.20
CA PHE A 50 -30.63 2.61 -16.83
C PHE A 50 -31.37 2.15 -18.10
N SER A 51 -30.63 2.00 -19.19
CA SER A 51 -31.09 1.26 -20.37
C SER A 51 -30.85 -0.22 -20.07
N PRO A 52 -31.88 -1.09 -19.93
CA PRO A 52 -31.72 -2.42 -19.36
C PRO A 52 -30.69 -3.37 -19.97
N TYR A 53 -30.20 -3.13 -21.19
CA TYR A 53 -29.09 -3.90 -21.77
C TYR A 53 -27.78 -3.67 -20.99
N GLU A 54 -27.47 -2.42 -20.67
CA GLU A 54 -26.41 -2.04 -19.73
C GLU A 54 -26.92 -2.17 -18.29
N HIS A 55 -26.11 -2.73 -17.38
CA HIS A 55 -26.41 -2.96 -15.96
C HIS A 55 -27.50 -3.98 -15.64
N GLY A 56 -28.65 -3.90 -16.31
CA GLY A 56 -29.74 -4.88 -16.22
C GLY A 56 -31.09 -4.24 -15.92
N GLU A 57 -32.05 -5.07 -15.56
CA GLU A 57 -33.41 -4.69 -15.14
C GLU A 57 -33.47 -3.54 -14.11
N VAL A 58 -34.52 -2.71 -14.16
CA VAL A 58 -34.88 -1.77 -13.10
C VAL A 58 -35.92 -2.46 -12.23
N PHE A 59 -35.65 -2.61 -10.94
CA PHE A 59 -36.56 -3.24 -10.00
C PHE A 59 -37.41 -2.18 -9.31
N VAL A 60 -38.68 -2.48 -9.07
CA VAL A 60 -39.61 -1.51 -8.48
C VAL A 60 -40.02 -1.98 -7.12
N LEU A 61 -39.90 -1.09 -6.14
CA LEU A 61 -40.23 -1.35 -4.75
C LEU A 61 -41.68 -0.97 -4.44
N ASN A 62 -42.23 -1.43 -3.32
CA ASN A 62 -43.59 -1.07 -2.93
C ASN A 62 -43.79 0.45 -2.86
N ASP A 63 -42.79 1.19 -2.38
CA ASP A 63 -42.83 2.65 -2.21
C ASP A 63 -42.67 3.45 -3.51
N GLY A 64 -42.45 2.78 -4.64
CA GLY A 64 -42.22 3.41 -5.93
C GLY A 64 -40.77 3.74 -6.23
N GLY A 65 -39.80 3.31 -5.42
CA GLY A 65 -38.39 3.41 -5.78
C GLY A 65 -38.05 2.59 -7.03
N GLU A 66 -37.34 3.18 -7.96
CA GLU A 66 -36.65 2.49 -9.06
C GLU A 66 -35.23 2.17 -8.62
N VAL A 67 -34.93 0.91 -8.41
CA VAL A 67 -33.74 0.44 -7.69
C VAL A 67 -33.04 -0.67 -8.48
N ASP A 68 -31.80 -0.98 -8.13
CA ASP A 68 -31.01 -2.02 -8.77
C ASP A 68 -31.68 -3.40 -8.66
N LEU A 69 -31.50 -4.24 -9.68
CA LEU A 69 -32.01 -5.61 -9.72
C LEU A 69 -31.44 -6.48 -8.60
N ASP A 70 -30.25 -6.15 -8.11
CA ASP A 70 -29.64 -6.80 -6.95
C ASP A 70 -30.48 -6.64 -5.69
N LEU A 71 -31.21 -5.54 -5.46
CA LEU A 71 -32.15 -5.48 -4.32
C LEU A 71 -33.36 -6.38 -4.52
N GLY A 72 -33.69 -6.77 -5.75
CA GLY A 72 -34.69 -7.80 -5.99
C GLY A 72 -34.26 -9.17 -5.52
N ASN A 73 -32.96 -9.47 -5.52
CA ASN A 73 -32.43 -10.70 -4.99
C ASN A 73 -32.62 -10.80 -3.47
N TYR A 74 -32.41 -9.71 -2.74
CA TYR A 74 -32.71 -9.65 -1.31
C TYR A 74 -34.19 -9.76 -1.01
N GLU A 75 -35.07 -9.20 -1.84
CA GLU A 75 -36.52 -9.41 -1.74
C GLU A 75 -36.95 -10.85 -2.03
N ARG A 76 -36.26 -11.58 -2.91
CA ARG A 76 -36.60 -12.98 -3.16
C ARG A 76 -36.08 -13.91 -2.08
N PHE A 77 -34.83 -13.78 -1.65
CA PHE A 77 -34.20 -14.70 -0.70
C PHE A 77 -34.61 -14.50 0.77
N LEU A 78 -35.01 -13.29 1.15
CA LEU A 78 -35.61 -12.95 2.43
C LEU A 78 -37.06 -12.51 2.14
N ASP A 79 -38.09 -12.96 2.86
CA ASP A 79 -39.47 -12.48 2.67
C ASP A 79 -39.67 -11.02 3.16
N ILE A 80 -39.14 -10.04 2.44
CA ILE A 80 -39.12 -8.63 2.80
C ILE A 80 -39.50 -7.76 1.61
N ASN A 81 -39.90 -6.51 1.90
CA ASN A 81 -40.25 -5.49 0.92
C ASN A 81 -39.44 -4.25 1.24
N LEU A 82 -38.36 -4.01 0.51
CA LEU A 82 -37.41 -2.96 0.80
C LEU A 82 -37.97 -1.58 0.48
N TYR A 83 -37.54 -0.56 1.20
CA TYR A 83 -37.73 0.86 0.86
C TYR A 83 -36.57 1.35 0.02
N LYS A 84 -36.73 2.43 -0.76
CA LYS A 84 -35.69 2.91 -1.69
C LYS A 84 -34.36 3.22 -1.04
N ASP A 85 -34.36 3.58 0.23
CA ASP A 85 -33.16 3.93 0.96
C ASP A 85 -32.41 2.75 1.57
N ASN A 86 -32.87 1.51 1.37
CA ASN A 86 -32.02 0.31 1.54
C ASN A 86 -31.03 0.13 0.38
N ASN A 87 -31.17 0.88 -0.70
CA ASN A 87 -30.13 1.07 -1.68
C ASN A 87 -29.43 2.39 -1.36
N ILE A 88 -28.15 2.33 -1.01
CA ILE A 88 -27.29 3.47 -0.79
C ILE A 88 -26.41 3.58 -2.00
N THR A 89 -26.19 4.77 -2.54
CA THR A 89 -25.27 4.95 -3.67
C THR A 89 -24.31 6.09 -3.40
N THR A 90 -23.20 6.14 -4.13
CA THR A 90 -22.32 7.32 -4.09
C THR A 90 -23.08 8.56 -4.51
N GLY A 91 -23.95 8.46 -5.52
CA GLY A 91 -24.83 9.53 -5.94
C GLY A 91 -25.75 10.00 -4.84
N LYS A 92 -26.39 9.10 -4.12
CA LYS A 92 -27.28 9.46 -3.01
C LYS A 92 -26.56 10.15 -1.86
N ILE A 93 -25.40 9.62 -1.47
CA ILE A 93 -24.67 10.08 -0.30
C ILE A 93 -24.04 11.43 -0.57
N TYR A 94 -23.39 11.59 -1.72
CA TYR A 94 -22.85 12.87 -2.12
C TYR A 94 -23.96 13.87 -2.38
N GLN A 95 -25.09 13.50 -2.99
CA GLN A 95 -26.17 14.45 -3.18
C GLN A 95 -26.77 14.94 -1.86
N HIS A 96 -26.91 14.07 -0.87
CA HIS A 96 -27.39 14.38 0.47
C HIS A 96 -26.44 15.30 1.24
N VAL A 97 -25.13 15.07 1.21
CA VAL A 97 -24.15 15.96 1.86
C VAL A 97 -24.02 17.28 1.15
N ILE A 98 -24.13 17.32 -0.18
CA ILE A 98 -24.16 18.58 -0.93
C ILE A 98 -25.39 19.39 -0.54
N ASN A 99 -26.59 18.81 -0.52
CA ASN A 99 -27.81 19.52 -0.13
C ASN A 99 -27.74 20.10 1.27
N LYS A 100 -27.23 19.35 2.26
CA LYS A 100 -26.98 19.87 3.61
C LYS A 100 -25.97 21.02 3.62
N GLU A 101 -24.95 21.01 2.77
CA GLU A 101 -24.03 22.13 2.65
C GLU A 101 -24.71 23.39 2.10
N ARG A 102 -25.55 23.26 1.06
CA ARG A 102 -26.25 24.40 0.46
C ARG A 102 -27.21 25.08 1.43
N ARG A 103 -27.91 24.31 2.26
CA ARG A 103 -28.79 24.81 3.33
C ARG A 103 -28.06 25.39 4.53
N GLY A 104 -26.77 25.12 4.69
CA GLY A 104 -25.98 25.53 5.85
C GLY A 104 -26.19 24.67 7.09
N ASP A 105 -26.63 23.42 6.93
CA ASP A 105 -26.78 22.49 8.05
C ASP A 105 -25.44 22.16 8.74
N TYR A 106 -24.33 22.25 8.00
CA TYR A 106 -22.96 22.10 8.51
C TYR A 106 -22.36 23.38 9.13
N LEU A 107 -23.18 24.36 9.52
CA LEU A 107 -22.80 25.51 10.38
C LEU A 107 -21.58 26.32 9.89
N GLY A 108 -21.41 26.41 8.58
CA GLY A 108 -20.34 27.15 7.93
C GLY A 108 -18.93 26.56 8.08
N LYS A 109 -18.80 25.33 8.57
CA LYS A 109 -17.58 24.52 8.55
C LYS A 109 -17.28 24.03 7.12
N THR A 110 -16.02 23.72 6.83
CA THR A 110 -15.66 22.99 5.61
C THR A 110 -16.23 21.59 5.66
N VAL A 111 -17.07 21.21 4.69
CA VAL A 111 -17.62 19.86 4.60
C VAL A 111 -16.64 18.97 3.86
N GLN A 112 -16.20 17.87 4.47
CA GLN A 112 -15.07 17.04 4.06
C GLN A 112 -15.48 15.58 3.89
N VAL A 113 -14.75 14.80 3.09
CA VAL A 113 -15.13 13.39 2.88
C VAL A 113 -15.04 12.64 4.19
N VAL A 114 -13.99 12.88 4.96
CA VAL A 114 -13.87 12.49 6.36
C VAL A 114 -13.85 13.78 7.19
N PRO A 115 -14.79 14.03 8.12
CA PRO A 115 -15.83 13.13 8.59
C PRO A 115 -17.15 13.14 7.80
N HIS A 116 -17.51 14.16 7.04
CA HIS A 116 -18.92 14.40 6.69
C HIS A 116 -19.56 13.44 5.69
N ILE A 117 -18.88 12.99 4.63
CA ILE A 117 -19.41 11.92 3.77
C ILE A 117 -19.47 10.61 4.54
N THR A 118 -18.44 10.30 5.33
CA THR A 118 -18.40 9.07 6.12
C THR A 118 -19.43 9.04 7.26
N ASP A 119 -19.75 10.16 7.88
CA ASP A 119 -20.84 10.31 8.84
C ASP A 119 -22.20 10.16 8.20
N ALA A 120 -22.40 10.65 6.97
CA ALA A 120 -23.63 10.45 6.22
C ALA A 120 -23.88 8.97 5.92
N VAL A 121 -22.87 8.18 5.58
CA VAL A 121 -23.00 6.73 5.39
C VAL A 121 -23.39 6.01 6.67
N GLN A 122 -22.88 6.42 7.83
CA GLN A 122 -23.17 5.81 9.12
C GLN A 122 -24.55 6.21 9.64
N GLU A 123 -24.94 7.48 9.51
CA GLU A 123 -26.30 7.95 9.81
C GLU A 123 -27.31 7.20 8.96
N TRP A 124 -27.05 7.02 7.68
CA TRP A 124 -27.97 6.36 6.77
C TRP A 124 -28.10 4.87 7.09
N VAL A 125 -27.00 4.18 7.40
CA VAL A 125 -27.03 2.78 7.85
C VAL A 125 -27.78 2.61 9.17
N MET A 126 -27.49 3.37 10.23
CA MET A 126 -28.26 3.26 11.48
C MET A 126 -29.75 3.60 11.31
N ASN A 127 -30.08 4.63 10.52
CA ASN A 127 -31.46 4.99 10.26
C ASN A 127 -32.23 3.90 9.50
N GLN A 128 -31.69 3.35 8.40
CA GLN A 128 -32.41 2.35 7.61
C GLN A 128 -32.39 0.96 8.21
N ALA A 129 -31.36 0.58 8.96
CA ALA A 129 -31.37 -0.69 9.68
C ALA A 129 -32.52 -0.76 10.68
N LYS A 130 -32.94 0.37 11.29
CA LYS A 130 -34.09 0.48 12.19
C LYS A 130 -35.47 0.42 11.53
N VAL A 131 -35.60 0.58 10.22
CA VAL A 131 -36.89 0.56 9.51
C VAL A 131 -37.42 -0.88 9.37
N PRO A 132 -38.64 -1.21 9.85
CA PRO A 132 -39.21 -2.53 9.69
C PRO A 132 -39.53 -2.85 8.23
N VAL A 133 -39.15 -4.05 7.79
CA VAL A 133 -39.07 -4.44 6.37
C VAL A 133 -39.77 -5.79 6.05
N ASP A 134 -40.08 -6.53 7.11
CA ASP A 134 -41.03 -7.63 7.18
C ASP A 134 -42.48 -7.09 7.32
N GLY A 135 -43.48 -7.97 7.36
CA GLY A 135 -44.86 -7.59 7.73
C GLY A 135 -44.98 -7.13 9.18
N ASN A 136 -44.20 -7.71 10.09
CA ASN A 136 -44.16 -7.35 11.50
C ASN A 136 -43.74 -5.88 11.68
N LYS A 137 -44.33 -5.19 12.66
CA LYS A 137 -44.09 -3.77 12.96
C LYS A 137 -42.82 -3.53 13.79
N GLU A 138 -42.39 -4.52 14.57
CA GLU A 138 -41.20 -4.48 15.41
C GLU A 138 -39.90 -4.28 14.59
N GLU A 139 -38.92 -3.52 15.11
CA GLU A 139 -37.68 -3.22 14.36
C GLU A 139 -36.82 -4.48 14.09
N PRO A 140 -36.00 -4.51 13.02
CA PRO A 140 -35.08 -5.62 12.72
C PRO A 140 -34.09 -5.95 13.83
N GLN A 141 -33.40 -7.08 13.66
CA GLN A 141 -32.39 -7.58 14.62
C GLN A 141 -31.00 -7.62 14.01
N ILE A 142 -30.91 -8.08 12.77
CA ILE A 142 -29.69 -8.06 11.99
C ILE A 142 -29.92 -7.23 10.74
N CYS A 143 -28.97 -6.38 10.39
CA CYS A 143 -28.84 -5.82 9.06
C CYS A 143 -27.71 -6.51 8.30
N VAL A 144 -27.98 -7.06 7.13
CA VAL A 144 -26.93 -7.51 6.21
C VAL A 144 -26.61 -6.38 5.24
N ILE A 145 -25.39 -5.88 5.25
CA ILE A 145 -24.93 -4.83 4.35
C ILE A 145 -24.01 -5.48 3.31
N GLU A 146 -24.31 -5.35 2.04
CA GLU A 146 -23.41 -5.73 0.96
C GLU A 146 -22.77 -4.47 0.38
N LEU A 147 -21.43 -4.43 0.29
CA LEU A 147 -20.70 -3.35 -0.34
C LEU A 147 -20.18 -3.81 -1.69
N GLY A 148 -20.58 -3.09 -2.74
CA GLY A 148 -20.16 -3.31 -4.11
C GLY A 148 -18.73 -2.86 -4.41
N GLY A 149 -18.23 -3.23 -5.59
CA GLY A 149 -16.82 -3.09 -5.94
C GLY A 149 -15.90 -3.95 -5.06
N THR A 150 -14.60 -3.84 -5.28
CA THR A 150 -13.61 -4.54 -4.47
C THR A 150 -12.75 -3.58 -3.67
N ILE A 151 -12.24 -4.08 -2.54
CA ILE A 151 -11.27 -3.40 -1.68
C ILE A 151 -10.09 -2.86 -2.51
N GLY A 152 -9.73 -1.61 -2.26
CA GLY A 152 -8.72 -0.88 -3.04
C GLY A 152 -9.27 -0.05 -4.20
N ASP A 153 -10.53 -0.22 -4.59
CA ASP A 153 -11.22 0.68 -5.49
C ASP A 153 -11.37 2.07 -4.90
N ILE A 154 -11.21 3.09 -5.72
CA ILE A 154 -11.45 4.48 -5.35
C ILE A 154 -12.91 4.68 -4.95
N GLU A 155 -13.85 4.09 -5.67
CA GLU A 155 -15.28 4.31 -5.44
C GLU A 155 -15.74 3.79 -4.08
N GLY A 156 -15.10 2.74 -3.56
CA GLY A 156 -15.41 2.10 -2.30
C GLY A 156 -14.74 2.73 -1.09
N MET A 157 -13.76 3.63 -1.27
CA MET A 157 -12.99 4.26 -0.19
C MET A 157 -13.85 4.98 0.85
N PRO A 158 -14.85 5.83 0.50
CA PRO A 158 -15.67 6.47 1.52
C PRO A 158 -16.55 5.50 2.31
N PHE A 159 -16.84 4.30 1.80
CA PHE A 159 -17.67 3.32 2.48
C PHE A 159 -16.85 2.39 3.37
N VAL A 160 -15.66 1.95 2.96
CA VAL A 160 -14.80 1.20 3.88
C VAL A 160 -14.34 2.07 5.05
N GLU A 161 -14.09 3.36 4.85
CA GLU A 161 -13.76 4.28 5.94
C GLU A 161 -14.94 4.54 6.85
N ALA A 162 -16.16 4.63 6.30
CA ALA A 162 -17.37 4.64 7.09
C ALA A 162 -17.49 3.38 7.95
N PHE A 163 -17.27 2.18 7.41
CA PHE A 163 -17.37 0.97 8.21
C PHE A 163 -16.22 0.78 9.20
N ARG A 164 -15.03 1.29 8.90
CA ARG A 164 -13.92 1.39 9.86
C ARG A 164 -14.29 2.20 11.08
N GLN A 165 -14.94 3.35 10.93
CA GLN A 165 -15.45 4.11 12.06
C GLN A 165 -16.65 3.43 12.72
N PHE A 166 -17.55 2.85 11.92
CA PHE A 166 -18.83 2.25 12.34
C PHE A 166 -18.67 1.05 13.26
N GLN A 167 -17.67 0.19 13.06
CA GLN A 167 -17.40 -0.95 13.94
C GLN A 167 -16.98 -0.58 15.37
N PHE A 168 -16.81 0.71 15.68
CA PHE A 168 -16.65 1.23 17.03
C PHE A 168 -17.88 1.98 17.56
N LYS A 169 -18.78 2.47 16.69
CA LYS A 169 -20.09 2.99 17.08
C LYS A 169 -21.05 1.85 17.43
N ALA A 170 -21.18 0.88 16.54
CA ALA A 170 -21.71 -0.42 16.87
C ALA A 170 -20.58 -1.18 17.56
N LYS A 171 -20.79 -1.74 18.75
CA LYS A 171 -19.72 -2.44 19.46
C LYS A 171 -19.26 -3.71 18.72
N ARG A 172 -18.14 -4.31 19.15
CA ARG A 172 -17.57 -5.56 18.62
C ARG A 172 -18.58 -6.69 18.55
N GLU A 173 -19.37 -6.87 19.61
CA GLU A 173 -20.43 -7.87 19.70
C GLU A 173 -21.68 -7.52 18.87
N ASN A 174 -21.64 -6.47 18.06
CA ASN A 174 -22.71 -6.09 17.14
C ASN A 174 -22.24 -6.01 15.68
N PHE A 175 -21.03 -5.56 15.37
CA PHE A 175 -20.54 -5.48 14.01
C PHE A 175 -19.71 -6.71 13.63
N CYS A 176 -19.86 -7.20 12.42
CA CYS A 176 -19.23 -8.40 11.90
C CYS A 176 -18.93 -8.24 10.40
N ASN A 177 -17.84 -8.82 9.92
CA ASN A 177 -17.29 -8.57 8.59
C ASN A 177 -17.09 -9.88 7.81
N ILE A 178 -17.75 -10.08 6.68
CA ILE A 178 -17.56 -11.23 5.78
C ILE A 178 -16.74 -10.75 4.58
N HIS A 179 -15.60 -11.36 4.32
CA HIS A 179 -14.83 -11.02 3.15
C HIS A 179 -14.92 -12.16 2.14
N VAL A 180 -15.45 -11.87 0.97
CA VAL A 180 -15.60 -12.81 -0.12
C VAL A 180 -14.42 -12.62 -1.05
N SER A 181 -13.69 -13.65 -1.40
CA SER A 181 -12.42 -13.56 -2.15
C SER A 181 -12.32 -14.64 -3.20
N LEU A 182 -11.55 -14.42 -4.25
CA LEU A 182 -11.24 -15.43 -5.24
C LEU A 182 -10.03 -16.26 -4.79
N VAL A 183 -10.21 -17.57 -4.76
CA VAL A 183 -9.13 -18.55 -4.71
C VAL A 183 -9.07 -19.20 -6.09
N PRO A 184 -8.22 -18.74 -7.02
CA PRO A 184 -8.12 -19.34 -8.34
C PRO A 184 -7.41 -20.68 -8.33
N GLN A 185 -7.57 -21.46 -9.39
CA GLN A 185 -6.67 -22.57 -9.70
C GLN A 185 -6.46 -22.68 -11.20
N LEU A 186 -5.24 -23.01 -11.61
CA LEU A 186 -4.84 -23.14 -13.00
C LEU A 186 -5.00 -24.59 -13.50
N SER A 187 -5.23 -24.77 -14.79
CA SER A 187 -5.60 -26.08 -15.35
C SER A 187 -4.47 -27.11 -15.31
N ALA A 188 -3.20 -26.66 -15.30
CA ALA A 188 -2.02 -27.51 -15.36
C ALA A 188 -1.71 -28.20 -14.01
N THR A 189 -1.45 -27.43 -12.96
CA THR A 189 -1.14 -27.95 -11.62
C THR A 189 -2.39 -28.37 -10.84
N GLY A 190 -3.52 -27.69 -11.04
CA GLY A 190 -4.74 -27.92 -10.27
C GLY A 190 -4.60 -27.56 -8.79
N GLU A 191 -3.78 -26.55 -8.47
CA GLU A 191 -3.56 -26.05 -7.12
C GLU A 191 -4.32 -24.74 -6.86
N GLN A 192 -5.05 -24.70 -5.74
CA GLN A 192 -5.87 -23.57 -5.31
C GLN A 192 -5.00 -22.49 -4.65
N LYS A 193 -4.95 -21.30 -5.21
CA LYS A 193 -3.97 -20.27 -4.85
C LYS A 193 -4.53 -19.26 -3.86
N THR A 194 -4.01 -19.22 -2.64
CA THR A 194 -4.45 -18.29 -1.60
C THR A 194 -3.96 -16.85 -1.75
N LYS A 195 -3.09 -16.55 -2.71
CA LYS A 195 -2.37 -15.29 -2.76
C LYS A 195 -3.23 -14.05 -2.96
N PRO A 196 -4.22 -14.03 -3.87
CA PRO A 196 -5.09 -12.88 -3.98
C PRO A 196 -5.91 -12.65 -2.71
N THR A 197 -6.30 -13.71 -1.99
CA THR A 197 -6.97 -13.57 -0.70
C THR A 197 -6.05 -12.91 0.32
N GLN A 198 -4.78 -13.33 0.40
CA GLN A 198 -3.78 -12.70 1.26
C GLN A 198 -3.64 -11.21 0.99
N ASN A 199 -3.40 -10.82 -0.26
CA ASN A 199 -3.19 -9.43 -0.64
C ASN A 199 -4.43 -8.55 -0.48
N SER A 200 -5.63 -9.06 -0.76
CA SER A 200 -6.86 -8.30 -0.53
C SER A 200 -7.19 -8.18 0.95
N VAL A 201 -6.85 -9.17 1.79
CA VAL A 201 -7.06 -9.06 3.24
C VAL A 201 -6.03 -8.11 3.86
N ARG A 202 -4.78 -8.07 3.39
CA ARG A 202 -3.82 -7.05 3.79
C ARG A 202 -4.32 -5.64 3.48
N ALA A 203 -4.83 -5.40 2.28
CA ALA A 203 -5.47 -4.15 1.89
C ALA A 203 -6.70 -3.80 2.72
N LEU A 204 -7.58 -4.76 3.04
CA LEU A 204 -8.74 -4.57 3.91
C LEU A 204 -8.32 -4.16 5.34
N ARG A 205 -7.26 -4.74 5.91
CA ARG A 205 -6.66 -4.30 7.19
C ARG A 205 -6.04 -2.92 7.15
N GLY A 206 -5.35 -2.56 6.06
CA GLY A 206 -4.87 -1.20 5.84
C GLY A 206 -6.01 -0.19 5.85
N LEU A 207 -7.06 -0.45 5.08
CA LEU A 207 -8.31 0.34 5.04
C LEU A 207 -9.08 0.32 6.36
N GLY A 208 -8.79 -0.65 7.22
CA GLY A 208 -9.05 -0.63 8.65
C GLY A 208 -10.06 -1.64 9.16
N LEU A 209 -10.60 -2.49 8.31
CA LEU A 209 -11.49 -3.60 8.64
C LEU A 209 -10.70 -4.90 8.73
N SER A 210 -11.15 -5.87 9.50
CA SER A 210 -10.49 -7.18 9.56
C SER A 210 -11.53 -8.29 9.43
N PRO A 211 -11.37 -9.28 8.54
CA PRO A 211 -12.37 -10.33 8.32
C PRO A 211 -12.73 -11.10 9.59
N ASP A 212 -13.99 -11.52 9.69
CA ASP A 212 -14.49 -12.39 10.74
C ASP A 212 -14.90 -13.78 10.21
N LEU A 213 -15.37 -13.84 8.96
CA LEU A 213 -15.33 -14.99 8.08
C LEU A 213 -14.56 -14.61 6.82
N ILE A 214 -13.92 -15.59 6.18
CA ILE A 214 -13.53 -15.52 4.77
C ILE A 214 -14.36 -16.52 3.99
N VAL A 215 -15.00 -16.09 2.92
CA VAL A 215 -15.69 -16.96 1.97
C VAL A 215 -14.87 -16.99 0.69
N CYS A 216 -14.40 -18.16 0.32
CA CYS A 216 -13.65 -18.35 -0.91
C CYS A 216 -14.59 -18.72 -2.04
N ARG A 217 -14.63 -17.93 -3.10
CA ARG A 217 -15.16 -18.34 -4.39
C ARG A 217 -14.08 -19.12 -5.13
N SER A 218 -14.35 -20.36 -5.52
CA SER A 218 -13.39 -21.21 -6.23
C SER A 218 -14.09 -22.17 -7.19
N SER A 219 -13.41 -22.70 -8.21
CA SER A 219 -14.05 -23.59 -9.19
C SER A 219 -14.34 -25.01 -8.67
N THR A 220 -13.78 -25.41 -7.54
CA THR A 220 -14.03 -26.66 -6.81
C THR A 220 -13.84 -26.39 -5.31
N PRO A 221 -14.35 -27.25 -4.40
CA PRO A 221 -14.22 -27.03 -2.97
C PRO A 221 -12.77 -26.86 -2.53
N ILE A 222 -12.48 -25.88 -1.68
CA ILE A 222 -11.13 -25.65 -1.15
C ILE A 222 -10.72 -26.78 -0.23
N GLU A 223 -9.46 -27.20 -0.30
CA GLU A 223 -8.86 -28.16 0.62
C GLU A 223 -8.46 -27.57 1.97
N MET A 224 -8.19 -28.42 2.94
CA MET A 224 -7.79 -27.98 4.29
C MET A 224 -6.43 -27.26 4.28
N ALA A 225 -5.54 -27.59 3.36
CA ALA A 225 -4.28 -26.88 3.19
C ALA A 225 -4.49 -25.42 2.77
N VAL A 226 -5.57 -25.12 2.05
CA VAL A 226 -6.02 -23.78 1.71
C VAL A 226 -6.67 -23.12 2.93
N LYS A 227 -7.56 -23.80 3.66
CA LYS A 227 -8.20 -23.25 4.85
C LYS A 227 -7.17 -22.83 5.92
N GLU A 228 -6.16 -23.66 6.15
CA GLU A 228 -5.08 -23.40 7.08
C GLU A 228 -4.13 -22.30 6.62
N LYS A 229 -3.79 -22.19 5.34
CA LYS A 229 -2.94 -21.09 4.85
C LYS A 229 -3.66 -19.75 4.87
N ILE A 230 -4.94 -19.69 4.48
CA ILE A 230 -5.74 -18.47 4.61
C ILE A 230 -5.84 -18.06 6.08
N SER A 231 -6.12 -18.99 6.99
CA SER A 231 -6.08 -18.74 8.43
C SER A 231 -4.73 -18.19 8.94
N MET A 232 -3.60 -18.66 8.41
CA MET A 232 -2.25 -18.23 8.78
C MET A 232 -1.92 -16.79 8.38
N PHE A 233 -2.48 -16.27 7.29
CA PHE A 233 -2.30 -14.88 6.87
C PHE A 233 -3.43 -13.93 7.27
N CYS A 234 -4.65 -14.42 7.43
CA CYS A 234 -5.85 -13.58 7.58
C CYS A 234 -6.41 -13.46 8.99
N HIS A 235 -5.82 -14.09 10.02
CA HIS A 235 -6.23 -13.90 11.42
C HIS A 235 -7.65 -14.39 11.72
N VAL A 236 -8.09 -15.42 11.00
CA VAL A 236 -9.34 -16.16 11.19
C VAL A 236 -8.97 -17.59 11.57
N ASN A 237 -9.81 -18.32 12.29
CA ASN A 237 -9.58 -19.74 12.54
C ASN A 237 -9.91 -20.57 11.28
N PRO A 238 -9.34 -21.77 11.05
CA PRO A 238 -9.63 -22.54 9.83
C PRO A 238 -11.11 -22.94 9.64
N GLU A 239 -11.91 -23.04 10.70
CA GLU A 239 -13.37 -23.22 10.62
C GLU A 239 -14.12 -21.97 10.16
N GLN A 240 -13.49 -20.80 10.22
CA GLN A 240 -14.00 -19.52 9.74
C GLN A 240 -13.55 -19.20 8.31
N VAL A 241 -12.93 -20.15 7.61
CA VAL A 241 -12.69 -20.10 6.16
C VAL A 241 -13.68 -21.03 5.48
N ILE A 242 -14.64 -20.46 4.75
CA ILE A 242 -15.72 -21.13 4.02
C ILE A 242 -15.32 -21.17 2.54
N CYS A 243 -15.87 -22.09 1.75
CA CYS A 243 -15.95 -21.88 0.31
C CYS A 243 -17.39 -22.01 -0.20
N ILE A 244 -17.68 -21.27 -1.26
CA ILE A 244 -18.84 -21.45 -2.11
C ILE A 244 -18.26 -21.64 -3.50
N HIS A 245 -18.03 -22.89 -3.85
CA HIS A 245 -17.64 -23.30 -5.19
C HIS A 245 -18.81 -23.18 -6.16
N ASP A 246 -18.57 -23.07 -7.47
CA ASP A 246 -19.67 -22.90 -8.42
C ASP A 246 -20.58 -24.14 -8.49
N VAL A 247 -21.89 -23.91 -8.42
CA VAL A 247 -22.90 -24.97 -8.21
C VAL A 247 -24.15 -24.80 -9.09
N SER A 248 -24.97 -25.84 -9.09
CA SER A 248 -26.20 -26.00 -9.85
C SER A 248 -27.19 -24.85 -9.74
N SER A 249 -27.33 -24.23 -8.57
CA SER A 249 -28.41 -23.29 -8.26
C SER A 249 -28.02 -22.27 -7.20
N THR A 250 -28.56 -21.07 -7.28
CA THR A 250 -28.53 -20.12 -6.16
C THR A 250 -29.31 -20.62 -4.98
N TYR A 251 -30.35 -21.42 -5.16
CA TYR A 251 -31.08 -22.04 -4.05
C TYR A 251 -30.21 -22.97 -3.20
N ARG A 252 -29.11 -23.48 -3.75
CA ARG A 252 -28.16 -24.32 -3.02
C ARG A 252 -27.17 -23.53 -2.18
N VAL A 253 -26.87 -22.26 -2.46
CA VAL A 253 -25.85 -21.50 -1.72
C VAL A 253 -26.17 -21.35 -0.22
N PRO A 254 -27.41 -21.02 0.21
CA PRO A 254 -27.75 -21.06 1.63
C PRO A 254 -27.47 -22.42 2.27
N VAL A 255 -27.73 -23.49 1.53
CA VAL A 255 -27.63 -24.87 2.00
C VAL A 255 -26.17 -25.31 2.14
N LEU A 256 -25.28 -24.85 1.26
CA LEU A 256 -23.83 -24.99 1.41
C LEU A 256 -23.28 -24.21 2.60
N LEU A 257 -23.79 -23.02 2.90
CA LEU A 257 -23.34 -22.24 4.05
C LEU A 257 -23.76 -22.87 5.39
N GLU A 258 -24.93 -23.49 5.49
CA GLU A 258 -25.33 -24.27 6.68
C GLU A 258 -24.50 -25.56 6.87
N GLU A 259 -24.10 -26.22 5.79
CA GLU A 259 -23.11 -27.30 5.83
C GLU A 259 -21.73 -26.82 6.31
N GLN A 260 -21.28 -25.64 5.86
CA GLN A 260 -20.05 -24.97 6.31
C GLN A 260 -20.17 -24.29 7.69
N SER A 261 -21.30 -24.49 8.37
CA SER A 261 -21.51 -24.18 9.80
C SER A 261 -21.51 -22.71 10.20
N ILE A 262 -21.97 -21.78 9.35
CA ILE A 262 -21.98 -20.33 9.65
C ILE A 262 -22.95 -19.93 10.76
N VAL A 263 -24.03 -20.68 10.99
CA VAL A 263 -25.03 -20.36 12.03
C VAL A 263 -24.41 -20.43 13.41
N LYS A 264 -23.63 -21.48 13.68
CA LYS A 264 -22.90 -21.64 14.92
C LYS A 264 -22.00 -20.45 15.14
N TYR A 265 -21.24 -20.03 14.12
CA TYR A 265 -20.33 -18.88 14.24
C TYR A 265 -21.06 -17.56 14.50
N PHE A 266 -22.18 -17.26 13.84
CA PHE A 266 -22.92 -16.05 14.12
C PHE A 266 -23.58 -16.04 15.50
N LYS A 267 -24.06 -17.17 16.01
CA LYS A 267 -24.53 -17.27 17.39
C LYS A 267 -23.41 -16.93 18.38
N GLU A 268 -22.19 -17.40 18.16
CA GLU A 268 -21.05 -17.07 19.02
C GLU A 268 -20.64 -15.60 18.91
N ARG A 269 -20.43 -15.12 17.69
CA ARG A 269 -19.85 -13.82 17.40
C ARG A 269 -20.80 -12.66 17.65
N LEU A 270 -22.06 -12.77 17.27
CA LEU A 270 -23.05 -11.71 17.41
C LEU A 270 -24.00 -11.93 18.59
N HIS A 271 -23.74 -12.92 19.44
CA HIS A 271 -24.52 -13.24 20.65
C HIS A 271 -26.01 -13.37 20.34
N LEU A 272 -26.34 -14.07 19.25
CA LEU A 272 -27.69 -14.02 18.68
C LEU A 272 -28.73 -14.79 19.52
N PRO A 273 -29.98 -14.32 19.60
CA PRO A 273 -31.09 -15.00 20.27
C PRO A 273 -31.48 -16.41 19.76
N ILE A 274 -30.77 -16.96 18.77
CA ILE A 274 -31.08 -18.23 18.07
C ILE A 274 -31.28 -19.40 19.03
N GLY A 275 -30.44 -19.50 20.06
CA GLY A 275 -30.28 -20.70 20.88
C GLY A 275 -29.59 -21.86 20.15
N ASP A 276 -29.14 -22.87 20.87
CA ASP A 276 -28.75 -24.14 20.23
C ASP A 276 -30.00 -24.91 19.80
N SER A 277 -30.05 -25.41 18.57
CA SER A 277 -31.23 -26.11 18.05
C SER A 277 -30.85 -27.17 17.00
N ALA A 278 -31.63 -28.25 16.95
CA ALA A 278 -31.53 -29.30 15.95
C ALA A 278 -32.16 -28.95 14.59
N SER A 279 -32.98 -27.89 14.53
CA SER A 279 -33.71 -27.49 13.33
C SER A 279 -33.85 -25.97 13.19
N ASN A 280 -33.94 -25.53 11.94
CA ASN A 280 -34.29 -24.20 11.49
C ASN A 280 -34.89 -24.32 10.08
N LEU A 281 -35.60 -23.30 9.60
CA LEU A 281 -36.44 -23.38 8.39
C LEU A 281 -35.67 -23.66 7.08
N LEU A 282 -34.35 -23.77 7.11
CA LEU A 282 -33.55 -24.10 5.93
C LEU A 282 -33.81 -25.50 5.38
N PHE A 283 -34.52 -26.38 6.09
CA PHE A 283 -35.01 -27.62 5.49
C PHE A 283 -35.99 -27.37 4.33
N LYS A 284 -36.77 -26.30 4.35
CA LYS A 284 -37.63 -25.90 3.21
C LYS A 284 -36.82 -25.42 2.00
N TRP A 285 -35.73 -24.68 2.23
CA TRP A 285 -34.73 -24.35 1.21
C TRP A 285 -33.98 -25.57 0.68
N ARG A 286 -33.62 -26.51 1.55
CA ARG A 286 -32.95 -27.75 1.16
C ARG A 286 -33.84 -28.61 0.27
N ASN A 287 -35.13 -28.71 0.57
CA ASN A 287 -36.11 -29.34 -0.30
C ASN A 287 -36.14 -28.69 -1.69
N MET A 288 -36.28 -27.37 -1.77
CA MET A 288 -36.39 -26.63 -3.03
C MET A 288 -35.16 -26.80 -3.93
N ALA A 289 -33.96 -26.79 -3.36
CA ALA A 289 -32.73 -27.04 -4.12
C ALA A 289 -32.59 -28.50 -4.59
N ASP A 290 -33.02 -29.47 -3.77
CA ASP A 290 -33.06 -30.87 -4.18
C ASP A 290 -34.21 -31.17 -5.17
N ARG A 291 -35.29 -30.39 -5.17
CA ARG A 291 -36.29 -30.38 -6.26
C ARG A 291 -35.70 -29.87 -7.56
N TYR A 292 -34.97 -28.75 -7.52
CA TYR A 292 -34.44 -28.07 -8.70
C TYR A 292 -33.47 -28.94 -9.51
N GLU A 293 -32.66 -29.76 -8.84
CA GLU A 293 -31.75 -30.73 -9.48
C GLU A 293 -32.46 -31.97 -10.07
N ARG A 294 -33.69 -32.24 -9.64
CA ARG A 294 -34.58 -33.32 -10.11
C ARG A 294 -35.57 -32.90 -11.21
N LEU A 295 -35.61 -31.61 -11.61
CA LEU A 295 -36.47 -31.16 -12.71
C LEU A 295 -36.03 -31.76 -14.06
N GLN A 296 -36.80 -32.72 -14.58
CA GLN A 296 -36.53 -33.41 -15.85
C GLN A 296 -37.51 -33.05 -16.98
N LYS A 297 -38.82 -33.00 -16.71
CA LYS A 297 -39.86 -32.59 -17.67
C LYS A 297 -39.63 -31.14 -18.11
N ILE A 298 -39.46 -30.87 -19.39
CA ILE A 298 -39.29 -29.49 -19.89
C ILE A 298 -40.64 -28.77 -20.00
N CYS A 299 -40.68 -27.49 -19.67
CA CYS A 299 -41.76 -26.57 -20.03
C CYS A 299 -41.18 -25.30 -20.67
N SER A 300 -41.44 -25.09 -21.94
CA SER A 300 -40.66 -24.19 -22.79
C SER A 300 -41.46 -22.99 -23.27
N ILE A 301 -41.02 -21.77 -22.96
CA ILE A 301 -41.80 -20.56 -23.21
C ILE A 301 -41.00 -19.53 -24.00
N ALA A 302 -41.67 -18.79 -24.88
CA ALA A 302 -41.07 -17.75 -25.71
C ALA A 302 -41.21 -16.39 -25.06
N LEU A 303 -40.10 -15.72 -24.78
CA LEU A 303 -40.08 -14.38 -24.21
C LEU A 303 -39.67 -13.39 -25.31
N VAL A 304 -40.60 -12.53 -25.69
CA VAL A 304 -40.47 -11.67 -26.86
C VAL A 304 -40.01 -10.29 -26.43
N GLY A 305 -38.71 -10.12 -26.37
CA GLY A 305 -38.09 -9.07 -25.58
C GLY A 305 -37.56 -7.90 -26.38
N LYS A 306 -37.44 -6.75 -25.74
CA LYS A 306 -37.04 -5.50 -26.40
C LYS A 306 -35.53 -5.35 -26.67
N TYR A 307 -34.70 -6.37 -26.41
CA TYR A 307 -33.24 -6.24 -26.35
C TYR A 307 -32.49 -7.30 -27.17
N THR A 308 -31.28 -6.98 -27.63
CA THR A 308 -30.48 -7.84 -28.53
C THR A 308 -29.98 -9.14 -27.88
N LYS A 309 -29.76 -9.16 -26.57
CA LYS A 309 -29.39 -10.35 -25.77
C LYS A 309 -29.73 -10.13 -24.29
N LEU A 310 -30.06 -11.21 -23.57
CA LEU A 310 -30.11 -11.26 -22.11
C LEU A 310 -28.71 -11.25 -21.46
N ARG A 311 -28.39 -10.17 -20.74
CA ARG A 311 -27.45 -10.23 -19.61
C ARG A 311 -28.29 -10.38 -18.35
N ASP A 312 -29.17 -9.40 -18.11
CA ASP A 312 -30.08 -9.33 -16.96
C ASP A 312 -31.34 -8.46 -17.22
N CYS A 313 -31.69 -8.15 -18.47
CA CYS A 313 -32.76 -7.20 -18.82
C CYS A 313 -34.16 -7.61 -18.33
N TYR A 314 -34.33 -8.90 -18.08
CA TYR A 314 -35.55 -9.57 -17.66
C TYR A 314 -35.26 -10.48 -16.46
N ALA A 315 -34.25 -10.14 -15.64
CA ALA A 315 -33.75 -10.97 -14.54
C ALA A 315 -34.81 -11.44 -13.55
N SER A 316 -35.77 -10.61 -13.16
CA SER A 316 -36.84 -11.04 -12.26
C SER A 316 -38.01 -11.68 -13.00
N VAL A 317 -38.22 -11.34 -14.28
CA VAL A 317 -39.19 -12.02 -15.15
C VAL A 317 -38.82 -13.50 -15.32
N PHE A 318 -37.54 -13.76 -15.53
CA PHE A 318 -36.95 -15.08 -15.57
C PHE A 318 -37.11 -15.76 -14.21
N LYS A 319 -36.76 -15.11 -13.09
CA LYS A 319 -36.92 -15.71 -11.76
C LYS A 319 -38.37 -16.02 -11.42
N ALA A 320 -39.35 -15.20 -11.79
CA ALA A 320 -40.77 -15.51 -11.61
C ALA A 320 -41.26 -16.73 -12.41
N LEU A 321 -40.74 -16.93 -13.63
CA LEU A 321 -40.96 -18.15 -14.40
C LEU A 321 -40.29 -19.36 -13.75
N GLU A 322 -39.06 -19.24 -13.23
CA GLU A 322 -38.39 -20.31 -12.49
C GLU A 322 -39.14 -20.70 -11.21
N HIS A 323 -39.60 -19.75 -10.40
CA HIS A 323 -40.37 -20.07 -9.20
C HIS A 323 -41.62 -20.87 -9.57
N SER A 324 -42.28 -20.45 -10.64
CA SER A 324 -43.48 -21.09 -11.17
C SER A 324 -43.20 -22.48 -11.73
N ALA A 325 -42.11 -22.68 -12.46
CA ALA A 325 -41.73 -23.97 -12.99
C ALA A 325 -41.29 -24.96 -11.90
N LEU A 326 -40.57 -24.50 -10.88
CA LEU A 326 -40.24 -25.30 -9.68
C LEU A 326 -41.52 -25.75 -8.97
N ALA A 327 -42.45 -24.83 -8.75
CA ALA A 327 -43.74 -25.09 -8.11
C ALA A 327 -44.63 -26.07 -8.91
N ILE A 328 -44.37 -26.20 -10.20
CA ILE A 328 -45.07 -27.06 -11.16
C ILE A 328 -44.23 -28.28 -11.55
N ASN A 329 -43.07 -28.47 -10.91
CA ASN A 329 -42.10 -29.55 -11.09
C ASN A 329 -41.70 -29.76 -12.57
N HIS A 330 -41.40 -28.68 -13.29
CA HIS A 330 -40.86 -28.67 -14.64
C HIS A 330 -39.56 -27.86 -14.70
N LYS A 331 -38.62 -28.23 -15.55
CA LYS A 331 -37.48 -27.37 -15.87
C LYS A 331 -37.93 -26.33 -16.88
N LEU A 332 -37.83 -25.05 -16.53
CA LEU A 332 -38.10 -23.97 -17.46
C LEU A 332 -37.08 -23.99 -18.58
N ASN A 333 -37.53 -23.87 -19.82
CA ASN A 333 -36.68 -23.50 -20.94
C ASN A 333 -37.14 -22.14 -21.45
N LEU A 334 -36.28 -21.13 -21.35
CA LEU A 334 -36.60 -19.76 -21.75
C LEU A 334 -36.04 -19.47 -23.14
N MET A 335 -36.89 -19.59 -24.14
CA MET A 335 -36.57 -19.26 -25.52
C MET A 335 -36.68 -17.75 -25.69
N TYR A 336 -35.56 -17.05 -25.53
CA TYR A 336 -35.54 -15.60 -25.70
C TYR A 336 -35.56 -15.22 -27.17
N ILE A 337 -36.44 -14.32 -27.56
CA ILE A 337 -36.50 -13.77 -28.90
C ILE A 337 -36.26 -12.27 -28.80
N ASP A 338 -35.19 -11.78 -29.42
CA ASP A 338 -35.01 -10.36 -29.71
C ASP A 338 -36.12 -9.94 -30.68
N SER A 339 -37.15 -9.25 -30.17
CA SER A 339 -38.45 -9.04 -30.82
C SER A 339 -38.40 -8.54 -32.26
N ILE A 340 -37.45 -7.65 -32.58
CA ILE A 340 -37.23 -7.11 -33.93
C ILE A 340 -37.00 -8.22 -34.97
N ASP A 341 -36.42 -9.35 -34.59
CA ASP A 341 -36.14 -10.48 -35.50
C ASP A 341 -37.39 -11.26 -35.92
N LEU A 342 -38.58 -10.99 -35.34
CA LEU A 342 -39.86 -11.46 -35.86
C LEU A 342 -40.45 -10.56 -36.95
N GLU A 343 -40.02 -9.30 -37.08
CA GLU A 343 -40.58 -8.36 -38.06
C GLU A 343 -40.35 -8.82 -39.51
N LYS A 344 -41.42 -8.88 -40.31
CA LYS A 344 -41.42 -9.16 -41.77
C LYS A 344 -40.42 -8.30 -42.56
N ILE A 345 -40.14 -7.09 -42.09
CA ILE A 345 -39.15 -6.15 -42.62
C ILE A 345 -37.72 -6.76 -42.62
N THR A 346 -37.30 -7.43 -41.55
CA THR A 346 -35.91 -7.93 -41.41
C THR A 346 -35.52 -9.00 -42.44
N GLU A 347 -36.47 -9.76 -42.99
CA GLU A 347 -36.20 -10.78 -44.00
C GLU A 347 -35.57 -10.21 -45.30
N THR A 348 -35.72 -8.90 -45.54
CA THR A 348 -35.09 -8.16 -46.64
C THR A 348 -33.60 -7.84 -46.40
N GLU A 349 -33.05 -8.17 -45.23
CA GLU A 349 -31.69 -7.78 -44.81
C GLU A 349 -30.94 -8.87 -44.03
N ASP A 350 -31.61 -9.69 -43.23
CA ASP A 350 -31.06 -10.85 -42.52
C ASP A 350 -32.09 -11.99 -42.38
N PRO A 351 -32.43 -12.70 -43.47
CA PRO A 351 -33.44 -13.76 -43.47
C PRO A 351 -33.09 -14.95 -42.58
N VAL A 352 -31.80 -15.26 -42.37
CA VAL A 352 -31.37 -16.33 -41.46
C VAL A 352 -31.85 -16.06 -40.03
N LYS A 353 -31.67 -14.83 -39.50
CA LYS A 353 -32.17 -14.45 -38.17
C LYS A 353 -33.69 -14.40 -38.09
N PHE A 354 -34.36 -14.01 -39.17
CA PHE A 354 -35.83 -14.00 -39.26
C PHE A 354 -36.44 -15.41 -39.16
N HIS A 355 -35.94 -16.37 -39.92
CA HIS A 355 -36.45 -17.74 -39.82
C HIS A 355 -36.10 -18.38 -38.47
N GLU A 356 -34.94 -18.07 -37.91
CA GLU A 356 -34.50 -18.55 -36.59
C GLU A 356 -35.41 -18.10 -35.46
N ALA A 357 -35.81 -16.83 -35.44
CA ALA A 357 -36.77 -16.29 -34.48
C ALA A 357 -38.14 -16.95 -34.57
N TRP A 358 -38.67 -17.17 -35.77
CA TRP A 358 -39.97 -17.81 -35.96
C TRP A 358 -39.96 -19.30 -35.64
N GLN A 359 -38.88 -20.02 -35.91
CA GLN A 359 -38.73 -21.40 -35.46
C GLN A 359 -38.80 -21.47 -33.92
N LYS A 360 -38.04 -20.63 -33.21
CA LYS A 360 -38.08 -20.56 -31.74
C LYS A 360 -39.48 -20.20 -31.21
N LEU A 361 -40.18 -19.27 -31.81
CA LEU A 361 -41.56 -18.94 -31.44
C LEU A 361 -42.52 -20.12 -31.69
N CYS A 362 -42.36 -20.85 -32.78
CA CYS A 362 -43.20 -22.01 -33.10
C CYS A 362 -43.01 -23.20 -32.15
N LYS A 363 -41.85 -23.33 -31.47
CA LYS A 363 -41.62 -24.35 -30.42
C LYS A 363 -42.50 -24.17 -29.17
N ALA A 364 -42.97 -22.95 -28.91
CA ALA A 364 -43.48 -22.51 -27.61
C ALA A 364 -44.63 -23.34 -27.02
N ASP A 365 -44.54 -23.67 -25.74
CA ASP A 365 -45.64 -24.14 -24.89
C ASP A 365 -46.46 -22.99 -24.31
N GLY A 366 -45.88 -21.78 -24.27
CA GLY A 366 -46.50 -20.52 -23.86
C GLY A 366 -45.70 -19.32 -24.33
N ILE A 367 -46.32 -18.14 -24.41
CA ILE A 367 -45.69 -16.87 -24.81
C ILE A 367 -45.78 -15.82 -23.69
N LEU A 368 -44.67 -15.15 -23.42
CA LEU A 368 -44.56 -14.03 -22.49
C LEU A 368 -44.10 -12.79 -23.23
N VAL A 369 -44.92 -11.75 -23.25
CA VAL A 369 -44.51 -10.46 -23.78
C VAL A 369 -44.31 -9.52 -22.60
N PRO A 370 -43.05 -9.26 -22.20
CA PRO A 370 -42.76 -8.45 -21.04
C PRO A 370 -42.84 -6.96 -21.36
N GLY A 371 -42.83 -6.17 -20.29
CA GLY A 371 -42.90 -4.72 -20.34
C GLY A 371 -41.69 -4.04 -21.00
N GLY A 372 -41.83 -2.73 -21.20
CA GLY A 372 -40.83 -1.89 -21.82
C GLY A 372 -41.42 -0.55 -22.24
N PHE A 373 -40.64 0.25 -22.95
CA PHE A 373 -41.01 1.55 -23.49
C PHE A 373 -40.43 1.76 -24.90
N GLY A 374 -41.06 2.59 -25.71
CA GLY A 374 -40.59 3.01 -27.03
C GLY A 374 -41.13 2.22 -28.22
N ILE A 375 -40.82 2.70 -29.43
CA ILE A 375 -41.25 2.08 -30.70
C ILE A 375 -40.60 0.71 -30.88
N ARG A 376 -39.34 0.56 -30.48
CA ARG A 376 -38.46 -0.57 -30.78
C ARG A 376 -39.10 -1.90 -30.36
N GLY A 377 -39.12 -2.87 -31.27
CA GLY A 377 -39.61 -4.22 -31.00
C GLY A 377 -41.12 -4.36 -30.91
N THR A 378 -41.89 -3.27 -30.87
CA THR A 378 -43.35 -3.32 -30.77
C THR A 378 -43.99 -4.07 -31.93
N LEU A 379 -43.54 -3.85 -33.17
CA LEU A 379 -44.11 -4.54 -34.33
C LEU A 379 -43.84 -6.05 -34.24
N GLY A 380 -42.67 -6.45 -33.77
CA GLY A 380 -42.32 -7.86 -33.57
C GLY A 380 -43.08 -8.54 -32.43
N LYS A 381 -43.24 -7.85 -31.29
CA LYS A 381 -44.15 -8.21 -30.21
C LYS A 381 -45.57 -8.41 -30.73
N LEU A 382 -46.11 -7.49 -31.52
CA LEU A 382 -47.46 -7.64 -32.08
C LEU A 382 -47.63 -8.92 -32.92
N GLN A 383 -46.61 -9.26 -33.73
CA GLN A 383 -46.65 -10.48 -34.54
C GLN A 383 -46.67 -11.73 -33.63
N ALA A 384 -45.91 -11.73 -32.54
CA ALA A 384 -45.96 -12.82 -31.57
C ALA A 384 -47.25 -12.89 -30.76
N ILE A 385 -47.88 -11.77 -30.43
CA ILE A 385 -49.14 -11.77 -29.67
C ILE A 385 -50.25 -12.36 -30.55
N SER A 386 -50.32 -11.90 -31.79
CA SER A 386 -51.26 -12.40 -32.80
C SER A 386 -51.01 -13.86 -33.18
N TRP A 387 -49.75 -14.32 -33.22
CA TRP A 387 -49.44 -15.75 -33.28
C TRP A 387 -50.01 -16.50 -32.09
N ALA A 388 -49.81 -15.98 -30.86
CA ALA A 388 -50.28 -16.61 -29.64
C ALA A 388 -51.81 -16.76 -29.63
N ARG A 389 -52.55 -15.72 -30.04
CA ARG A 389 -54.01 -15.70 -30.13
C ARG A 389 -54.54 -16.61 -31.23
N THR A 390 -54.03 -16.50 -32.46
CA THR A 390 -54.51 -17.29 -33.60
C THR A 390 -54.14 -18.76 -33.48
N LYS A 391 -52.92 -19.09 -33.08
CA LYS A 391 -52.44 -20.48 -32.92
C LYS A 391 -52.74 -21.11 -31.54
N LYS A 392 -53.62 -20.49 -30.75
CA LYS A 392 -54.21 -21.01 -29.48
C LYS A 392 -53.20 -21.31 -28.35
N ILE A 393 -52.07 -20.58 -28.33
CA ILE A 393 -50.94 -20.74 -27.37
C ILE A 393 -51.22 -19.97 -26.06
N PRO A 394 -50.95 -20.52 -24.86
CA PRO A 394 -51.03 -19.78 -23.61
C PRO A 394 -50.22 -18.47 -23.59
N PHE A 395 -50.74 -17.42 -22.97
CA PHE A 395 -50.17 -16.08 -23.11
C PHE A 395 -50.25 -15.22 -21.85
N LEU A 396 -49.12 -14.59 -21.50
CA LEU A 396 -49.05 -13.52 -20.52
C LEU A 396 -48.44 -12.26 -21.15
N GLY A 397 -49.16 -11.15 -21.09
CA GLY A 397 -48.68 -9.83 -21.46
C GLY A 397 -48.48 -8.96 -20.24
N VAL A 398 -47.28 -8.46 -20.02
CA VAL A 398 -46.95 -7.61 -18.88
C VAL A 398 -46.69 -6.18 -19.33
N CYS A 399 -47.39 -5.23 -18.74
CA CYS A 399 -47.31 -3.80 -19.01
C CYS A 399 -47.42 -3.48 -20.52
N LEU A 400 -46.32 -3.24 -21.23
CA LEU A 400 -46.36 -3.06 -22.68
C LEU A 400 -47.02 -4.26 -23.40
N GLY A 401 -46.74 -5.49 -23.00
CA GLY A 401 -47.37 -6.67 -23.62
C GLY A 401 -48.89 -6.73 -23.45
N MET A 402 -49.43 -6.04 -22.44
CA MET A 402 -50.86 -5.87 -22.20
C MET A 402 -51.44 -4.76 -23.07
N GLN A 403 -50.74 -3.63 -23.17
CA GLN A 403 -51.15 -2.52 -24.02
C GLN A 403 -51.20 -2.96 -25.49
N LEU A 404 -50.18 -3.67 -25.97
CA LEU A 404 -50.17 -4.28 -27.29
C LEU A 404 -51.27 -5.34 -27.46
N ALA A 405 -51.63 -6.08 -26.42
CA ALA A 405 -52.72 -7.06 -26.48
C ALA A 405 -54.12 -6.42 -26.48
N VAL A 406 -54.30 -5.18 -26.00
CA VAL A 406 -55.53 -4.40 -26.24
C VAL A 406 -55.52 -3.87 -27.67
N ILE A 407 -54.39 -3.33 -28.12
CA ILE A 407 -54.21 -2.78 -29.47
C ILE A 407 -54.49 -3.83 -30.54
N GLU A 408 -53.86 -5.00 -30.49
CA GLU A 408 -54.02 -5.97 -31.57
C GLU A 408 -55.41 -6.58 -31.62
N PHE A 409 -56.12 -6.68 -30.49
CA PHE A 409 -57.51 -7.12 -30.48
C PHE A 409 -58.43 -6.06 -31.11
N ALA A 410 -58.18 -4.77 -30.91
CA ALA A 410 -58.88 -3.73 -31.66
C ALA A 410 -58.56 -3.80 -33.16
N ARG A 411 -57.27 -3.87 -33.54
CA ARG A 411 -56.83 -3.95 -34.94
C ARG A 411 -57.39 -5.18 -35.67
N ASN A 412 -57.14 -6.37 -35.15
CA ASN A 412 -57.42 -7.65 -35.80
C ASN A 412 -58.79 -8.27 -35.44
N CYS A 413 -59.42 -7.94 -34.32
CA CYS A 413 -60.69 -8.57 -33.91
C CYS A 413 -61.92 -7.65 -33.88
N LEU A 414 -61.76 -6.33 -33.75
CA LEU A 414 -62.83 -5.35 -33.95
C LEU A 414 -62.76 -4.64 -35.30
N ASN A 415 -61.71 -4.89 -36.09
CA ASN A 415 -61.37 -4.22 -37.35
C ASN A 415 -61.29 -2.68 -37.23
N LEU A 416 -60.79 -2.19 -36.10
CA LEU A 416 -60.47 -0.79 -35.83
C LEU A 416 -59.00 -0.52 -36.19
N LYS A 417 -58.56 -0.86 -37.41
CA LYS A 417 -57.13 -0.98 -37.75
C LYS A 417 -56.33 0.32 -37.80
N ASP A 418 -56.98 1.47 -37.73
CA ASP A 418 -56.32 2.76 -37.46
C ASP A 418 -55.96 2.97 -35.96
N ALA A 419 -56.34 2.05 -35.06
CA ALA A 419 -56.01 2.08 -33.64
C ALA A 419 -54.53 1.80 -33.34
N ASP A 420 -53.96 2.66 -32.51
CA ASP A 420 -52.55 2.64 -32.15
C ASP A 420 -52.33 3.29 -30.77
N SER A 421 -51.10 3.20 -30.28
CA SER A 421 -50.62 3.81 -29.04
C SER A 421 -50.54 5.35 -29.10
N THR A 422 -49.95 5.97 -28.08
CA THR A 422 -49.58 7.38 -28.02
C THR A 422 -48.09 7.55 -27.70
N GLU A 423 -47.40 6.57 -27.10
CA GLU A 423 -45.94 6.63 -26.93
C GLU A 423 -45.22 6.43 -28.28
N PHE A 424 -45.79 5.53 -29.09
CA PHE A 424 -45.50 5.30 -30.50
C PHE A 424 -46.71 5.79 -31.30
N ARG A 425 -46.47 6.49 -32.42
CA ARG A 425 -47.44 7.29 -33.19
C ARG A 425 -48.32 8.24 -32.35
N PRO A 426 -47.76 9.29 -31.73
CA PRO A 426 -48.47 10.19 -30.81
C PRO A 426 -49.63 10.98 -31.43
N ASN A 427 -49.71 11.05 -32.76
CA ASN A 427 -50.74 11.69 -33.56
C ASN A 427 -51.92 10.75 -33.93
N ALA A 428 -52.07 9.59 -33.29
CA ALA A 428 -52.95 8.50 -33.78
C ALA A 428 -54.39 8.95 -34.11
N PRO A 429 -55.00 8.49 -35.23
CA PRO A 429 -56.39 8.79 -35.59
C PRO A 429 -57.42 8.35 -34.55
N VAL A 430 -57.24 7.20 -33.91
CA VAL A 430 -58.04 6.72 -32.77
C VAL A 430 -57.12 6.18 -31.67
N PRO A 431 -56.71 7.01 -30.69
CA PRO A 431 -55.66 6.67 -29.74
C PRO A 431 -56.21 5.74 -28.65
N LEU A 432 -56.01 4.44 -28.84
CA LEU A 432 -56.54 3.38 -27.99
C LEU A 432 -55.71 3.13 -26.73
N VAL A 433 -54.41 3.41 -26.79
CA VAL A 433 -53.54 3.48 -25.61
C VAL A 433 -53.00 4.90 -25.50
N ILE A 434 -53.14 5.53 -24.34
CA ILE A 434 -52.91 6.96 -24.10
C ILE A 434 -52.00 7.24 -22.92
N ASP A 435 -51.28 8.35 -22.98
CA ASP A 435 -50.56 8.94 -21.84
C ASP A 435 -51.59 9.37 -20.77
N MET A 436 -51.49 8.86 -19.55
CA MET A 436 -52.41 9.20 -18.45
C MET A 436 -51.69 9.21 -17.08
N PRO A 437 -50.75 10.14 -16.87
CA PRO A 437 -49.90 10.15 -15.68
C PRO A 437 -50.67 10.41 -14.39
N GLU A 438 -50.15 9.92 -13.25
CA GLU A 438 -50.70 10.20 -11.93
C GLU A 438 -50.41 11.65 -11.52
N HIS A 439 -51.42 12.29 -10.95
CA HIS A 439 -51.37 13.68 -10.49
C HIS A 439 -51.98 13.82 -9.10
N ASN A 440 -51.30 14.57 -8.23
CA ASN A 440 -51.60 14.71 -6.80
C ASN A 440 -51.29 16.15 -6.31
N PRO A 441 -51.93 16.63 -5.23
CA PRO A 441 -51.38 17.71 -4.40
C PRO A 441 -49.93 17.44 -3.98
N GLY A 442 -49.14 18.50 -3.84
CA GLY A 442 -47.73 18.43 -3.41
C GLY A 442 -46.75 17.85 -4.42
N ASN A 443 -47.15 17.69 -5.69
CA ASN A 443 -46.32 17.25 -6.81
C ASN A 443 -46.45 18.24 -7.99
N LEU A 444 -45.39 18.46 -8.76
CA LEU A 444 -45.40 19.34 -9.94
C LEU A 444 -45.62 18.55 -11.24
N GLY A 445 -46.71 18.86 -11.95
CA GLY A 445 -47.12 18.19 -13.19
C GLY A 445 -47.57 16.73 -13.00
N GLY A 446 -47.72 16.01 -14.10
CA GLY A 446 -48.01 14.57 -14.13
C GLY A 446 -46.76 13.69 -13.96
N THR A 447 -46.93 12.54 -13.29
CA THR A 447 -45.86 11.63 -12.83
C THR A 447 -46.21 10.17 -13.13
N MET A 448 -45.24 9.25 -13.13
CA MET A 448 -45.51 7.83 -13.42
C MET A 448 -46.40 7.16 -12.37
N ARG A 449 -47.25 6.22 -12.82
CA ARG A 449 -47.89 5.22 -11.96
C ARG A 449 -46.80 4.22 -11.59
N LEU A 450 -46.28 4.36 -10.38
CA LEU A 450 -45.00 3.85 -9.96
C LEU A 450 -45.08 3.32 -8.53
N GLY A 451 -44.75 2.05 -8.32
CA GLY A 451 -44.88 1.38 -7.02
C GLY A 451 -46.23 0.69 -6.81
N ILE A 452 -46.56 0.34 -5.57
CA ILE A 452 -47.71 -0.50 -5.25
C ILE A 452 -49.03 0.27 -5.27
N ARG A 453 -50.02 -0.31 -5.95
CA ARG A 453 -51.36 0.26 -6.16
C ARG A 453 -52.38 -0.87 -6.01
N ARG A 454 -53.56 -0.60 -5.46
CA ARG A 454 -54.66 -1.58 -5.39
C ARG A 454 -55.37 -1.67 -6.74
N THR A 455 -55.42 -2.87 -7.32
CA THR A 455 -56.18 -3.22 -8.52
C THR A 455 -57.33 -4.14 -8.14
N VAL A 456 -58.56 -3.77 -8.47
CA VAL A 456 -59.80 -4.39 -8.00
C VAL A 456 -60.43 -5.23 -9.10
N PHE A 457 -60.85 -6.45 -8.80
CA PHE A 457 -61.53 -7.29 -9.77
C PHE A 457 -62.95 -6.84 -10.07
N LYS A 458 -63.31 -6.78 -11.35
CA LYS A 458 -64.64 -6.41 -11.85
C LYS A 458 -65.68 -7.53 -11.76
N THR A 459 -65.22 -8.78 -11.74
CA THR A 459 -66.06 -9.98 -11.88
C THR A 459 -65.45 -11.15 -11.12
N GLU A 460 -66.28 -12.09 -10.69
CA GLU A 460 -65.83 -13.39 -10.17
C GLU A 460 -65.37 -14.33 -11.31
N ASN A 461 -65.76 -14.06 -12.56
CA ASN A 461 -65.47 -14.87 -13.74
C ASN A 461 -64.08 -14.57 -14.35
N SER A 462 -63.04 -14.65 -13.55
CA SER A 462 -61.64 -14.43 -13.94
C SER A 462 -60.74 -15.56 -13.50
N ILE A 463 -59.90 -16.05 -14.41
CA ILE A 463 -58.87 -17.03 -14.07
C ILE A 463 -57.84 -16.41 -13.12
N LEU A 464 -57.43 -15.15 -13.33
CA LEU A 464 -56.51 -14.49 -12.40
C LEU A 464 -57.13 -14.37 -11.01
N ARG A 465 -58.40 -14.00 -10.86
CA ARG A 465 -59.05 -14.00 -9.54
C ARG A 465 -58.98 -15.37 -8.86
N LYS A 466 -59.18 -16.46 -9.60
CA LYS A 466 -59.00 -17.82 -9.06
C LYS A 466 -57.56 -18.09 -8.66
N LEU A 467 -56.58 -17.78 -9.50
CA LEU A 467 -55.16 -17.96 -9.17
C LEU A 467 -54.72 -17.10 -7.99
N TYR A 468 -55.25 -15.89 -7.80
CA TYR A 468 -55.06 -15.04 -6.62
C TYR A 468 -55.85 -15.46 -5.37
N GLY A 469 -56.46 -16.64 -5.32
CA GLY A 469 -57.13 -17.15 -4.12
C GLY A 469 -58.56 -16.66 -3.89
N ASP A 470 -59.24 -16.22 -4.94
CA ASP A 470 -60.62 -15.76 -4.91
C ASP A 470 -60.83 -14.49 -4.06
N VAL A 471 -59.78 -13.68 -3.91
CA VAL A 471 -59.72 -12.43 -3.13
C VAL A 471 -60.39 -11.26 -3.90
N PRO A 472 -61.04 -10.27 -3.25
CA PRO A 472 -61.72 -9.14 -3.93
C PRO A 472 -60.84 -8.20 -4.75
N PHE A 473 -59.56 -8.07 -4.40
CA PHE A 473 -58.59 -7.15 -5.00
C PHE A 473 -57.17 -7.65 -4.75
N ILE A 474 -56.21 -7.07 -5.44
CA ILE A 474 -54.79 -7.35 -5.27
C ILE A 474 -54.02 -6.05 -5.17
N GLU A 475 -52.91 -6.06 -4.46
CA GLU A 475 -51.90 -4.99 -4.50
C GLU A 475 -50.68 -5.47 -5.24
N GLU A 476 -50.27 -4.76 -6.28
CA GLU A 476 -49.18 -5.13 -7.18
C GLU A 476 -48.44 -3.89 -7.65
N ARG A 477 -47.22 -4.06 -8.16
CA ARG A 477 -46.32 -2.95 -8.50
C ARG A 477 -46.43 -2.53 -9.95
N HIS A 478 -46.48 -1.23 -10.20
CA HIS A 478 -46.67 -0.60 -11.50
C HIS A 478 -45.46 0.25 -11.86
N ARG A 479 -45.16 0.43 -13.16
CA ARG A 479 -44.15 1.36 -13.69
C ARG A 479 -44.48 1.74 -15.13
N HIS A 480 -45.38 2.70 -15.31
CA HIS A 480 -45.78 3.23 -16.62
C HIS A 480 -46.45 4.61 -16.53
N ARG A 481 -46.43 5.35 -17.65
CA ARG A 481 -47.25 6.54 -17.90
C ARG A 481 -48.57 6.20 -18.61
N PHE A 482 -48.53 5.22 -19.49
CA PHE A 482 -49.56 4.92 -20.47
C PHE A 482 -50.60 3.94 -19.95
N GLU A 483 -51.79 3.95 -20.55
CA GLU A 483 -52.99 3.20 -20.17
C GLU A 483 -53.85 2.94 -21.40
N VAL A 484 -54.74 1.96 -21.40
CA VAL A 484 -55.85 1.93 -22.37
C VAL A 484 -56.76 3.15 -22.16
N ASN A 485 -57.16 3.78 -23.27
CA ASN A 485 -58.10 4.88 -23.34
C ASN A 485 -59.43 4.48 -22.70
N PRO A 486 -59.86 5.10 -21.59
CA PRO A 486 -61.10 4.77 -20.90
C PRO A 486 -62.37 5.01 -21.72
N ASN A 487 -62.33 5.93 -22.69
CA ASN A 487 -63.47 6.24 -23.54
C ASN A 487 -63.68 5.18 -24.64
N LEU A 488 -62.62 4.52 -25.10
CA LEU A 488 -62.69 3.46 -26.12
C LEU A 488 -62.98 2.07 -25.55
N ILE A 489 -63.22 1.93 -24.23
CA ILE A 489 -63.55 0.64 -23.60
C ILE A 489 -64.87 0.08 -24.12
N LYS A 490 -65.83 0.92 -24.55
CA LYS A 490 -67.14 0.49 -25.04
C LYS A 490 -67.05 -0.44 -26.25
N GLN A 491 -66.09 -0.21 -27.15
CA GLN A 491 -65.89 -1.02 -28.35
C GLN A 491 -65.58 -2.49 -28.03
N PHE A 492 -65.14 -2.82 -26.81
CA PHE A 492 -64.83 -4.19 -26.42
C PHE A 492 -66.03 -5.01 -25.91
N GLU A 493 -67.08 -4.40 -25.33
CA GLU A 493 -68.08 -5.15 -24.55
C GLU A 493 -68.90 -6.19 -25.33
N GLN A 494 -69.01 -6.08 -26.65
CA GLN A 494 -69.65 -7.08 -27.51
C GLN A 494 -68.79 -8.34 -27.74
N ASN A 495 -67.47 -8.27 -27.54
CA ASN A 495 -66.50 -9.21 -28.13
C ASN A 495 -65.55 -9.84 -27.10
N ASP A 496 -64.64 -10.69 -27.54
CA ASP A 496 -64.06 -11.76 -26.72
C ASP A 496 -63.07 -11.28 -25.64
N LEU A 497 -62.40 -10.15 -25.85
CA LEU A 497 -61.48 -9.58 -24.88
C LEU A 497 -62.26 -8.82 -23.80
N SER A 498 -62.25 -9.37 -22.59
CA SER A 498 -62.80 -8.73 -21.40
C SER A 498 -61.74 -7.90 -20.66
N PHE A 499 -62.17 -6.89 -19.93
CA PHE A 499 -61.40 -6.27 -18.85
C PHE A 499 -61.92 -6.81 -17.51
N VAL A 500 -61.02 -7.28 -16.65
CA VAL A 500 -61.36 -7.92 -15.38
C VAL A 500 -60.76 -7.25 -14.15
N GLY A 501 -59.82 -6.32 -14.32
CA GLY A 501 -59.22 -5.56 -13.22
C GLY A 501 -59.19 -4.08 -13.50
N GLN A 502 -59.42 -3.28 -12.48
CA GLN A 502 -59.62 -1.84 -12.59
C GLN A 502 -58.97 -1.10 -11.41
N ASP A 503 -58.52 0.13 -11.59
CA ASP A 503 -58.03 0.93 -10.47
C ASP A 503 -59.16 1.28 -9.47
N VAL A 504 -58.82 1.55 -8.22
CA VAL A 504 -59.76 2.02 -7.19
C VAL A 504 -60.41 3.34 -7.53
N ASP A 505 -59.78 4.22 -8.34
CA ASP A 505 -60.44 5.44 -8.84
C ASP A 505 -61.41 5.18 -10.00
N GLY A 506 -61.38 3.97 -10.55
CA GLY A 506 -62.10 3.56 -11.75
C GLY A 506 -61.47 4.00 -13.07
N ASP A 507 -60.56 4.97 -13.04
CA ASP A 507 -60.01 5.70 -14.19
C ASP A 507 -59.20 4.83 -15.17
N ARG A 508 -58.71 3.67 -14.74
CA ARG A 508 -57.72 2.86 -15.45
C ARG A 508 -58.14 1.40 -15.44
N MET A 509 -58.08 0.71 -16.58
CA MET A 509 -58.28 -0.74 -16.69
C MET A 509 -56.94 -1.45 -16.73
N GLU A 510 -56.78 -2.44 -15.85
CA GLU A 510 -55.46 -2.92 -15.42
C GLU A 510 -55.24 -4.42 -15.60
N ILE A 511 -56.28 -5.18 -15.89
CA ILE A 511 -56.18 -6.61 -16.26
C ILE A 511 -57.18 -6.91 -17.40
N ILE A 512 -56.76 -7.65 -18.42
CA ILE A 512 -57.59 -8.18 -19.51
C ILE A 512 -57.54 -9.70 -19.54
N GLU A 513 -58.63 -10.36 -19.91
CA GLU A 513 -58.65 -11.79 -20.24
C GLU A 513 -59.42 -12.06 -21.54
N LEU A 514 -58.82 -12.83 -22.45
CA LEU A 514 -59.44 -13.26 -23.69
C LEU A 514 -60.19 -14.58 -23.49
N ALA A 515 -61.50 -14.57 -23.75
CA ALA A 515 -62.33 -15.77 -23.66
C ALA A 515 -61.99 -16.81 -24.76
N ASN A 516 -62.53 -18.02 -24.61
CA ASN A 516 -62.44 -19.10 -25.61
C ASN A 516 -60.99 -19.47 -25.96
N HIS A 517 -60.10 -19.44 -24.96
CA HIS A 517 -58.66 -19.66 -25.08
C HIS A 517 -58.15 -20.38 -23.81
N PRO A 518 -57.12 -21.24 -23.87
CA PRO A 518 -56.62 -21.95 -22.69
C PRO A 518 -56.26 -21.01 -21.55
N TYR A 519 -55.48 -19.98 -21.83
CA TYR A 519 -55.11 -18.91 -20.91
C TYR A 519 -54.50 -17.76 -21.71
N PHE A 520 -55.13 -16.59 -21.73
CA PHE A 520 -54.60 -15.41 -22.38
C PHE A 520 -55.03 -14.21 -21.57
N VAL A 521 -54.05 -13.58 -20.95
CA VAL A 521 -54.24 -12.52 -19.97
C VAL A 521 -53.16 -11.48 -20.14
N GLY A 522 -53.49 -10.24 -19.85
CA GLY A 522 -52.53 -9.17 -19.72
C GLY A 522 -52.79 -8.38 -18.46
N VAL A 523 -51.73 -7.89 -17.84
CA VAL A 523 -51.73 -7.10 -16.62
C VAL A 523 -50.92 -5.83 -16.81
N GLN A 524 -51.33 -4.71 -16.22
CA GLN A 524 -50.53 -3.47 -16.26
C GLN A 524 -49.39 -3.46 -15.23
N PHE A 525 -49.61 -4.03 -14.04
CA PHE A 525 -48.56 -4.27 -13.05
C PHE A 525 -47.54 -5.30 -13.55
N HIS A 526 -46.36 -5.28 -12.95
CA HIS A 526 -45.29 -6.27 -13.05
C HIS A 526 -45.40 -7.30 -11.90
N PRO A 527 -46.00 -8.49 -12.09
CA PRO A 527 -46.14 -9.44 -11.00
C PRO A 527 -44.82 -10.10 -10.55
N GLU A 528 -43.76 -10.03 -11.33
CA GLU A 528 -42.50 -10.68 -11.03
C GLU A 528 -41.78 -10.09 -9.80
N PHE A 529 -41.93 -8.79 -9.54
CA PHE A 529 -41.32 -8.11 -8.41
C PHE A 529 -41.89 -8.58 -7.06
N SER A 530 -43.13 -9.04 -7.06
CA SER A 530 -43.84 -9.60 -5.91
C SER A 530 -43.65 -11.10 -5.74
N SER A 531 -43.03 -11.77 -6.71
CA SER A 531 -42.80 -13.21 -6.74
C SER A 531 -41.72 -13.63 -5.74
N ARG A 532 -41.82 -14.83 -5.14
CA ARG A 532 -40.87 -15.36 -4.16
C ARG A 532 -40.63 -16.84 -4.43
N PRO A 533 -39.43 -17.40 -4.19
CA PRO A 533 -39.11 -18.80 -4.49
C PRO A 533 -40.08 -19.82 -3.90
N MET A 534 -40.53 -19.62 -2.66
CA MET A 534 -41.48 -20.50 -1.97
C MET A 534 -42.94 -20.34 -2.42
N LYS A 535 -43.28 -19.26 -3.11
CA LYS A 535 -44.67 -18.95 -3.52
C LYS A 535 -44.71 -18.07 -4.78
N PRO A 536 -44.91 -18.66 -5.97
CA PRO A 536 -44.92 -17.93 -7.24
C PRO A 536 -45.99 -16.84 -7.32
N SER A 537 -45.75 -15.86 -8.17
CA SER A 537 -46.68 -14.80 -8.52
C SER A 537 -47.77 -15.35 -9.45
N PRO A 538 -49.06 -15.32 -9.06
CA PRO A 538 -50.14 -16.01 -9.75
C PRO A 538 -50.24 -15.89 -11.28
N PRO A 539 -50.01 -14.74 -11.93
CA PRO A 539 -50.05 -14.67 -13.38
C PRO A 539 -49.00 -15.54 -14.09
N TYR A 540 -47.81 -15.69 -13.51
CA TYR A 540 -46.76 -16.54 -14.04
C TYR A 540 -47.02 -18.02 -13.74
N LEU A 541 -47.57 -18.31 -12.56
CA LEU A 541 -48.01 -19.65 -12.18
C LEU A 541 -49.10 -20.14 -13.11
N GLY A 542 -50.11 -19.31 -13.42
CA GLY A 542 -51.13 -19.58 -14.41
C GLY A 542 -50.58 -19.82 -15.81
N LEU A 543 -49.61 -19.03 -16.25
CA LEU A 543 -48.96 -19.20 -17.56
C LEU A 543 -48.25 -20.54 -17.66
N LEU A 544 -47.50 -20.96 -16.65
CA LEU A 544 -46.78 -22.22 -16.66
C LEU A 544 -47.66 -23.42 -16.34
N LEU A 545 -48.70 -23.29 -15.53
CA LEU A 545 -49.79 -24.26 -15.43
C LEU A 545 -50.42 -24.49 -16.81
N ALA A 546 -50.81 -23.43 -17.51
CA ALA A 546 -51.42 -23.54 -18.82
C ALA A 546 -50.46 -24.10 -19.87
N ALA A 547 -49.16 -23.79 -19.79
CA ALA A 547 -48.16 -24.23 -20.75
C ALA A 547 -48.02 -25.76 -20.83
N THR A 548 -47.82 -26.44 -19.70
CA THR A 548 -47.79 -27.92 -19.65
C THR A 548 -49.18 -28.53 -19.86
N GLY A 549 -50.23 -27.85 -19.41
CA GLY A 549 -51.63 -28.27 -19.54
C GLY A 549 -52.32 -28.55 -18.22
N ASN A 550 -51.71 -28.20 -17.10
CA ASN A 550 -52.16 -28.46 -15.73
C ASN A 550 -53.21 -27.46 -15.20
N LEU A 551 -53.49 -26.32 -15.85
CA LEU A 551 -54.33 -25.26 -15.27
C LEU A 551 -55.76 -25.74 -14.95
N ASN A 552 -56.36 -26.49 -15.86
CA ASN A 552 -57.69 -27.05 -15.69
C ASN A 552 -57.77 -28.11 -14.58
N ALA A 553 -56.65 -28.72 -14.18
CA ALA A 553 -56.56 -29.57 -13.00
C ALA A 553 -56.22 -28.79 -11.72
N TYR A 554 -55.45 -27.72 -11.79
CA TYR A 554 -55.13 -26.87 -10.63
C TYR A 554 -56.36 -26.13 -10.08
N LEU A 555 -57.24 -25.63 -10.95
CA LEU A 555 -58.50 -25.01 -10.56
C LEU A 555 -59.47 -25.93 -9.79
N GLN A 556 -59.24 -27.25 -9.75
CA GLN A 556 -60.06 -28.21 -9.00
C GLN A 556 -59.75 -28.31 -7.50
N GLN A 557 -58.59 -27.83 -7.04
CA GLN A 557 -58.19 -27.91 -5.63
C GLN A 557 -58.74 -26.73 -4.81
N MET B 1 25.02 -3.33 -21.65
CA MET B 1 24.33 -4.62 -21.94
C MET B 1 22.84 -4.43 -21.81
N LYS B 2 22.03 -5.09 -22.63
CA LYS B 2 20.58 -5.04 -22.54
C LYS B 2 20.07 -6.05 -21.52
N TYR B 3 19.08 -5.70 -20.72
CA TYR B 3 18.55 -6.52 -19.64
C TYR B 3 17.02 -6.58 -19.75
N ILE B 4 16.45 -7.77 -19.61
CA ILE B 4 15.01 -7.98 -19.57
C ILE B 4 14.68 -8.61 -18.22
N LEU B 5 14.12 -7.88 -17.28
CA LEU B 5 13.58 -8.43 -16.05
C LEU B 5 12.16 -8.95 -16.28
N VAL B 6 11.87 -10.19 -15.93
CA VAL B 6 10.56 -10.83 -15.98
C VAL B 6 10.07 -11.03 -14.55
N THR B 7 8.92 -10.45 -14.21
CA THR B 7 8.31 -10.45 -12.87
C THR B 7 6.91 -11.01 -12.90
N GLY B 8 6.40 -11.50 -11.78
CA GLY B 8 5.05 -12.05 -11.67
C GLY B 8 4.17 -11.23 -10.75
N GLY B 9 2.93 -11.02 -11.16
CA GLY B 9 2.01 -10.13 -10.46
C GLY B 9 1.17 -10.76 -9.38
N VAL B 10 0.34 -11.71 -9.77
CA VAL B 10 -0.89 -12.03 -9.01
C VAL B 10 -0.75 -13.27 -8.14
N ILE B 11 -0.17 -14.31 -8.72
CA ILE B 11 0.05 -15.64 -8.14
C ILE B 11 1.33 -16.22 -8.76
N SER B 12 2.03 -17.08 -8.03
CA SER B 12 3.37 -17.54 -8.45
C SER B 12 3.39 -18.54 -9.61
N GLY B 13 2.30 -19.26 -9.89
CA GLY B 13 2.26 -20.37 -10.85
C GLY B 13 1.93 -20.03 -12.30
N ILE B 14 1.85 -18.75 -12.67
CA ILE B 14 1.40 -18.24 -13.98
C ILE B 14 2.32 -18.51 -15.17
N GLY B 15 3.50 -19.07 -14.97
CA GLY B 15 4.43 -19.40 -16.04
C GLY B 15 5.46 -18.34 -16.36
N LYS B 16 5.97 -17.58 -15.39
CA LYS B 16 7.08 -16.63 -15.59
C LYS B 16 8.27 -17.29 -16.28
N GLY B 17 8.58 -18.52 -15.89
CA GLY B 17 9.67 -19.31 -16.44
C GLY B 17 9.53 -19.69 -17.90
N ILE B 18 8.33 -20.01 -18.41
CA ILE B 18 8.16 -20.26 -19.83
C ILE B 18 8.12 -18.97 -20.63
N ILE B 19 7.59 -17.88 -20.09
CA ILE B 19 7.70 -16.56 -20.71
C ILE B 19 9.15 -16.17 -20.86
N ALA B 20 9.93 -16.14 -19.79
CA ALA B 20 11.33 -15.74 -19.81
C ALA B 20 12.18 -16.63 -20.74
N SER B 21 11.96 -17.94 -20.71
CA SER B 21 12.62 -18.85 -21.63
C SER B 21 12.27 -18.54 -23.07
N SER B 22 11.01 -18.28 -23.36
CA SER B 22 10.53 -18.05 -24.72
C SER B 22 10.96 -16.71 -25.28
N ILE B 23 11.02 -15.67 -24.46
CA ILE B 23 11.65 -14.39 -24.77
C ILE B 23 13.11 -14.63 -25.17
N GLY B 24 13.81 -15.45 -24.42
CA GLY B 24 15.20 -15.84 -24.67
C GLY B 24 15.39 -16.59 -25.97
N THR B 25 14.55 -17.57 -26.25
CA THR B 25 14.50 -18.32 -27.51
C THR B 25 14.23 -17.43 -28.70
N ILE B 26 13.33 -16.46 -28.55
CA ILE B 26 13.01 -15.47 -29.57
C ILE B 26 14.23 -14.64 -29.93
N LEU B 27 14.93 -14.09 -28.93
CA LEU B 27 16.05 -13.19 -29.13
C LEU B 27 17.31 -13.94 -29.62
N LYS B 28 17.54 -15.17 -29.12
CA LYS B 28 18.45 -16.17 -29.69
C LYS B 28 18.14 -16.43 -31.16
N SER B 29 16.87 -16.62 -31.54
CA SER B 29 16.49 -16.87 -32.94
C SER B 29 16.69 -15.67 -33.87
N CYS B 30 16.65 -14.44 -33.34
CA CYS B 30 16.97 -13.21 -34.05
C CYS B 30 18.47 -13.01 -34.31
N GLY B 31 19.33 -13.85 -33.75
CA GLY B 31 20.77 -13.80 -33.91
C GLY B 31 21.54 -13.14 -32.78
N LEU B 32 20.92 -12.91 -31.61
CA LEU B 32 21.59 -12.31 -30.46
C LEU B 32 22.17 -13.38 -29.52
N ARG B 33 23.35 -13.10 -28.95
CA ARG B 33 23.95 -13.92 -27.89
C ARG B 33 23.23 -13.66 -26.58
N VAL B 34 22.36 -14.55 -26.15
CA VAL B 34 21.49 -14.34 -24.99
C VAL B 34 22.00 -15.15 -23.81
N THR B 35 22.18 -14.47 -22.68
CA THR B 35 22.35 -15.11 -21.37
C THR B 35 21.08 -15.00 -20.55
N ALA B 36 20.96 -15.79 -19.49
CA ALA B 36 19.82 -15.82 -18.63
C ALA B 36 20.24 -15.98 -17.18
N ILE B 37 19.59 -15.27 -16.27
CA ILE B 37 19.73 -15.38 -14.83
C ILE B 37 18.36 -15.72 -14.24
N LYS B 38 18.32 -16.51 -13.17
CA LYS B 38 17.10 -16.67 -12.37
C LYS B 38 17.38 -16.27 -10.94
N ILE B 39 16.51 -15.45 -10.37
CA ILE B 39 16.46 -15.19 -8.95
C ILE B 39 15.46 -16.14 -8.32
N ASP B 40 15.92 -16.98 -7.40
CA ASP B 40 15.09 -17.76 -6.50
C ASP B 40 15.15 -17.13 -5.11
N PRO B 41 14.11 -16.43 -4.65
CA PRO B 41 14.16 -15.73 -3.36
C PRO B 41 14.16 -16.65 -2.13
N TYR B 42 14.39 -17.95 -2.29
CA TYR B 42 14.59 -18.89 -1.20
C TYR B 42 16.00 -18.81 -0.58
N ILE B 43 16.14 -19.32 0.65
CA ILE B 43 17.37 -19.23 1.45
C ILE B 43 18.33 -20.37 1.20
N ASN B 44 17.92 -21.43 0.50
CA ASN B 44 18.86 -22.46 0.05
C ASN B 44 19.94 -21.83 -0.84
N ILE B 45 21.22 -22.11 -0.57
CA ILE B 45 22.30 -21.49 -1.37
C ILE B 45 22.48 -22.23 -2.70
N ASP B 46 22.16 -23.51 -2.73
CA ASP B 46 22.20 -24.41 -3.87
C ASP B 46 21.05 -25.41 -3.81
N ALA B 47 20.87 -26.21 -4.85
CA ALA B 47 19.81 -27.23 -4.88
C ALA B 47 20.18 -28.55 -4.20
N GLY B 48 21.42 -28.75 -3.73
CA GLY B 48 21.92 -30.07 -3.33
C GLY B 48 21.22 -30.70 -2.13
N THR B 49 20.58 -29.89 -1.31
CA THR B 49 19.80 -30.29 -0.13
C THR B 49 18.40 -30.80 -0.48
N PHE B 50 17.88 -30.52 -1.68
CA PHE B 50 16.50 -30.86 -2.03
C PHE B 50 16.25 -32.37 -2.10
N SER B 51 15.21 -32.83 -1.40
CA SER B 51 14.63 -34.15 -1.61
C SER B 51 13.72 -34.05 -2.82
N PRO B 52 13.98 -34.68 -3.97
CA PRO B 52 13.31 -34.39 -5.24
C PRO B 52 11.77 -34.43 -5.29
N TYR B 53 11.09 -35.06 -4.32
CA TYR B 53 9.63 -34.98 -4.23
C TYR B 53 9.15 -33.56 -3.90
N GLU B 54 9.79 -32.91 -2.94
CA GLU B 54 9.64 -31.49 -2.66
C GLU B 54 10.49 -30.67 -3.65
N HIS B 55 9.95 -29.58 -4.20
CA HIS B 55 10.58 -28.68 -5.18
C HIS B 55 10.88 -29.25 -6.56
N GLY B 56 11.47 -30.44 -6.63
CA GLY B 56 11.70 -31.17 -7.87
C GLY B 56 13.15 -31.62 -8.05
N GLU B 57 13.48 -32.06 -9.26
CA GLU B 57 14.83 -32.47 -9.68
C GLU B 57 15.95 -31.48 -9.30
N VAL B 58 17.15 -32.00 -9.03
CA VAL B 58 18.38 -31.20 -8.93
C VAL B 58 19.05 -31.25 -10.29
N PHE B 59 19.29 -30.11 -10.92
CA PHE B 59 19.92 -30.01 -12.22
C PHE B 59 21.42 -29.79 -12.04
N VAL B 60 22.24 -30.40 -12.89
CA VAL B 60 23.69 -30.30 -12.77
C VAL B 60 24.24 -29.56 -13.95
N LEU B 61 25.06 -28.56 -13.67
CA LEU B 61 25.70 -27.71 -14.65
C LEU B 61 27.06 -28.25 -15.08
N ASN B 62 27.62 -27.77 -16.19
CA ASN B 62 28.95 -28.20 -16.62
C ASN B 62 30.01 -28.00 -15.54
N ASP B 63 29.94 -26.90 -14.79
CA ASP B 63 30.89 -26.52 -13.74
C ASP B 63 30.74 -27.31 -12.43
N GLY B 64 29.74 -28.19 -12.34
CA GLY B 64 29.43 -28.96 -11.13
C GLY B 64 28.48 -28.28 -10.16
N GLY B 65 27.88 -27.14 -10.50
CA GLY B 65 26.79 -26.58 -9.71
C GLY B 65 25.58 -27.51 -9.62
N GLU B 66 25.06 -27.72 -8.43
CA GLU B 66 23.74 -28.30 -8.18
C GLU B 66 22.72 -27.17 -8.08
N VAL B 67 21.85 -27.06 -9.06
CA VAL B 67 21.02 -25.88 -9.30
C VAL B 67 19.56 -26.29 -9.52
N ASP B 68 18.64 -25.33 -9.44
CA ASP B 68 17.21 -25.56 -9.66
C ASP B 68 16.92 -26.11 -11.07
N LEU B 69 15.90 -26.97 -11.17
CA LEU B 69 15.42 -27.53 -12.42
C LEU B 69 14.95 -26.47 -13.41
N ASP B 70 14.49 -25.33 -12.92
CA ASP B 70 14.15 -24.17 -13.74
C ASP B 70 15.34 -23.64 -14.54
N LEU B 71 16.59 -23.69 -14.07
CA LEU B 71 17.73 -23.34 -14.93
C LEU B 71 17.98 -24.38 -16.03
N GLY B 72 17.50 -25.60 -15.89
CA GLY B 72 17.50 -26.56 -16.97
C GLY B 72 16.57 -26.19 -18.11
N ASN B 73 15.48 -25.47 -17.83
CA ASN B 73 14.58 -24.96 -18.85
C ASN B 73 15.27 -23.90 -19.72
N TYR B 74 16.04 -23.00 -19.12
CA TYR B 74 16.86 -22.04 -19.86
C TYR B 74 17.96 -22.70 -20.67
N GLU B 75 18.57 -23.78 -20.19
CA GLU B 75 19.51 -24.58 -20.98
C GLU B 75 18.85 -25.32 -22.14
N ARG B 76 17.59 -25.73 -22.03
CA ARG B 76 16.90 -26.39 -23.14
C ARG B 76 16.41 -25.39 -24.18
N PHE B 77 15.79 -24.29 -23.79
CA PHE B 77 15.18 -23.34 -24.72
C PHE B 77 16.16 -22.40 -25.42
N LEU B 78 17.30 -22.11 -24.79
CA LEU B 78 18.43 -21.40 -25.37
C LEU B 78 19.59 -22.40 -25.46
N ASP B 79 20.34 -22.51 -26.56
CA ASP B 79 21.53 -23.40 -26.63
C ASP B 79 22.72 -22.87 -25.80
N ILE B 80 22.63 -22.95 -24.48
CA ILE B 80 23.59 -22.40 -23.53
C ILE B 80 23.92 -23.41 -22.43
N ASN B 81 25.03 -23.20 -21.74
CA ASN B 81 25.50 -23.99 -20.61
C ASN B 81 25.79 -23.04 -19.47
N LEU B 82 24.89 -22.94 -18.51
CA LEU B 82 24.94 -21.95 -17.45
C LEU B 82 26.03 -22.30 -16.42
N TYR B 83 26.61 -21.29 -15.79
CA TYR B 83 27.44 -21.41 -14.59
C TYR B 83 26.59 -21.31 -13.35
N LYS B 84 27.03 -21.82 -12.19
CA LYS B 84 26.21 -21.87 -10.97
C LYS B 84 25.72 -20.51 -10.51
N ASP B 85 26.43 -19.44 -10.82
CA ASP B 85 26.07 -18.09 -10.41
C ASP B 85 25.09 -17.38 -11.34
N ASN B 86 24.60 -18.03 -12.40
CA ASN B 86 23.37 -17.62 -13.09
C ASN B 86 22.10 -17.97 -12.30
N ASN B 87 22.22 -18.77 -11.25
CA ASN B 87 21.21 -18.90 -10.22
C ASN B 87 21.62 -17.99 -9.06
N ILE B 88 20.81 -16.98 -8.78
CA ILE B 88 20.99 -16.10 -7.64
C ILE B 88 19.93 -16.52 -6.63
N THR B 89 20.26 -16.60 -5.35
CA THR B 89 19.29 -16.91 -4.32
C THR B 89 19.38 -15.94 -3.16
N THR B 90 18.35 -15.83 -2.33
CA THR B 90 18.44 -15.07 -1.09
C THR B 90 19.55 -15.64 -0.21
N GLY B 91 19.69 -16.96 -0.16
CA GLY B 91 20.78 -17.62 0.55
C GLY B 91 22.15 -17.21 0.03
N LYS B 92 22.35 -17.18 -1.28
CA LYS B 92 23.62 -16.76 -1.87
C LYS B 92 23.97 -15.32 -1.58
N ILE B 93 23.00 -14.42 -1.73
CA ILE B 93 23.22 -12.98 -1.63
C ILE B 93 23.46 -12.59 -0.18
N TYR B 94 22.64 -13.08 0.74
CA TYR B 94 22.86 -12.85 2.15
C TYR B 94 24.13 -13.53 2.61
N GLN B 95 24.47 -14.74 2.16
CA GLN B 95 25.71 -15.36 2.58
C GLN B 95 26.94 -14.58 2.11
N HIS B 96 26.93 -14.05 0.90
CA HIS B 96 27.97 -13.22 0.33
C HIS B 96 28.15 -11.88 1.06
N VAL B 97 27.08 -11.18 1.40
CA VAL B 97 27.17 -9.93 2.17
C VAL B 97 27.58 -10.17 3.61
N ILE B 98 27.15 -11.28 4.23
CA ILE B 98 27.62 -11.67 5.56
C ILE B 98 29.11 -11.94 5.53
N ASN B 99 29.62 -12.73 4.60
CA ASN B 99 31.06 -13.02 4.50
C ASN B 99 31.91 -11.76 4.31
N LYS B 100 31.49 -10.82 3.45
CA LYS B 100 32.15 -9.52 3.32
C LYS B 100 32.13 -8.71 4.62
N GLU B 101 31.08 -8.78 5.42
CA GLU B 101 31.03 -8.13 6.73
C GLU B 101 32.03 -8.75 7.70
N ARG B 102 32.14 -10.08 7.77
CA ARG B 102 33.08 -10.76 8.67
C ARG B 102 34.54 -10.44 8.37
N ARG B 103 34.90 -10.34 7.09
CA ARG B 103 36.24 -9.94 6.63
C ARG B 103 36.54 -8.44 6.81
N GLY B 104 35.53 -7.61 7.04
CA GLY B 104 35.67 -6.16 7.12
C GLY B 104 35.81 -5.46 5.77
N ASP B 105 35.31 -6.06 4.69
CA ASP B 105 35.31 -5.43 3.36
C ASP B 105 34.45 -4.16 3.32
N TYR B 106 33.42 -4.07 4.16
CA TYR B 106 32.57 -2.89 4.34
C TYR B 106 33.15 -1.82 5.29
N LEU B 107 34.45 -1.82 5.57
CA LEU B 107 35.20 -0.72 6.21
C LEU B 107 34.63 -0.24 7.56
N GLY B 108 34.04 -1.16 8.32
CA GLY B 108 33.47 -0.91 9.62
C GLY B 108 32.19 -0.07 9.64
N LYS B 109 31.56 0.18 8.49
CA LYS B 109 30.22 0.74 8.35
C LYS B 109 29.16 -0.28 8.76
N THR B 110 27.97 0.16 9.14
CA THR B 110 26.80 -0.72 9.30
C THR B 110 26.40 -1.26 7.94
N VAL B 111 26.39 -2.58 7.77
CA VAL B 111 25.94 -3.23 6.53
C VAL B 111 24.43 -3.39 6.56
N GLN B 112 23.72 -2.86 5.58
CA GLN B 112 22.27 -2.65 5.57
C GLN B 112 21.63 -3.29 4.35
N VAL B 113 20.35 -3.63 4.40
CA VAL B 113 19.70 -4.26 3.23
C VAL B 113 19.72 -3.31 2.05
N VAL B 114 19.41 -2.04 2.29
CA VAL B 114 19.64 -0.94 1.37
C VAL B 114 20.72 -0.04 2.01
N PRO B 115 21.89 0.17 1.39
CA PRO B 115 22.28 -0.23 0.05
C PRO B 115 22.91 -1.62 -0.09
N HIS B 116 23.48 -2.26 0.94
CA HIS B 116 24.47 -3.32 0.74
C HIS B 116 23.95 -4.66 0.20
N ILE B 117 22.79 -5.16 0.61
CA ILE B 117 22.19 -6.35 -0.04
C ILE B 117 21.77 -6.01 -1.46
N THR B 118 21.17 -4.84 -1.68
CA THR B 118 20.73 -4.41 -3.01
C THR B 118 21.88 -4.13 -3.96
N ASP B 119 23.02 -3.64 -3.50
CA ASP B 119 24.25 -3.48 -4.26
C ASP B 119 24.88 -4.82 -4.62
N ALA B 120 24.82 -5.82 -3.73
CA ALA B 120 25.26 -7.16 -4.02
C ALA B 120 24.46 -7.82 -5.14
N VAL B 121 23.14 -7.63 -5.20
CA VAL B 121 22.30 -8.11 -6.30
C VAL B 121 22.67 -7.46 -7.63
N GLN B 122 23.00 -6.18 -7.66
CA GLN B 122 23.35 -5.44 -8.87
C GLN B 122 24.77 -5.77 -9.33
N GLU B 123 25.74 -5.89 -8.43
CA GLU B 123 27.09 -6.36 -8.73
C GLU B 123 27.04 -7.76 -9.32
N TRP B 124 26.24 -8.65 -8.75
CA TRP B 124 26.13 -10.03 -9.20
C TRP B 124 25.48 -10.12 -10.58
N VAL B 125 24.42 -9.34 -10.84
CA VAL B 125 23.80 -9.27 -12.17
C VAL B 125 24.74 -8.69 -13.23
N MET B 126 25.41 -7.56 -13.01
CA MET B 126 26.37 -7.03 -13.99
C MET B 126 27.54 -7.99 -14.23
N ASN B 127 28.08 -8.62 -13.19
CA ASN B 127 29.17 -9.58 -13.32
C ASN B 127 28.76 -10.82 -14.12
N GLN B 128 27.63 -11.47 -13.83
CA GLN B 128 27.24 -12.70 -14.52
C GLN B 128 26.64 -12.46 -15.89
N ALA B 129 25.98 -11.33 -16.14
CA ALA B 129 25.52 -10.99 -17.46
C ALA B 129 26.69 -10.89 -18.46
N LYS B 130 27.88 -10.47 -18.03
CA LYS B 130 29.13 -10.42 -18.83
C LYS B 130 29.80 -11.75 -19.10
N VAL B 131 29.48 -12.83 -18.39
CA VAL B 131 30.09 -14.16 -18.59
C VAL B 131 29.56 -14.85 -19.86
N PRO B 132 30.41 -15.25 -20.82
CA PRO B 132 29.96 -15.94 -22.02
C PRO B 132 29.42 -17.34 -21.70
N VAL B 133 28.29 -17.68 -22.30
CA VAL B 133 27.44 -18.82 -21.90
C VAL B 133 27.01 -19.71 -23.09
N ASP B 134 27.21 -19.20 -24.30
CA ASP B 134 27.26 -19.91 -25.57
C ASP B 134 28.65 -20.54 -25.78
N GLY B 135 28.87 -21.26 -26.88
CA GLY B 135 30.19 -21.71 -27.31
C GLY B 135 31.14 -20.56 -27.68
N ASN B 136 30.59 -19.50 -28.26
CA ASN B 136 31.33 -18.29 -28.63
C ASN B 136 31.98 -17.65 -27.39
N LYS B 137 33.18 -17.09 -27.55
CA LYS B 137 33.97 -16.45 -26.47
C LYS B 137 33.53 -15.02 -26.17
N GLU B 138 32.96 -14.33 -27.15
CA GLU B 138 32.48 -12.94 -27.05
C GLU B 138 31.37 -12.79 -25.99
N GLU B 139 31.31 -11.68 -25.26
CA GLU B 139 30.32 -11.48 -24.18
C GLU B 139 28.88 -11.42 -24.70
N PRO B 140 27.85 -11.77 -23.89
CA PRO B 140 26.44 -11.67 -24.27
C PRO B 140 25.97 -10.26 -24.66
N GLN B 141 24.76 -10.19 -25.20
CA GLN B 141 24.13 -8.95 -25.65
C GLN B 141 22.89 -8.61 -24.85
N ILE B 142 22.06 -9.61 -24.58
CA ILE B 142 20.90 -9.50 -23.72
C ILE B 142 21.07 -10.48 -22.56
N CYS B 143 20.76 -10.04 -21.35
CA CYS B 143 20.48 -10.92 -20.24
C CYS B 143 18.97 -10.96 -19.97
N VAL B 144 18.37 -12.15 -19.95
CA VAL B 144 17.01 -12.33 -19.46
C VAL B 144 17.06 -12.71 -17.98
N ILE B 145 16.51 -11.88 -17.12
CA ILE B 145 16.44 -12.13 -15.69
C ILE B 145 15.00 -12.53 -15.34
N GLU B 146 14.79 -13.70 -14.76
CA GLU B 146 13.50 -14.06 -14.18
C GLU B 146 13.56 -13.92 -12.67
N LEU B 147 12.62 -13.20 -12.06
CA LEU B 147 12.49 -13.06 -10.63
C LEU B 147 11.32 -13.92 -10.14
N GLY B 148 11.61 -14.84 -9.24
CA GLY B 148 10.64 -15.71 -8.60
C GLY B 148 9.78 -15.03 -7.53
N GLY B 149 8.74 -15.74 -7.08
CA GLY B 149 7.69 -15.15 -6.25
C GLY B 149 6.89 -14.07 -6.97
N THR B 150 5.94 -13.46 -6.27
CA THR B 150 5.15 -12.35 -6.81
C THR B 150 5.43 -11.05 -6.10
N ILE B 151 5.22 -9.95 -6.83
CA ILE B 151 5.27 -8.58 -6.31
C ILE B 151 4.43 -8.43 -5.04
N GLY B 152 5.03 -7.81 -4.01
CA GLY B 152 4.44 -7.69 -2.68
C GLY B 152 4.84 -8.78 -1.70
N ASP B 153 5.48 -9.87 -2.15
CA ASP B 153 6.15 -10.83 -1.28
C ASP B 153 7.31 -10.19 -0.53
N ILE B 154 7.47 -10.56 0.74
CA ILE B 154 8.61 -10.17 1.57
C ILE B 154 9.91 -10.68 0.95
N GLU B 155 9.94 -11.91 0.45
CA GLU B 155 11.16 -12.53 -0.05
C GLU B 155 11.72 -11.82 -1.28
N GLY B 156 10.85 -11.23 -2.09
CA GLY B 156 11.20 -10.52 -3.32
C GLY B 156 11.57 -9.06 -3.13
N MET B 157 11.34 -8.46 -1.95
CA MET B 157 11.59 -7.05 -1.67
C MET B 157 13.03 -6.61 -1.94
N PRO B 158 14.10 -7.32 -1.49
CA PRO B 158 15.46 -6.89 -1.79
C PRO B 158 15.82 -6.96 -3.27
N PHE B 159 15.12 -7.76 -4.09
CA PHE B 159 15.39 -7.87 -5.52
C PHE B 159 14.61 -6.86 -6.34
N VAL B 160 13.35 -6.56 -6.04
CA VAL B 160 12.67 -5.45 -6.72
C VAL B 160 13.32 -4.11 -6.41
N GLU B 161 13.82 -3.89 -5.19
CA GLU B 161 14.55 -2.68 -4.85
C GLU B 161 15.90 -2.61 -5.55
N ALA B 162 16.60 -3.74 -5.70
CA ALA B 162 17.77 -3.83 -6.53
C ALA B 162 17.45 -3.45 -7.99
N PHE B 163 16.38 -3.96 -8.59
CA PHE B 163 16.06 -3.60 -9.96
C PHE B 163 15.52 -2.18 -10.12
N ARG B 164 14.86 -1.62 -9.12
CA ARG B 164 14.51 -0.20 -9.04
C ARG B 164 15.73 0.70 -9.13
N GLN B 165 16.82 0.39 -8.41
CA GLN B 165 18.07 1.12 -8.55
C GLN B 165 18.77 0.81 -9.88
N PHE B 166 18.75 -0.46 -10.30
CA PHE B 166 19.46 -0.98 -11.47
C PHE B 166 19.01 -0.36 -12.80
N GLN B 167 17.72 -0.10 -12.99
CA GLN B 167 17.20 0.55 -14.20
C GLN B 167 17.69 1.99 -14.42
N PHE B 168 18.46 2.56 -13.49
CA PHE B 168 19.17 3.82 -13.64
C PHE B 168 20.69 3.64 -13.79
N LYS B 169 21.27 2.52 -13.34
CA LYS B 169 22.65 2.14 -13.64
C LYS B 169 22.81 1.65 -15.08
N ALA B 170 21.98 0.69 -15.48
CA ALA B 170 21.71 0.41 -16.86
C ALA B 170 20.73 1.49 -17.35
N LYS B 171 21.02 2.20 -18.44
CA LYS B 171 20.13 3.27 -18.91
C LYS B 171 18.77 2.72 -19.36
N ARG B 172 17.80 3.62 -19.59
CA ARG B 172 16.46 3.31 -20.12
C ARG B 172 16.47 2.45 -21.37
N GLU B 173 17.34 2.79 -22.32
CA GLU B 173 17.54 2.07 -23.57
C GLU B 173 18.28 0.74 -23.40
N ASN B 174 18.57 0.30 -22.16
CA ASN B 174 19.17 -0.98 -21.85
C ASN B 174 18.32 -1.84 -20.92
N PHE B 175 17.61 -1.29 -19.94
CA PHE B 175 16.77 -2.05 -19.04
C PHE B 175 15.31 -2.07 -19.48
N CYS B 176 14.66 -3.22 -19.37
CA CYS B 176 13.29 -3.47 -19.82
C CYS B 176 12.59 -4.45 -18.87
N ASN B 177 11.29 -4.28 -18.66
CA ASN B 177 10.52 -4.96 -17.62
C ASN B 177 9.30 -5.69 -18.20
N ILE B 178 9.20 -7.00 -18.09
CA ILE B 178 8.04 -7.81 -18.49
C ILE B 178 7.28 -8.18 -17.24
N HIS B 179 6.01 -7.82 -17.14
CA HIS B 179 5.20 -8.24 -16.00
C HIS B 179 4.19 -9.28 -16.46
N VAL B 180 4.28 -10.47 -15.89
CA VAL B 180 3.40 -11.58 -16.18
C VAL B 180 2.31 -11.58 -15.12
N SER B 181 1.04 -11.61 -15.48
CA SER B 181 -0.08 -11.44 -14.55
C SER B 181 -1.22 -12.40 -14.87
N LEU B 182 -2.04 -12.74 -13.89
CA LEU B 182 -3.24 -13.52 -14.10
C LEU B 182 -4.40 -12.60 -14.49
N VAL B 183 -5.04 -12.92 -15.60
CA VAL B 183 -6.35 -12.42 -15.97
C VAL B 183 -7.32 -13.59 -15.81
N PRO B 184 -8.02 -13.72 -14.68
CA PRO B 184 -8.95 -14.81 -14.48
C PRO B 184 -10.26 -14.62 -15.26
N GLN B 185 -11.02 -15.69 -15.45
CA GLN B 185 -12.43 -15.60 -15.81
C GLN B 185 -13.23 -16.68 -15.10
N LEU B 186 -14.45 -16.34 -14.70
CA LEU B 186 -15.36 -17.23 -13.98
C LEU B 186 -16.29 -17.96 -14.95
N SER B 187 -16.75 -19.16 -14.57
CA SER B 187 -17.48 -20.04 -15.48
C SER B 187 -18.87 -19.53 -15.86
N ALA B 188 -19.49 -18.70 -15.01
CA ALA B 188 -20.85 -18.20 -15.19
C ALA B 188 -20.95 -17.08 -16.25
N THR B 189 -20.26 -15.96 -16.04
CA THR B 189 -20.26 -14.81 -16.96
C THR B 189 -19.32 -15.01 -18.15
N GLY B 190 -18.20 -15.71 -17.98
CA GLY B 190 -17.17 -15.86 -18.99
C GLY B 190 -16.47 -14.55 -19.35
N GLU B 191 -16.32 -13.64 -18.39
CA GLU B 191 -15.65 -12.36 -18.55
C GLU B 191 -14.25 -12.37 -17.95
N GLN B 192 -13.26 -11.92 -18.73
CA GLN B 192 -11.86 -11.85 -18.36
C GLN B 192 -11.57 -10.63 -17.49
N LYS B 193 -11.12 -10.82 -16.25
CA LYS B 193 -11.06 -9.77 -15.23
C LYS B 193 -9.68 -9.15 -15.13
N THR B 194 -9.55 -7.88 -15.47
CA THR B 194 -8.27 -7.15 -15.40
C THR B 194 -7.84 -6.72 -14.01
N LYS B 195 -8.65 -6.91 -12.98
CA LYS B 195 -8.42 -6.29 -11.67
C LYS B 195 -7.18 -6.75 -10.93
N PRO B 196 -6.83 -8.04 -10.88
CA PRO B 196 -5.57 -8.44 -10.27
C PRO B 196 -4.36 -7.87 -11.01
N THR B 197 -4.43 -7.73 -12.33
CA THR B 197 -3.37 -7.08 -13.10
C THR B 197 -3.22 -5.63 -12.70
N GLN B 198 -4.33 -4.88 -12.57
CA GLN B 198 -4.33 -3.50 -12.09
C GLN B 198 -3.65 -3.36 -10.72
N ASN B 199 -4.08 -4.15 -9.73
CA ASN B 199 -3.56 -4.06 -8.37
C ASN B 199 -2.11 -4.52 -8.25
N SER B 200 -1.68 -5.54 -8.99
CA SER B 200 -0.27 -5.95 -8.99
C SER B 200 0.62 -4.96 -9.73
N VAL B 201 0.14 -4.27 -10.76
CA VAL B 201 0.91 -3.22 -11.44
C VAL B 201 0.99 -1.97 -10.59
N ARG B 202 -0.06 -1.59 -9.85
CA ARG B 202 0.02 -0.53 -8.84
C ARG B 202 1.10 -0.81 -7.79
N ALA B 203 1.12 -2.02 -7.23
CA ALA B 203 2.15 -2.48 -6.31
C ALA B 203 3.56 -2.48 -6.91
N LEU B 204 3.73 -2.92 -8.16
CA LEU B 204 5.00 -2.89 -8.88
C LEU B 204 5.52 -1.45 -9.07
N ARG B 205 4.66 -0.47 -9.39
CA ARG B 205 5.00 0.97 -9.41
C ARG B 205 5.36 1.54 -8.04
N GLY B 206 4.65 1.17 -6.99
CA GLY B 206 5.03 1.52 -5.62
C GLY B 206 6.44 1.03 -5.28
N LEU B 207 6.72 -0.25 -5.52
CA LEU B 207 8.04 -0.86 -5.38
C LEU B 207 9.09 -0.29 -6.34
N GLY B 208 8.65 0.38 -7.39
CA GLY B 208 9.42 1.36 -8.14
C GLY B 208 9.73 0.99 -9.59
N LEU B 209 9.27 -0.16 -10.07
CA LEU B 209 9.39 -0.61 -11.45
C LEU B 209 8.09 -0.31 -12.19
N SER B 210 8.14 -0.14 -13.51
CA SER B 210 6.94 0.06 -14.31
C SER B 210 6.96 -0.85 -15.53
N PRO B 211 5.91 -1.63 -15.83
CA PRO B 211 5.92 -2.59 -16.94
C PRO B 211 6.21 -1.94 -18.29
N ASP B 212 6.90 -2.67 -19.16
CA ASP B 212 7.14 -2.30 -20.55
C ASP B 212 6.41 -3.20 -21.54
N LEU B 213 6.21 -4.47 -21.19
CA LEU B 213 5.15 -5.35 -21.67
C LEU B 213 4.34 -5.83 -20.48
N ILE B 214 3.06 -6.11 -20.69
CA ILE B 214 2.28 -6.99 -19.81
C ILE B 214 1.96 -8.27 -20.56
N VAL B 215 2.24 -9.41 -19.96
CA VAL B 215 1.85 -10.73 -20.46
C VAL B 215 0.75 -11.26 -19.57
N CYS B 216 -0.43 -11.48 -20.13
CA CYS B 216 -1.56 -12.03 -19.39
C CYS B 216 -1.55 -13.55 -19.52
N ARG B 217 -1.49 -14.26 -18.41
CA ARG B 217 -1.85 -15.68 -18.34
C ARG B 217 -3.37 -15.75 -18.17
N SER B 218 -4.06 -16.44 -19.07
CA SER B 218 -5.52 -16.58 -19.04
C SER B 218 -5.98 -17.92 -19.61
N SER B 219 -7.17 -18.43 -19.27
CA SER B 219 -7.62 -19.73 -19.76
C SER B 219 -8.04 -19.76 -21.24
N THR B 220 -8.24 -18.59 -21.87
CA THR B 220 -8.51 -18.38 -23.30
C THR B 220 -7.90 -17.06 -23.73
N PRO B 221 -7.69 -16.79 -25.03
CA PRO B 221 -7.09 -15.54 -25.48
C PRO B 221 -7.83 -14.31 -24.99
N ILE B 222 -7.12 -13.30 -24.50
CA ILE B 222 -7.72 -12.04 -24.04
C ILE B 222 -8.33 -11.27 -25.21
N GLU B 223 -9.48 -10.67 -24.99
CA GLU B 223 -10.11 -9.77 -25.96
C GLU B 223 -9.50 -8.36 -25.98
N MET B 224 -9.83 -7.58 -27.01
CA MET B 224 -9.32 -6.21 -27.13
C MET B 224 -9.84 -5.29 -26.04
N ALA B 225 -11.04 -5.54 -25.51
CA ALA B 225 -11.57 -4.81 -24.36
C ALA B 225 -10.72 -5.00 -23.10
N VAL B 226 -10.08 -6.15 -22.96
CA VAL B 226 -9.10 -6.45 -21.91
C VAL B 226 -7.78 -5.76 -22.22
N LYS B 227 -7.26 -5.83 -23.45
CA LYS B 227 -6.01 -5.16 -23.84
C LYS B 227 -6.07 -3.65 -23.61
N GLU B 228 -7.19 -3.02 -23.97
CA GLU B 228 -7.43 -1.59 -23.78
C GLU B 228 -7.63 -1.19 -22.32
N LYS B 229 -8.31 -1.99 -21.50
CA LYS B 229 -8.45 -1.67 -20.07
C LYS B 229 -7.14 -1.85 -19.30
N ILE B 230 -6.37 -2.90 -19.58
CA ILE B 230 -5.02 -3.06 -19.00
C ILE B 230 -4.14 -1.88 -19.40
N SER B 231 -4.13 -1.49 -20.67
CA SER B 231 -3.44 -0.29 -21.14
C SER B 231 -3.86 1.00 -20.43
N MET B 232 -5.14 1.17 -20.09
CA MET B 232 -5.70 2.34 -19.40
C MET B 232 -5.24 2.48 -17.94
N PHE B 233 -4.97 1.38 -17.24
CA PHE B 233 -4.44 1.40 -15.87
C PHE B 233 -2.93 1.22 -15.76
N CYS B 234 -2.29 0.54 -16.70
CA CYS B 234 -0.90 0.10 -16.59
C CYS B 234 0.13 0.90 -17.38
N HIS B 235 -0.25 1.94 -18.13
CA HIS B 235 0.69 2.85 -18.80
C HIS B 235 1.53 2.15 -19.89
N VAL B 236 0.96 1.14 -20.54
CA VAL B 236 1.47 0.43 -21.71
C VAL B 236 0.52 0.68 -22.86
N ASN B 237 0.96 0.63 -24.10
CA ASN B 237 0.06 0.70 -25.26
C ASN B 237 -0.70 -0.63 -25.45
N PRO B 238 -1.88 -0.69 -26.06
CA PRO B 238 -2.62 -1.96 -26.21
C PRO B 238 -1.89 -3.04 -27.01
N GLU B 239 -0.96 -2.71 -27.90
CA GLU B 239 -0.07 -3.67 -28.58
C GLU B 239 1.01 -4.24 -27.67
N GLN B 240 1.27 -3.62 -26.53
CA GLN B 240 2.21 -4.07 -25.50
C GLN B 240 1.51 -4.87 -24.39
N VAL B 241 0.24 -5.23 -24.57
CA VAL B 241 -0.47 -6.22 -23.74
C VAL B 241 -0.60 -7.52 -24.55
N ILE B 242 0.13 -8.54 -24.14
CA ILE B 242 0.21 -9.87 -24.74
C ILE B 242 -0.68 -10.80 -23.92
N CYS B 243 -1.15 -11.91 -24.48
CA CYS B 243 -1.53 -13.06 -23.67
C CYS B 243 -0.80 -14.34 -24.09
N ILE B 244 -0.57 -15.21 -23.12
CA ILE B 244 -0.20 -16.60 -23.31
C ILE B 244 -1.26 -17.39 -22.58
N HIS B 245 -2.30 -17.76 -23.31
CA HIS B 245 -3.36 -18.65 -22.84
C HIS B 245 -2.83 -20.08 -22.75
N ASP B 246 -3.46 -20.95 -21.96
CA ASP B 246 -2.95 -22.32 -21.80
C ASP B 246 -3.07 -23.12 -23.11
N VAL B 247 -1.99 -23.80 -23.47
CA VAL B 247 -1.80 -24.43 -24.80
C VAL B 247 -1.18 -25.82 -24.74
N SER B 248 -1.22 -26.49 -25.89
CA SER B 248 -0.74 -27.84 -26.13
C SER B 248 0.68 -28.13 -25.67
N SER B 249 1.61 -27.19 -25.79
CA SER B 249 3.04 -27.41 -25.63
C SER B 249 3.78 -26.17 -25.18
N THR B 250 4.85 -26.33 -24.40
CA THR B 250 5.82 -25.27 -24.16
C THR B 250 6.55 -24.88 -25.43
N TYR B 251 6.73 -25.79 -26.39
CA TYR B 251 7.33 -25.45 -27.68
C TYR B 251 6.49 -24.43 -28.48
N ARG B 252 5.20 -24.31 -28.19
CA ARG B 252 4.34 -23.32 -28.82
C ARG B 252 4.43 -21.94 -28.19
N VAL B 253 4.86 -21.76 -26.95
CA VAL B 253 4.88 -20.44 -26.30
C VAL B 253 5.78 -19.42 -27.01
N PRO B 254 7.01 -19.74 -27.46
CA PRO B 254 7.80 -18.84 -28.30
C PRO B 254 7.05 -18.42 -29.55
N VAL B 255 6.30 -19.34 -30.15
CA VAL B 255 5.61 -19.15 -31.42
C VAL B 255 4.38 -18.26 -31.25
N LEU B 256 3.68 -18.34 -30.13
CA LEU B 256 2.63 -17.40 -29.74
C LEU B 256 3.16 -16.00 -29.47
N LEU B 257 4.35 -15.86 -28.88
CA LEU B 257 4.95 -14.55 -28.63
C LEU B 257 5.39 -13.84 -29.92
N GLU B 258 5.89 -14.57 -30.92
CA GLU B 258 6.18 -14.00 -32.25
C GLU B 258 4.92 -13.60 -33.03
N GLU B 259 3.81 -14.32 -32.88
CA GLU B 259 2.49 -13.90 -33.37
C GLU B 259 2.00 -12.63 -32.67
N GLN B 260 2.19 -12.51 -31.36
CA GLN B 260 1.90 -11.31 -30.56
C GLN B 260 2.94 -10.18 -30.72
N SER B 261 3.88 -10.32 -31.64
CA SER B 261 4.77 -9.28 -32.17
C SER B 261 5.80 -8.70 -31.18
N ILE B 262 6.32 -9.48 -30.23
CA ILE B 262 7.31 -8.99 -29.24
C ILE B 262 8.67 -8.61 -29.83
N VAL B 263 9.08 -9.20 -30.96
CA VAL B 263 10.38 -8.92 -31.59
C VAL B 263 10.46 -7.47 -32.06
N LYS B 264 9.39 -6.99 -32.70
CA LYS B 264 9.27 -5.61 -33.13
C LYS B 264 9.43 -4.70 -31.93
N TYR B 265 8.74 -4.97 -30.82
CA TYR B 265 8.82 -4.15 -29.63
C TYR B 265 10.21 -4.13 -28.99
N PHE B 266 10.90 -5.26 -28.88
CA PHE B 266 12.27 -5.26 -28.35
C PHE B 266 13.27 -4.55 -29.26
N LYS B 267 13.14 -4.64 -30.58
CA LYS B 267 13.96 -3.85 -31.50
C LYS B 267 13.78 -2.35 -31.25
N GLU B 268 12.55 -1.89 -31.03
CA GLU B 268 12.27 -0.48 -30.74
C GLU B 268 12.81 -0.06 -29.37
N ARG B 269 12.46 -0.82 -28.33
CA ARG B 269 12.70 -0.47 -26.95
C ARG B 269 14.16 -0.62 -26.51
N LEU B 270 14.83 -1.69 -26.92
CA LEU B 270 16.22 -1.98 -26.54
C LEU B 270 17.21 -1.63 -27.65
N HIS B 271 16.78 -0.98 -28.73
CA HIS B 271 17.62 -0.56 -29.86
C HIS B 271 18.47 -1.70 -30.41
N LEU B 272 17.86 -2.87 -30.57
CA LEU B 272 18.62 -4.11 -30.78
C LEU B 272 19.22 -4.21 -32.20
N PRO B 273 20.43 -4.79 -32.37
CA PRO B 273 21.07 -5.05 -33.67
C PRO B 273 20.31 -5.92 -34.68
N ILE B 274 19.09 -6.38 -34.37
CA ILE B 274 18.29 -7.35 -35.15
C ILE B 274 18.11 -6.92 -36.62
N GLY B 275 17.87 -5.63 -36.84
CA GLY B 275 17.38 -5.10 -38.12
C GLY B 275 15.92 -5.48 -38.41
N ASP B 276 15.29 -4.83 -39.37
CA ASP B 276 14.02 -5.32 -39.91
C ASP B 276 14.27 -6.54 -40.81
N SER B 277 13.53 -7.63 -40.64
CA SER B 277 13.74 -8.86 -41.41
C SER B 277 12.44 -9.65 -41.60
N ALA B 278 12.33 -10.34 -42.73
CA ALA B 278 11.23 -11.27 -43.05
C ALA B 278 11.36 -12.64 -42.39
N SER B 279 12.53 -12.97 -41.84
CA SER B 279 12.82 -14.28 -41.24
C SER B 279 13.76 -14.21 -40.04
N ASN B 280 13.59 -15.16 -39.14
CA ASN B 280 14.44 -15.49 -38.00
C ASN B 280 14.24 -16.97 -37.67
N LEU B 281 15.16 -17.58 -36.92
CA LEU B 281 15.21 -19.04 -36.74
C LEU B 281 13.99 -19.68 -36.05
N LEU B 282 13.00 -18.89 -35.62
CA LEU B 282 11.79 -19.41 -35.01
C LEU B 282 10.93 -20.25 -35.95
N PHE B 283 11.19 -20.27 -37.26
CA PHE B 283 10.56 -21.24 -38.14
C PHE B 283 10.94 -22.69 -37.79
N LYS B 284 12.14 -22.96 -37.26
CA LYS B 284 12.52 -24.28 -36.74
C LYS B 284 11.75 -24.66 -35.48
N TRP B 285 11.52 -23.72 -34.57
CA TRP B 285 10.61 -23.88 -33.43
C TRP B 285 9.14 -24.06 -33.85
N ARG B 286 8.69 -23.34 -34.86
CA ARG B 286 7.34 -23.47 -35.40
C ARG B 286 7.10 -24.85 -35.99
N ASN B 287 8.07 -25.40 -36.72
CA ASN B 287 8.04 -26.77 -37.20
C ASN B 287 7.91 -27.76 -36.04
N MET B 288 8.75 -27.66 -35.01
CA MET B 288 8.76 -28.59 -33.88
C MET B 288 7.44 -28.61 -33.10
N ALA B 289 6.82 -27.45 -32.89
CA ALA B 289 5.51 -27.37 -32.24
C ALA B 289 4.36 -27.92 -33.12
N ASP B 290 4.42 -27.70 -34.44
CA ASP B 290 3.46 -28.30 -35.36
C ASP B 290 3.70 -29.80 -35.59
N ARG B 291 4.92 -30.31 -35.39
CA ARG B 291 5.21 -31.76 -35.26
C ARG B 291 4.58 -32.33 -34.01
N TYR B 292 4.75 -31.68 -32.86
CA TYR B 292 4.31 -32.17 -31.55
C TYR B 292 2.78 -32.39 -31.48
N GLU B 293 1.99 -31.53 -32.12
CA GLU B 293 0.53 -31.68 -32.22
C GLU B 293 0.08 -32.78 -33.20
N ARG B 294 0.95 -33.21 -34.11
CA ARG B 294 0.76 -34.30 -35.09
C ARG B 294 1.27 -35.67 -34.61
N LEU B 295 1.89 -35.78 -33.43
CA LEU B 295 2.33 -37.08 -32.89
C LEU B 295 1.13 -37.98 -32.55
N GLN B 296 0.91 -39.02 -33.37
CA GLN B 296 -0.19 -40.00 -33.22
C GLN B 296 0.27 -41.39 -32.76
N LYS B 297 1.33 -41.94 -33.38
CA LYS B 297 1.92 -43.24 -33.00
C LYS B 297 2.44 -43.19 -31.58
N ILE B 298 1.98 -44.05 -30.68
CA ILE B 298 2.48 -44.10 -29.29
C ILE B 298 3.81 -44.84 -29.21
N CYS B 299 4.73 -44.38 -28.36
CA CYS B 299 5.88 -45.15 -27.90
C CYS B 299 5.97 -45.07 -26.38
N SER B 300 5.77 -46.20 -25.70
CA SER B 300 5.42 -46.23 -24.28
C SER B 300 6.50 -46.88 -23.42
N ILE B 301 7.03 -46.16 -22.44
CA ILE B 301 8.20 -46.61 -21.67
C ILE B 301 7.94 -46.57 -20.17
N ALA B 302 8.50 -47.53 -19.44
CA ALA B 302 8.35 -47.64 -17.99
C ALA B 302 9.52 -46.97 -17.28
N LEU B 303 9.23 -45.98 -16.45
CA LEU B 303 10.24 -45.28 -15.65
C LEU B 303 10.10 -45.72 -14.20
N VAL B 304 11.11 -46.41 -13.70
CA VAL B 304 11.07 -47.11 -12.42
C VAL B 304 11.73 -46.25 -11.35
N GLY B 305 10.93 -45.40 -10.73
CA GLY B 305 11.42 -44.22 -10.04
C GLY B 305 11.42 -44.33 -8.53
N LYS B 306 12.27 -43.56 -7.87
CA LYS B 306 12.46 -43.62 -6.42
C LYS B 306 11.38 -42.91 -5.58
N TYR B 307 10.30 -42.40 -6.18
CA TYR B 307 9.36 -41.47 -5.53
C TYR B 307 7.89 -41.86 -5.69
N THR B 308 7.04 -41.45 -4.73
CA THR B 308 5.62 -41.85 -4.68
C THR B 308 4.76 -41.28 -5.80
N LYS B 309 5.11 -40.11 -6.36
CA LYS B 309 4.47 -39.48 -7.53
C LYS B 309 5.41 -38.47 -8.19
N LEU B 310 5.29 -38.30 -9.50
CA LEU B 310 5.87 -37.18 -10.27
C LEU B 310 5.15 -35.85 -10.01
N ARG B 311 5.83 -34.89 -9.37
CA ARG B 311 5.58 -33.46 -9.58
C ARG B 311 6.60 -33.00 -10.64
N ASP B 312 7.89 -33.13 -10.32
CA ASP B 312 9.04 -32.76 -11.17
C ASP B 312 10.31 -33.56 -10.85
N CYS B 313 10.25 -34.69 -10.16
CA CYS B 313 11.44 -35.43 -9.67
C CYS B 313 12.38 -35.93 -10.77
N TYR B 314 11.82 -36.08 -11.97
CA TYR B 314 12.46 -36.58 -13.18
C TYR B 314 12.19 -35.62 -14.35
N ALA B 315 12.00 -34.33 -14.08
CA ALA B 315 11.59 -33.32 -15.04
C ALA B 315 12.45 -33.24 -16.30
N SER B 316 13.78 -33.35 -16.21
CA SER B 316 14.62 -33.34 -17.40
C SER B 316 14.79 -34.74 -18.01
N VAL B 317 14.64 -35.81 -17.23
CA VAL B 317 14.57 -37.19 -17.73
C VAL B 317 13.38 -37.37 -18.67
N PHE B 318 12.22 -36.83 -18.27
CA PHE B 318 11.02 -36.74 -19.07
C PHE B 318 11.27 -35.88 -20.31
N LYS B 319 11.84 -34.68 -20.18
CA LYS B 319 12.13 -33.83 -21.35
C LYS B 319 13.11 -34.48 -22.33
N ALA B 320 14.14 -35.20 -21.90
CA ALA B 320 15.02 -35.95 -22.78
C ALA B 320 14.33 -37.10 -23.55
N LEU B 321 13.37 -37.77 -22.93
CA LEU B 321 12.50 -38.73 -23.61
C LEU B 321 11.57 -38.04 -24.61
N GLU B 322 10.99 -36.89 -24.28
CA GLU B 322 10.18 -36.11 -25.21
C GLU B 322 10.98 -35.61 -26.41
N HIS B 323 12.18 -35.08 -26.23
CA HIS B 323 13.00 -34.63 -27.36
C HIS B 323 13.26 -35.81 -28.30
N SER B 324 13.55 -36.96 -27.73
CA SER B 324 13.82 -38.20 -28.45
C SER B 324 12.59 -38.73 -29.17
N ALA B 325 11.41 -38.70 -28.55
CA ALA B 325 10.16 -39.12 -29.17
C ALA B 325 9.70 -38.17 -30.29
N LEU B 326 9.87 -36.86 -30.14
CA LEU B 326 9.64 -35.87 -31.19
C LEU B 326 10.56 -36.14 -32.39
N ALA B 327 11.85 -36.36 -32.14
CA ALA B 327 12.84 -36.66 -33.15
C ALA B 327 12.58 -37.98 -33.89
N ILE B 328 11.81 -38.87 -33.29
CA ILE B 328 11.43 -40.20 -33.79
C ILE B 328 9.95 -40.22 -34.24
N ASN B 329 9.28 -39.06 -34.23
CA ASN B 329 7.90 -38.84 -34.61
C ASN B 329 6.91 -39.80 -33.92
N HIS B 330 7.04 -39.99 -32.62
CA HIS B 330 6.13 -40.74 -31.75
C HIS B 330 5.68 -39.88 -30.57
N LYS B 331 4.45 -40.06 -30.08
CA LYS B 331 4.03 -39.49 -28.81
C LYS B 331 4.57 -40.36 -27.69
N LEU B 332 5.38 -39.80 -26.81
CA LEU B 332 5.85 -40.51 -25.63
C LEU B 332 4.66 -40.79 -24.71
N ASN B 333 4.57 -41.99 -24.20
CA ASN B 333 3.74 -42.31 -23.04
C ASN B 333 4.68 -42.75 -21.92
N LEU B 334 4.71 -41.99 -20.82
CA LEU B 334 5.57 -42.24 -19.68
C LEU B 334 4.80 -42.96 -18.58
N MET B 335 4.94 -44.27 -18.53
CA MET B 335 4.37 -45.11 -17.49
C MET B 335 5.27 -45.03 -16.26
N TYR B 336 4.96 -44.13 -15.35
CA TYR B 336 5.72 -43.99 -14.12
C TYR B 336 5.38 -45.09 -13.14
N ILE B 337 6.38 -45.76 -12.59
CA ILE B 337 6.22 -46.74 -11.54
C ILE B 337 6.97 -46.26 -10.31
N ASP B 338 6.26 -46.02 -9.22
CA ASP B 338 6.86 -45.89 -7.89
C ASP B 338 7.51 -47.24 -7.53
N SER B 339 8.84 -47.32 -7.64
CA SER B 339 9.63 -48.57 -7.68
C SER B 339 9.32 -49.58 -6.58
N ILE B 340 9.05 -49.11 -5.36
CA ILE B 340 8.68 -49.94 -4.21
C ILE B 340 7.46 -50.83 -4.49
N ASP B 341 6.52 -50.40 -5.34
CA ASP B 341 5.31 -51.14 -5.68
C ASP B 341 5.58 -52.36 -6.60
N LEU B 342 6.79 -52.55 -7.12
CA LEU B 342 7.20 -53.79 -7.75
C LEU B 342 7.72 -54.85 -6.76
N GLU B 343 8.11 -54.46 -5.53
CA GLU B 343 8.67 -55.40 -4.55
C GLU B 343 7.67 -56.49 -4.14
N LYS B 344 8.08 -57.77 -4.23
CA LYS B 344 7.34 -58.95 -3.75
C LYS B 344 6.82 -58.85 -2.31
N ILE B 345 7.53 -58.08 -1.48
CA ILE B 345 7.17 -57.75 -0.09
C ILE B 345 5.81 -57.03 -0.01
N THR B 346 5.53 -56.05 -0.88
CA THR B 346 4.33 -55.21 -0.78
C THR B 346 3.02 -55.98 -0.99
N GLU B 347 3.01 -57.11 -1.69
CA GLU B 347 1.81 -57.94 -1.92
C GLU B 347 1.20 -58.48 -0.60
N THR B 348 1.99 -58.52 0.47
CA THR B 348 1.54 -58.89 1.83
C THR B 348 0.78 -57.76 2.55
N GLU B 349 0.65 -56.57 1.96
CA GLU B 349 0.09 -55.38 2.60
C GLU B 349 -0.77 -54.51 1.67
N ASP B 350 -0.46 -54.41 0.38
CA ASP B 350 -1.27 -53.75 -0.65
C ASP B 350 -1.15 -54.44 -2.02
N PRO B 351 -1.76 -55.64 -2.20
CA PRO B 351 -1.67 -56.41 -3.43
C PRO B 351 -2.28 -55.72 -4.65
N VAL B 352 -3.28 -54.85 -4.48
CA VAL B 352 -3.86 -54.07 -5.60
C VAL B 352 -2.79 -53.17 -6.25
N LYS B 353 -1.99 -52.44 -5.46
CA LYS B 353 -0.89 -51.61 -5.99
C LYS B 353 0.25 -52.44 -6.59
N PHE B 354 0.52 -53.61 -6.02
CA PHE B 354 1.52 -54.55 -6.55
C PHE B 354 1.16 -55.08 -7.95
N HIS B 355 -0.06 -55.56 -8.15
CA HIS B 355 -0.46 -56.03 -9.48
C HIS B 355 -0.55 -54.87 -10.49
N GLU B 356 -0.96 -53.68 -10.05
CA GLU B 356 -1.04 -52.48 -10.88
C GLU B 356 0.32 -52.04 -11.42
N ALA B 357 1.36 -52.04 -10.58
CA ALA B 357 2.72 -51.74 -10.99
C ALA B 357 3.28 -52.74 -12.02
N TRP B 358 3.05 -54.05 -11.82
CA TRP B 358 3.50 -55.07 -12.75
C TRP B 358 2.74 -55.08 -14.07
N GLN B 359 1.45 -54.78 -14.08
CA GLN B 359 0.72 -54.59 -15.33
C GLN B 359 1.32 -53.43 -16.14
N LYS B 360 1.57 -52.27 -15.51
CA LYS B 360 2.22 -51.12 -16.18
C LYS B 360 3.62 -51.47 -16.70
N LEU B 361 4.44 -52.19 -15.95
CA LEU B 361 5.74 -52.65 -16.41
C LEU B 361 5.63 -53.62 -17.60
N CYS B 362 4.65 -54.52 -17.60
CA CYS B 362 4.44 -55.48 -18.68
C CYS B 362 3.96 -54.83 -19.99
N LYS B 363 3.34 -53.63 -19.97
CA LYS B 363 2.99 -52.85 -21.17
C LYS B 363 4.21 -52.34 -21.97
N ALA B 364 5.37 -52.19 -21.32
CA ALA B 364 6.51 -51.40 -21.79
C ALA B 364 7.06 -51.77 -23.18
N ASP B 365 7.29 -50.76 -24.01
CA ASP B 365 8.12 -50.83 -25.21
C ASP B 365 9.61 -50.64 -24.90
N GLY B 366 9.94 -50.05 -23.74
CA GLY B 366 11.29 -49.88 -23.20
C GLY B 366 11.24 -49.56 -21.69
N ILE B 367 12.34 -49.78 -20.98
CA ILE B 367 12.48 -49.49 -19.54
C ILE B 367 13.60 -48.48 -19.28
N LEU B 368 13.33 -47.49 -18.44
CA LEU B 368 14.28 -46.49 -17.96
C LEU B 368 14.40 -46.58 -16.45
N VAL B 369 15.58 -46.90 -15.94
CA VAL B 369 15.84 -46.84 -14.51
C VAL B 369 16.71 -45.62 -14.25
N PRO B 370 16.14 -44.53 -13.74
CA PRO B 370 16.88 -43.31 -13.53
C PRO B 370 17.68 -43.32 -12.23
N GLY B 371 18.56 -42.33 -12.12
CA GLY B 371 19.45 -42.16 -10.98
C GLY B 371 18.74 -41.83 -9.66
N GLY B 372 19.52 -41.85 -8.60
CA GLY B 372 19.07 -41.60 -7.24
C GLY B 372 20.11 -42.04 -6.22
N PHE B 373 19.76 -42.00 -4.95
CA PHE B 373 20.57 -42.40 -3.81
C PHE B 373 19.73 -43.14 -2.76
N GLY B 374 20.34 -44.00 -1.97
CA GLY B 374 19.73 -44.69 -0.81
C GLY B 374 19.18 -46.09 -1.09
N ILE B 375 18.77 -46.77 -0.02
CA ILE B 375 18.21 -48.13 -0.08
C ILE B 375 16.86 -48.15 -0.81
N ARG B 376 16.05 -47.10 -0.62
CA ARG B 376 14.65 -47.03 -1.03
C ARG B 376 14.47 -47.31 -2.52
N GLY B 377 13.56 -48.21 -2.87
CA GLY B 377 13.22 -48.53 -4.25
C GLY B 377 14.23 -49.38 -5.00
N THR B 378 15.44 -49.60 -4.46
CA THR B 378 16.48 -50.39 -5.13
C THR B 378 16.03 -51.82 -5.41
N LEU B 379 15.35 -52.48 -4.48
CA LEU B 379 14.89 -53.85 -4.70
C LEU B 379 13.86 -53.90 -5.82
N GLY B 380 12.97 -52.91 -5.91
CA GLY B 380 11.97 -52.80 -6.97
C GLY B 380 12.56 -52.48 -8.35
N LYS B 381 13.52 -51.54 -8.40
CA LYS B 381 14.38 -51.29 -9.56
C LYS B 381 15.05 -52.58 -10.03
N LEU B 382 15.67 -53.36 -9.15
CA LEU B 382 16.31 -54.62 -9.53
C LEU B 382 15.33 -55.61 -10.20
N GLN B 383 14.11 -55.70 -9.69
CA GLN B 383 13.10 -56.59 -10.28
C GLN B 383 12.73 -56.11 -11.70
N ALA B 384 12.62 -54.79 -11.92
CA ALA B 384 12.39 -54.26 -13.26
C ALA B 384 13.58 -54.39 -14.21
N ILE B 385 14.82 -54.30 -13.73
CA ILE B 385 16.01 -54.46 -14.58
C ILE B 385 16.09 -55.90 -15.07
N SER B 386 15.92 -56.84 -14.15
CA SER B 386 15.90 -58.27 -14.42
C SER B 386 14.71 -58.68 -15.30
N TRP B 387 13.54 -58.06 -15.15
CA TRP B 387 12.45 -58.19 -16.12
C TRP B 387 12.89 -57.70 -17.51
N ALA B 388 13.52 -56.53 -17.60
CA ALA B 388 13.98 -55.97 -18.85
C ALA B 388 14.97 -56.88 -19.59
N ARG B 389 15.93 -57.46 -18.86
CA ARG B 389 16.94 -58.38 -19.38
C ARG B 389 16.34 -59.73 -19.79
N THR B 390 15.57 -60.37 -18.92
CA THR B 390 14.99 -61.69 -19.19
C THR B 390 13.91 -61.65 -20.26
N LYS B 391 13.01 -60.67 -20.23
CA LYS B 391 11.93 -60.50 -21.21
C LYS B 391 12.31 -59.71 -22.46
N LYS B 392 13.61 -59.50 -22.71
CA LYS B 392 14.21 -58.93 -23.94
C LYS B 392 13.77 -57.50 -24.32
N ILE B 393 13.41 -56.68 -23.32
CA ILE B 393 12.90 -55.31 -23.46
C ILE B 393 14.07 -54.31 -23.57
N PRO B 394 14.02 -53.28 -24.46
CA PRO B 394 15.01 -52.21 -24.51
C PRO B 394 15.21 -51.49 -23.16
N PHE B 395 16.45 -51.11 -22.83
CA PHE B 395 16.79 -50.66 -21.49
C PHE B 395 17.84 -49.55 -21.44
N LEU B 396 17.55 -48.50 -20.67
CA LEU B 396 18.53 -47.50 -20.25
C LEU B 396 18.58 -47.40 -18.72
N GLY B 397 19.77 -47.59 -18.17
CA GLY B 397 20.07 -47.38 -16.75
C GLY B 397 20.92 -46.13 -16.57
N VAL B 398 20.45 -45.16 -15.80
CA VAL B 398 21.17 -43.91 -15.55
C VAL B 398 21.65 -43.86 -14.11
N CYS B 399 22.94 -43.63 -13.92
CA CYS B 399 23.61 -43.56 -12.63
C CYS B 399 23.29 -44.74 -11.71
N LEU B 400 22.37 -44.61 -10.74
CA LEU B 400 21.94 -45.75 -9.94
C LEU B 400 21.42 -46.92 -10.79
N GLY B 401 20.64 -46.67 -11.85
CA GLY B 401 20.16 -47.72 -12.73
C GLY B 401 21.26 -48.50 -13.46
N MET B 402 22.44 -47.89 -13.61
CA MET B 402 23.65 -48.52 -14.15
C MET B 402 24.36 -49.36 -13.08
N GLN B 403 24.50 -48.83 -11.88
CA GLN B 403 25.10 -49.54 -10.76
C GLN B 403 24.31 -50.81 -10.43
N LEU B 404 22.98 -50.70 -10.36
CA LEU B 404 22.08 -51.84 -10.21
C LEU B 404 22.17 -52.81 -11.40
N ALA B 405 22.40 -52.34 -12.63
CA ALA B 405 22.56 -53.21 -13.79
C ALA B 405 23.94 -53.92 -13.84
N VAL B 406 24.98 -53.42 -13.17
CA VAL B 406 26.20 -54.20 -12.91
C VAL B 406 25.95 -55.23 -11.82
N ILE B 407 25.30 -54.82 -10.73
CA ILE B 407 24.96 -55.68 -9.59
C ILE B 407 24.12 -56.87 -10.03
N GLU B 408 23.01 -56.67 -10.72
CA GLU B 408 22.12 -57.78 -11.04
C GLU B 408 22.72 -58.75 -12.05
N PHE B 409 23.61 -58.29 -12.93
CA PHE B 409 24.33 -59.20 -13.83
C PHE B 409 25.36 -60.03 -13.06
N ALA B 410 26.02 -59.50 -12.03
CA ALA B 410 26.83 -60.33 -11.15
C ALA B 410 25.97 -61.32 -10.36
N ARG B 411 24.88 -60.88 -9.73
CA ARG B 411 23.96 -61.73 -8.96
C ARG B 411 23.35 -62.86 -9.80
N ASN B 412 22.67 -62.52 -10.89
CA ASN B 412 21.87 -63.43 -11.69
C ASN B 412 22.60 -64.06 -12.89
N CYS B 413 23.68 -63.48 -13.41
CA CYS B 413 24.36 -64.03 -14.61
C CYS B 413 25.80 -64.56 -14.38
N LEU B 414 26.50 -64.13 -13.35
CA LEU B 414 27.77 -64.74 -12.89
C LEU B 414 27.60 -65.65 -11.66
N ASN B 415 26.39 -65.68 -11.08
CA ASN B 415 26.06 -66.36 -9.81
C ASN B 415 26.95 -65.95 -8.64
N LEU B 416 27.33 -64.67 -8.59
CA LEU B 416 28.05 -64.01 -7.48
C LEU B 416 27.03 -63.39 -6.52
N LYS B 417 26.04 -64.16 -6.03
CA LYS B 417 24.82 -63.60 -5.41
C LYS B 417 25.00 -62.94 -4.04
N ASP B 418 26.17 -63.06 -3.43
CA ASP B 418 26.58 -62.23 -2.28
C ASP B 418 27.03 -60.80 -2.68
N ALA B 419 27.11 -60.47 -3.98
CA ALA B 419 27.46 -59.15 -4.50
C ALA B 419 26.36 -58.10 -4.29
N ASP B 420 26.79 -56.96 -3.76
CA ASP B 420 25.93 -55.84 -3.40
C ASP B 420 26.70 -54.51 -3.45
N SER B 421 25.98 -53.41 -3.27
CA SER B 421 26.48 -52.04 -3.19
C SER B 421 27.31 -51.77 -1.91
N THR B 422 27.66 -50.51 -1.69
CA THR B 422 28.26 -49.99 -0.45
C THR B 422 27.44 -48.83 0.12
N GLU B 423 26.61 -48.12 -0.66
CA GLU B 423 25.67 -47.12 -0.12
C GLU B 423 24.52 -47.79 0.64
N PHE B 424 24.07 -48.93 0.10
CA PHE B 424 23.18 -49.91 0.69
C PHE B 424 24.00 -51.17 0.98
N ARG B 425 23.81 -51.77 2.16
CA ARG B 425 24.66 -52.82 2.77
C ARG B 425 26.17 -52.51 2.77
N PRO B 426 26.63 -51.50 3.53
CA PRO B 426 28.03 -51.03 3.51
C PRO B 426 29.07 -52.07 3.98
N ASN B 427 28.64 -53.14 4.63
CA ASN B 427 29.43 -54.27 5.11
C ASN B 427 29.57 -55.42 4.08
N ALA B 428 29.24 -55.22 2.80
CA ALA B 428 29.03 -56.32 1.83
C ALA B 428 30.18 -57.35 1.77
N PRO B 429 29.89 -58.67 1.70
CA PRO B 429 30.91 -59.72 1.56
C PRO B 429 31.78 -59.59 0.31
N VAL B 430 31.23 -59.18 -0.82
CA VAL B 430 31.96 -58.84 -2.05
C VAL B 430 31.43 -57.51 -2.64
N PRO B 431 32.01 -56.36 -2.29
CA PRO B 431 31.45 -55.04 -2.60
C PRO B 431 31.72 -54.68 -4.06
N LEU B 432 30.74 -54.95 -4.91
CA LEU B 432 30.81 -54.79 -6.36
C LEU B 432 30.59 -53.34 -6.81
N VAL B 433 29.81 -52.57 -6.07
CA VAL B 433 29.70 -51.12 -6.22
C VAL B 433 30.20 -50.46 -4.94
N ILE B 434 31.12 -49.51 -5.05
CA ILE B 434 31.92 -48.95 -3.95
C ILE B 434 31.89 -47.43 -3.93
N ASP B 435 32.02 -46.85 -2.74
CA ASP B 435 32.31 -45.43 -2.53
C ASP B 435 33.70 -45.11 -3.11
N MET B 436 33.81 -44.18 -4.05
CA MET B 436 35.09 -43.80 -4.67
C MET B 436 35.14 -42.30 -5.02
N PRO B 437 35.10 -41.41 -4.02
CA PRO B 437 34.97 -39.97 -4.23
C PRO B 437 36.19 -39.35 -4.94
N GLU B 438 35.98 -38.25 -5.66
CA GLU B 438 37.05 -37.47 -6.28
C GLU B 438 37.86 -36.73 -5.23
N HIS B 439 39.18 -36.75 -5.39
CA HIS B 439 40.14 -36.11 -4.48
C HIS B 439 41.21 -35.35 -5.28
N ASN B 440 41.52 -34.13 -4.84
CA ASN B 440 42.38 -33.16 -5.52
C ASN B 440 43.20 -32.34 -4.49
N PRO B 441 44.36 -31.77 -4.88
CA PRO B 441 44.93 -30.61 -4.20
C PRO B 441 43.91 -29.47 -4.04
N GLY B 442 44.03 -28.70 -2.96
CA GLY B 442 43.18 -27.54 -2.67
C GLY B 442 41.74 -27.86 -2.26
N ASN B 443 41.43 -29.12 -1.95
CA ASN B 443 40.14 -29.59 -1.43
C ASN B 443 40.35 -30.43 -0.14
N LEU B 444 39.42 -30.38 0.81
CA LEU B 444 39.49 -31.15 2.06
C LEU B 444 38.68 -32.45 1.97
N GLY B 445 39.33 -33.60 2.12
CA GLY B 445 38.74 -34.93 2.01
C GLY B 445 38.27 -35.30 0.60
N GLY B 446 37.51 -36.39 0.49
CA GLY B 446 36.87 -36.84 -0.75
C GLY B 446 35.54 -36.12 -1.03
N THR B 447 35.23 -35.91 -2.31
CA THR B 447 34.13 -35.07 -2.83
C THR B 447 33.40 -35.78 -3.97
N MET B 448 32.17 -35.37 -4.32
CA MET B 448 31.41 -36.01 -5.41
C MET B 448 32.06 -35.84 -6.79
N ARG B 449 31.92 -36.84 -7.65
CA ARG B 449 32.12 -36.73 -9.09
C ARG B 449 30.92 -35.98 -9.63
N LEU B 450 31.12 -34.70 -9.88
CA LEU B 450 30.07 -33.69 -9.98
C LEU B 450 30.37 -32.70 -11.11
N GLY B 451 29.48 -32.57 -12.07
CA GLY B 451 29.69 -31.75 -13.27
C GLY B 451 30.31 -32.50 -14.44
N ILE B 452 30.83 -31.77 -15.43
CA ILE B 452 31.26 -32.35 -16.70
C ILE B 452 32.64 -33.01 -16.61
N ARG B 453 32.74 -34.24 -17.13
CA ARG B 453 33.93 -35.09 -17.12
C ARG B 453 34.05 -35.78 -18.47
N ARG B 454 35.26 -35.99 -18.99
CA ARG B 454 35.48 -36.76 -20.22
C ARG B 454 35.39 -38.26 -19.94
N THR B 455 34.50 -38.95 -20.63
CA THR B 455 34.35 -40.42 -20.63
C THR B 455 34.77 -40.95 -22.00
N VAL B 456 35.72 -41.88 -22.02
CA VAL B 456 36.43 -42.34 -23.23
C VAL B 456 35.93 -43.73 -23.61
N PHE B 457 35.63 -43.95 -24.89
CA PHE B 457 35.22 -45.28 -25.36
C PHE B 457 36.39 -46.27 -25.41
N LYS B 458 36.16 -47.48 -24.91
CA LYS B 458 37.13 -48.59 -24.90
C LYS B 458 37.22 -49.34 -26.24
N THR B 459 36.18 -49.27 -27.06
CA THR B 459 36.00 -50.09 -28.25
C THR B 459 35.18 -49.34 -29.31
N GLU B 460 35.38 -49.65 -30.58
CA GLU B 460 34.50 -49.23 -31.66
C GLU B 460 33.19 -50.01 -31.68
N ASN B 461 33.12 -51.16 -31.03
CA ASN B 461 31.97 -52.08 -31.01
C ASN B 461 30.93 -51.69 -29.93
N SER B 462 30.47 -50.46 -29.96
CA SER B 462 29.47 -49.90 -29.05
C SER B 462 28.32 -49.22 -29.80
N ILE B 463 27.09 -49.53 -29.42
CA ILE B 463 25.92 -48.83 -29.95
C ILE B 463 25.94 -47.37 -29.50
N LEU B 464 26.29 -47.06 -28.24
CA LEU B 464 26.41 -45.68 -27.81
C LEU B 464 27.46 -44.92 -28.61
N ARG B 465 28.63 -45.49 -28.90
CA ARG B 465 29.62 -44.83 -29.78
C ARG B 465 29.03 -44.50 -31.15
N LYS B 466 28.23 -45.39 -31.74
CA LYS B 466 27.52 -45.11 -32.99
C LYS B 466 26.50 -43.99 -32.83
N LEU B 467 25.67 -44.02 -31.80
CA LEU B 467 24.69 -42.96 -31.53
C LEU B 467 25.35 -41.60 -31.24
N TYR B 468 26.50 -41.56 -30.59
CA TYR B 468 27.33 -40.36 -30.39
C TYR B 468 28.15 -39.93 -31.64
N GLY B 469 27.89 -40.46 -32.83
CA GLY B 469 28.54 -40.00 -34.06
C GLY B 469 29.93 -40.55 -34.35
N ASP B 470 30.25 -41.71 -33.77
CA ASP B 470 31.52 -42.43 -33.97
C ASP B 470 32.75 -41.65 -33.46
N VAL B 471 32.54 -40.77 -32.47
CA VAL B 471 33.54 -39.90 -31.83
C VAL B 471 34.40 -40.70 -30.82
N PRO B 472 35.70 -40.39 -30.59
CA PRO B 472 36.57 -41.12 -29.66
C PRO B 472 36.19 -41.09 -28.17
N PHE B 473 35.51 -40.03 -27.74
CA PHE B 473 35.13 -39.76 -26.34
C PHE B 473 33.93 -38.83 -26.30
N ILE B 474 33.31 -38.69 -25.14
CA ILE B 474 32.21 -37.77 -24.87
C ILE B 474 32.49 -37.00 -23.59
N GLU B 475 31.97 -35.79 -23.50
CA GLU B 475 31.89 -35.04 -22.25
C GLU B 475 30.43 -34.98 -21.79
N GLU B 476 30.16 -35.45 -20.58
CA GLU B 476 28.81 -35.56 -20.02
C GLU B 476 28.83 -35.29 -18.52
N ARG B 477 27.67 -35.00 -17.93
CA ARG B 477 27.57 -34.53 -16.54
C ARG B 477 27.31 -35.66 -15.57
N HIS B 478 28.02 -35.66 -14.45
CA HIS B 478 28.02 -36.68 -13.41
C HIS B 478 27.52 -36.11 -12.09
N ARG B 479 26.91 -36.91 -11.22
CA ARG B 479 26.53 -36.57 -9.83
C ARG B 479 26.42 -37.83 -8.98
N HIS B 480 27.55 -38.33 -8.50
CA HIS B 480 27.62 -39.51 -7.62
C HIS B 480 28.95 -39.59 -6.84
N ARG B 481 28.93 -40.32 -5.73
CA ARG B 481 30.11 -40.80 -4.99
C ARG B 481 30.56 -42.19 -5.43
N PHE B 482 29.61 -43.03 -5.78
CA PHE B 482 29.76 -44.46 -5.95
C PHE B 482 30.14 -44.84 -7.39
N GLU B 483 30.74 -46.02 -7.55
CA GLU B 483 31.30 -46.56 -8.79
C GLU B 483 31.26 -48.09 -8.76
N VAL B 484 31.32 -48.78 -9.89
CA VAL B 484 31.70 -50.21 -9.90
C VAL B 484 33.13 -50.36 -9.38
N ASN B 485 33.34 -51.36 -8.52
CA ASN B 485 34.63 -51.77 -7.99
C ASN B 485 35.59 -52.13 -9.14
N PRO B 486 36.70 -51.39 -9.34
CA PRO B 486 37.64 -51.65 -10.42
C PRO B 486 38.36 -52.99 -10.33
N ASN B 487 38.49 -53.57 -9.14
CA ASN B 487 39.14 -54.86 -8.94
C ASN B 487 38.24 -56.05 -9.34
N LEU B 488 36.92 -55.90 -9.23
CA LEU B 488 35.95 -56.93 -9.60
C LEU B 488 35.55 -56.89 -11.09
N ILE B 489 36.15 -56.03 -11.91
CA ILE B 489 35.89 -55.95 -13.35
C ILE B 489 36.28 -57.25 -14.08
N LYS B 490 37.27 -57.99 -13.58
CA LYS B 490 37.75 -59.23 -14.21
C LYS B 490 36.66 -60.29 -14.33
N GLN B 491 35.77 -60.39 -13.34
CA GLN B 491 34.68 -61.37 -13.34
C GLN B 491 33.72 -61.19 -14.53
N PHE B 492 33.70 -60.04 -15.20
CA PHE B 492 32.81 -59.79 -16.33
C PHE B 492 33.38 -60.24 -17.69
N GLU B 493 34.71 -60.29 -17.90
CA GLU B 493 35.28 -60.39 -19.25
C GLU B 493 34.94 -61.68 -20.03
N GLN B 494 34.56 -62.76 -19.35
CA GLN B 494 34.08 -64.00 -20.00
C GLN B 494 32.64 -63.89 -20.54
N ASN B 495 31.84 -62.96 -20.05
CA ASN B 495 30.38 -63.02 -20.13
C ASN B 495 29.74 -61.76 -20.74
N ASP B 496 28.42 -61.73 -20.85
CA ASP B 496 27.70 -60.92 -21.85
C ASP B 496 27.70 -59.40 -21.59
N LEU B 497 27.81 -58.97 -20.35
CA LEU B 497 27.89 -57.56 -19.99
C LEU B 497 29.31 -57.03 -20.20
N SER B 498 29.46 -56.18 -21.21
CA SER B 498 30.69 -55.45 -21.48
C SER B 498 30.73 -54.09 -20.77
N PHE B 499 31.92 -53.59 -20.49
CA PHE B 499 32.16 -52.17 -20.20
C PHE B 499 32.74 -51.52 -21.46
N VAL B 500 32.17 -50.40 -21.89
CA VAL B 500 32.53 -49.71 -23.14
C VAL B 500 32.98 -48.27 -22.94
N GLY B 501 32.80 -47.68 -21.77
CA GLY B 501 33.26 -46.33 -21.46
C GLY B 501 34.00 -46.27 -20.13
N GLN B 502 35.04 -45.46 -20.08
CA GLN B 502 35.98 -45.40 -18.97
C GLN B 502 36.42 -43.95 -18.70
N ASP B 503 36.78 -43.61 -17.47
CA ASP B 503 37.35 -42.30 -17.17
C ASP B 503 38.72 -42.11 -17.82
N VAL B 504 39.14 -40.87 -18.05
CA VAL B 504 40.48 -40.54 -18.55
C VAL B 504 41.59 -40.96 -17.59
N ASP B 505 41.35 -41.07 -16.28
CA ASP B 505 42.33 -41.63 -15.34
C ASP B 505 42.40 -43.16 -15.38
N GLY B 506 41.45 -43.80 -16.06
CA GLY B 506 41.24 -45.24 -16.10
C GLY B 506 40.54 -45.82 -14.87
N ASP B 507 40.50 -45.10 -13.77
CA ASP B 507 40.08 -45.54 -12.43
C ASP B 507 38.61 -46.00 -12.33
N ARG B 508 37.75 -45.57 -13.25
CA ARG B 508 36.29 -45.70 -13.17
C ARG B 508 35.72 -46.20 -14.50
N MET B 509 34.82 -47.18 -14.47
CA MET B 509 34.08 -47.64 -15.64
C MET B 509 32.69 -47.01 -15.65
N GLU B 510 32.34 -46.40 -16.78
CA GLU B 510 31.31 -45.37 -16.84
C GLU B 510 30.20 -45.65 -17.86
N ILE B 511 30.35 -46.64 -18.74
CA ILE B 511 29.31 -47.12 -19.63
C ILE B 511 29.38 -48.65 -19.73
N ILE B 512 28.25 -49.34 -19.66
CA ILE B 512 28.09 -50.78 -19.90
C ILE B 512 27.14 -51.05 -21.06
N GLU B 513 27.38 -52.11 -21.83
CA GLU B 513 26.43 -52.63 -22.81
C GLU B 513 26.29 -54.16 -22.71
N LEU B 514 25.06 -54.65 -22.65
CA LEU B 514 24.76 -56.08 -22.64
C LEU B 514 24.59 -56.60 -24.07
N ALA B 515 25.40 -57.57 -24.46
CA ALA B 515 25.32 -58.20 -25.77
C ALA B 515 24.04 -59.05 -25.94
N ASN B 516 23.75 -59.47 -27.18
CA ASN B 516 22.66 -60.39 -27.52
C ASN B 516 21.28 -59.88 -27.08
N HIS B 517 21.07 -58.57 -27.17
CA HIS B 517 19.88 -57.85 -26.73
C HIS B 517 19.61 -56.68 -27.69
N PRO B 518 18.34 -56.28 -27.93
CA PRO B 518 18.03 -55.18 -28.85
C PRO B 518 18.78 -53.89 -28.51
N TYR B 519 18.73 -53.48 -27.26
CA TYR B 519 19.46 -52.34 -26.71
C TYR B 519 19.40 -52.41 -25.18
N PHE B 520 20.52 -52.59 -24.50
CA PHE B 520 20.59 -52.58 -23.04
C PHE B 520 21.92 -51.98 -22.66
N VAL B 521 21.84 -50.79 -22.07
CA VAL B 521 22.98 -49.94 -21.78
C VAL B 521 22.76 -49.26 -20.45
N GLY B 522 23.85 -49.00 -19.75
CA GLY B 522 23.86 -48.15 -18.59
C GLY B 522 25.00 -47.16 -18.66
N VAL B 523 24.77 -45.96 -18.14
CA VAL B 523 25.74 -44.86 -18.10
C VAL B 523 25.84 -44.30 -16.69
N GLN B 524 27.02 -43.88 -16.25
CA GLN B 524 27.17 -43.23 -14.95
C GLN B 524 26.77 -41.74 -14.98
N PHE B 525 27.07 -41.04 -16.06
CA PHE B 525 26.58 -39.69 -16.31
C PHE B 525 25.05 -39.65 -16.49
N HIS B 526 24.46 -38.48 -16.29
CA HIS B 526 23.08 -38.10 -16.60
C HIS B 526 23.01 -37.44 -17.99
N PRO B 527 22.66 -38.16 -19.08
CA PRO B 527 22.64 -37.56 -20.41
C PRO B 527 21.50 -36.55 -20.62
N GLU B 528 20.48 -36.52 -19.77
CA GLU B 528 19.32 -35.65 -19.94
C GLU B 528 19.64 -34.16 -19.76
N PHE B 529 20.62 -33.81 -18.93
CA PHE B 529 21.03 -32.44 -18.69
C PHE B 529 21.69 -31.80 -19.91
N SER B 530 22.30 -32.62 -20.76
CA SER B 530 22.91 -32.22 -22.03
C SER B 530 21.96 -32.24 -23.22
N SER B 531 20.76 -32.76 -23.05
CA SER B 531 19.73 -32.90 -24.08
C SER B 531 19.12 -31.55 -24.46
N ARG B 532 18.72 -31.36 -25.71
CA ARG B 532 18.12 -30.12 -26.23
C ARG B 532 16.97 -30.46 -27.18
N PRO B 533 15.89 -29.65 -27.26
CA PRO B 533 14.73 -29.96 -28.09
C PRO B 533 15.04 -30.25 -29.56
N MET B 534 15.96 -29.50 -30.16
CA MET B 534 16.39 -29.67 -31.56
C MET B 534 17.32 -30.86 -31.80
N LYS B 535 17.94 -31.41 -30.75
CA LYS B 535 18.93 -32.50 -30.86
C LYS B 535 18.98 -33.36 -29.58
N PRO B 536 18.31 -34.52 -29.57
CA PRO B 536 18.24 -35.39 -28.40
C PRO B 536 19.60 -35.89 -27.92
N SER B 537 19.68 -36.23 -26.65
CA SER B 537 20.82 -36.88 -26.00
C SER B 537 20.90 -38.35 -26.44
N PRO B 538 21.97 -38.80 -27.10
CA PRO B 538 22.07 -40.11 -27.75
C PRO B 538 21.61 -41.33 -26.97
N PRO B 539 21.87 -41.52 -25.65
CA PRO B 539 21.37 -42.68 -24.94
C PRO B 539 19.83 -42.77 -24.88
N TYR B 540 19.13 -41.64 -24.80
CA TYR B 540 17.67 -41.58 -24.80
C TYR B 540 17.11 -41.76 -26.22
N LEU B 541 17.79 -41.21 -27.22
CA LEU B 541 17.47 -41.41 -28.62
C LEU B 541 17.58 -42.88 -29.00
N GLY B 542 18.65 -43.56 -28.60
CA GLY B 542 18.82 -44.99 -28.74
C GLY B 542 17.74 -45.81 -28.05
N LEU B 543 17.34 -45.45 -26.84
CA LEU B 543 16.28 -46.13 -26.10
C LEU B 543 14.94 -46.03 -26.83
N LEU B 544 14.57 -44.86 -27.34
CA LEU B 544 13.31 -44.67 -28.05
C LEU B 544 13.35 -45.16 -29.49
N LEU B 545 14.49 -45.11 -30.17
CA LEU B 545 14.71 -45.84 -31.41
C LEU B 545 14.48 -47.35 -31.19
N ALA B 546 15.11 -47.93 -30.18
CA ALA B 546 14.95 -49.34 -29.88
C ALA B 546 13.54 -49.71 -29.44
N ALA B 547 12.83 -48.83 -28.74
CA ALA B 547 11.49 -49.07 -28.23
C ALA B 547 10.47 -49.33 -29.35
N THR B 548 10.35 -48.43 -30.34
CA THR B 548 9.49 -48.65 -31.51
C THR B 548 10.03 -49.74 -32.45
N GLY B 549 11.35 -49.88 -32.54
CA GLY B 549 12.04 -50.88 -33.35
C GLY B 549 12.88 -50.30 -34.49
N ASN B 550 13.10 -48.99 -34.48
CA ASN B 550 13.80 -48.23 -35.51
C ASN B 550 15.34 -48.24 -35.39
N LEU B 551 15.94 -48.72 -34.30
CA LEU B 551 17.39 -48.57 -34.07
C LEU B 551 18.24 -49.24 -35.15
N ASN B 552 17.87 -50.45 -35.56
CA ASN B 552 18.55 -51.21 -36.61
C ASN B 552 18.42 -50.57 -38.01
N ALA B 553 17.43 -49.70 -38.23
CA ALA B 553 17.32 -48.87 -39.41
C ALA B 553 18.05 -47.52 -39.28
N TYR B 554 18.10 -46.92 -38.09
CA TYR B 554 18.84 -45.68 -37.85
C TYR B 554 20.35 -45.84 -38.02
N LEU B 555 20.92 -46.95 -37.56
CA LEU B 555 22.34 -47.27 -37.74
C LEU B 555 22.78 -47.39 -39.23
N GLN B 556 21.86 -47.46 -40.19
CA GLN B 556 22.17 -47.54 -41.62
C GLN B 556 22.47 -46.18 -42.29
N GLN B 557 22.13 -45.05 -41.67
CA GLN B 557 22.36 -43.72 -42.25
C GLN B 557 23.76 -43.20 -41.91
N MET C 1 -1.33 22.38 -24.59
CA MET C 1 -1.06 23.31 -23.47
C MET C 1 -0.15 22.64 -22.46
N LYS C 2 0.75 23.38 -21.82
CA LYS C 2 1.62 22.86 -20.78
C LYS C 2 0.91 22.90 -19.43
N TYR C 3 1.08 21.89 -18.60
CA TYR C 3 0.40 21.74 -17.32
C TYR C 3 1.42 21.39 -16.24
N ILE C 4 1.33 22.05 -15.09
CA ILE C 4 2.16 21.76 -13.92
C ILE C 4 1.21 21.38 -12.79
N LEU C 5 1.11 20.11 -12.43
CA LEU C 5 0.40 19.67 -11.24
C LEU C 5 1.31 19.78 -10.02
N VAL C 6 0.87 20.45 -8.96
CA VAL C 6 1.56 20.57 -7.67
C VAL C 6 0.79 19.76 -6.64
N THR C 7 1.44 18.78 -6.01
CA THR C 7 0.87 17.82 -5.05
C THR C 7 1.62 17.86 -3.74
N GLY C 8 0.98 17.44 -2.65
CA GLY C 8 1.59 17.39 -1.32
C GLY C 8 1.74 15.99 -0.79
N GLY C 9 2.88 15.69 -0.19
CA GLY C 9 3.22 14.34 0.23
C GLY C 9 2.78 13.96 1.62
N VAL C 10 3.32 14.65 2.61
CA VAL C 10 3.46 14.10 3.97
C VAL C 10 2.38 14.59 4.93
N ILE C 11 2.12 15.90 4.89
CA ILE C 11 1.17 16.64 5.72
C ILE C 11 0.64 17.81 4.89
N SER C 12 -0.58 18.27 5.18
CA SER C 12 -1.26 19.24 4.32
C SER C 12 -0.74 20.68 4.41
N GLY C 13 -0.06 21.06 5.49
CA GLY C 13 0.32 22.46 5.78
C GLY C 13 1.68 22.94 5.25
N ILE C 14 2.37 22.14 4.43
CA ILE C 14 3.74 22.37 3.93
C ILE C 14 3.93 23.54 2.96
N GLY C 15 2.87 24.20 2.52
CA GLY C 15 2.96 25.34 1.62
C GLY C 15 2.84 25.03 0.14
N LYS C 16 2.05 24.03 -0.27
CA LYS C 16 1.77 23.74 -1.69
C LYS C 16 1.32 25.00 -2.44
N GLY C 17 0.48 25.80 -1.81
CA GLY C 17 -0.05 27.04 -2.35
C GLY C 17 0.98 28.13 -2.60
N ILE C 18 2.00 28.31 -1.77
CA ILE C 18 3.05 29.28 -2.06
C ILE C 18 4.04 28.74 -3.09
N ILE C 19 4.30 27.43 -3.13
CA ILE C 19 5.07 26.82 -4.21
C ILE C 19 4.36 27.03 -5.54
N ALA C 20 3.11 26.62 -5.69
CA ALA C 20 2.38 26.75 -6.92
C ALA C 20 2.23 28.20 -7.39
N SER C 21 1.97 29.12 -6.46
CA SER C 21 1.94 30.55 -6.77
C SER C 21 3.28 31.03 -7.28
N SER C 22 4.37 30.63 -6.64
CA SER C 22 5.70 31.10 -6.96
C SER C 22 6.23 30.52 -8.26
N ILE C 23 5.91 29.27 -8.58
CA ILE C 23 6.11 28.66 -9.89
C ILE C 23 5.41 29.50 -10.96
N GLY C 24 4.17 29.91 -10.69
CA GLY C 24 3.36 30.75 -11.55
C GLY C 24 3.96 32.13 -11.78
N THR C 25 4.40 32.80 -10.73
CA THR C 25 5.12 34.07 -10.76
C THR C 25 6.40 33.99 -11.56
N ILE C 26 7.15 32.91 -11.40
CA ILE C 26 8.38 32.65 -12.15
C ILE C 26 8.09 32.58 -13.64
N LEU C 27 7.11 31.79 -14.05
CA LEU C 27 6.80 31.55 -15.46
C LEU C 27 6.13 32.77 -16.11
N LYS C 28 5.28 33.49 -15.38
CA LYS C 28 4.82 34.85 -15.69
C LYS C 28 5.98 35.80 -15.90
N SER C 29 6.99 35.79 -15.04
CA SER C 29 8.17 36.67 -15.17
C SER C 29 9.06 36.35 -16.37
N CYS C 30 9.07 35.11 -16.84
CA CYS C 30 9.75 34.66 -18.05
C CYS C 30 9.04 35.09 -19.35
N GLY C 31 7.84 35.67 -19.26
CA GLY C 31 7.06 36.15 -20.38
C GLY C 31 5.96 35.21 -20.87
N LEU C 32 5.59 34.19 -20.09
CA LEU C 32 4.51 33.27 -20.46
C LEU C 32 3.16 33.71 -19.90
N ARG C 33 2.08 33.53 -20.67
CA ARG C 33 0.71 33.72 -20.20
C ARG C 33 0.30 32.55 -19.33
N VAL C 34 0.28 32.73 -18.01
CA VAL C 34 0.05 31.66 -17.05
C VAL C 34 -1.34 31.74 -16.48
N THR C 35 -2.07 30.63 -16.56
CA THR C 35 -3.30 30.41 -15.79
C THR C 35 -3.05 29.47 -14.62
N ALA C 36 -3.98 29.44 -13.66
CA ALA C 36 -3.87 28.63 -12.49
C ALA C 36 -5.23 28.04 -12.12
N ILE C 37 -5.25 26.79 -11.70
CA ILE C 37 -6.41 26.08 -11.17
C ILE C 37 -6.06 25.60 -9.76
N LYS C 38 -7.03 25.58 -8.85
CA LYS C 38 -6.90 24.88 -7.57
C LYS C 38 -7.97 23.83 -7.44
N ILE C 39 -7.58 22.63 -7.05
CA ILE C 39 -8.49 21.60 -6.61
C ILE C 39 -8.59 21.67 -5.09
N ASP C 40 -9.79 21.91 -4.58
CA ASP C 40 -10.14 21.76 -3.18
C ASP C 40 -10.98 20.49 -3.03
N PRO C 41 -10.45 19.38 -2.50
CA PRO C 41 -11.20 18.13 -2.43
C PRO C 41 -12.35 18.11 -1.41
N TYR C 42 -12.78 19.27 -0.91
CA TYR C 42 -13.95 19.42 -0.07
C TYR C 42 -15.27 19.42 -0.87
N ILE C 43 -16.38 19.15 -0.19
CA ILE C 43 -17.70 18.97 -0.81
C ILE C 43 -18.47 20.28 -0.95
N ASN C 44 -18.03 21.35 -0.31
CA ASN C 44 -18.59 22.68 -0.58
C ASN C 44 -18.46 23.02 -2.07
N ILE C 45 -19.54 23.47 -2.72
CA ILE C 45 -19.47 23.77 -4.16
C ILE C 45 -18.85 25.15 -4.40
N ASP C 46 -19.00 26.05 -3.44
CA ASP C 46 -18.48 27.40 -3.42
C ASP C 46 -18.09 27.81 -1.99
N ALA C 47 -17.46 28.96 -1.80
CA ALA C 47 -17.07 29.43 -0.48
C ALA C 47 -18.20 30.16 0.29
N GLY C 48 -19.37 30.42 -0.30
CA GLY C 48 -20.35 31.34 0.26
C GLY C 48 -20.96 30.93 1.60
N THR C 49 -20.90 29.64 1.92
CA THR C 49 -21.37 29.04 3.17
C THR C 49 -20.38 29.22 4.33
N PHE C 50 -19.12 29.55 4.07
CA PHE C 50 -18.08 29.59 5.11
C PHE C 50 -18.32 30.71 6.13
N SER C 51 -18.31 30.36 7.41
CA SER C 51 -18.18 31.32 8.51
C SER C 51 -16.70 31.67 8.62
N PRO C 52 -16.23 32.89 8.35
CA PRO C 52 -14.81 33.19 8.15
C PRO C 52 -13.83 32.80 9.26
N TYR C 53 -14.26 32.52 10.49
CA TYR C 53 -13.39 31.99 11.53
C TYR C 53 -12.89 30.57 11.19
N GLU C 54 -13.79 29.71 10.73
CA GLU C 54 -13.49 28.42 10.13
C GLU C 54 -13.07 28.61 8.66
N HIS C 55 -12.01 27.94 8.21
CA HIS C 55 -11.45 27.99 6.84
C HIS C 55 -10.81 29.32 6.42
N GLY C 56 -11.49 30.44 6.65
CA GLY C 56 -10.97 31.78 6.42
C GLY C 56 -11.89 32.66 5.56
N GLU C 57 -11.36 33.78 5.11
CA GLU C 57 -12.02 34.73 4.20
C GLU C 57 -12.72 34.08 2.98
N VAL C 58 -13.83 34.67 2.52
CA VAL C 58 -14.44 34.38 1.23
C VAL C 58 -13.90 35.40 0.24
N PHE C 59 -13.27 34.95 -0.85
CA PHE C 59 -12.71 35.81 -1.86
C PHE C 59 -13.72 35.98 -3.00
N VAL C 60 -13.80 37.18 -3.57
CA VAL C 60 -14.79 37.47 -4.61
C VAL C 60 -14.07 37.74 -5.90
N LEU C 61 -14.49 37.05 -6.95
CA LEU C 61 -13.94 37.16 -8.29
C LEU C 61 -14.66 38.22 -9.12
N ASN C 62 -14.08 38.66 -10.23
CA ASN C 62 -14.73 39.62 -11.12
C ASN C 62 -16.12 39.16 -11.56
N ASP C 63 -16.28 37.86 -11.84
CA ASP C 63 -17.53 37.25 -12.33
C ASP C 63 -18.60 37.06 -11.24
N GLY C 64 -18.31 37.39 -9.99
CA GLY C 64 -19.19 37.19 -8.85
C GLY C 64 -19.09 35.83 -8.17
N GLY C 65 -18.13 34.98 -8.53
CA GLY C 65 -17.85 33.77 -7.76
C GLY C 65 -17.42 34.08 -6.32
N GLU C 66 -18.01 33.40 -5.36
CA GLU C 66 -17.51 33.32 -3.98
C GLU C 66 -16.61 32.10 -3.87
N VAL C 67 -15.32 32.31 -3.69
CA VAL C 67 -14.28 31.31 -3.87
C VAL C 67 -13.31 31.31 -2.68
N ASP C 68 -12.51 30.26 -2.54
CA ASP C 68 -11.52 30.14 -1.47
C ASP C 68 -10.49 31.28 -1.49
N LEU C 69 -10.02 31.69 -0.32
CA LEU C 69 -8.99 32.72 -0.15
C LEU C 69 -7.67 32.33 -0.81
N ASP C 70 -7.39 31.03 -0.95
CA ASP C 70 -6.25 30.52 -1.69
C ASP C 70 -6.26 30.93 -3.17
N LEU C 71 -7.42 31.08 -3.84
CA LEU C 71 -7.41 31.63 -5.20
C LEU C 71 -7.09 33.13 -5.23
N GLY C 72 -7.25 33.83 -4.12
CA GLY C 72 -6.77 35.20 -3.99
C GLY C 72 -5.24 35.29 -4.00
N ASN C 73 -4.55 34.26 -3.52
CA ASN C 73 -3.09 34.19 -3.57
C ASN C 73 -2.59 34.08 -5.01
N TYR C 74 -3.25 33.28 -5.85
CA TYR C 74 -2.95 33.21 -7.28
C TYR C 74 -3.26 34.51 -8.00
N GLU C 75 -4.31 35.24 -7.64
CA GLU C 75 -4.57 36.58 -8.16
C GLU C 75 -3.55 37.62 -7.72
N ARG C 76 -2.95 37.50 -6.54
CA ARG C 76 -1.91 38.43 -6.11
C ARG C 76 -0.56 38.13 -6.75
N PHE C 77 -0.12 36.88 -6.77
CA PHE C 77 1.21 36.50 -7.25
C PHE C 77 1.37 36.48 -8.77
N LEU C 78 0.28 36.23 -9.51
CA LEU C 78 0.19 36.35 -10.96
C LEU C 78 -0.78 37.52 -11.25
N ASP C 79 -0.50 38.46 -12.16
CA ASP C 79 -1.45 39.52 -12.52
C ASP C 79 -2.64 38.99 -13.35
N ILE C 80 -3.56 38.27 -12.72
CA ILE C 80 -4.69 37.58 -13.35
C ILE C 80 -5.98 37.81 -12.56
N ASN C 81 -7.11 37.59 -13.21
CA ASN C 81 -8.46 37.69 -12.64
C ASN C 81 -9.18 36.38 -12.95
N LEU C 82 -9.26 35.49 -11.97
CA LEU C 82 -9.78 34.15 -12.17
C LEU C 82 -11.29 34.14 -12.33
N TYR C 83 -11.81 33.17 -13.09
CA TYR C 83 -13.24 32.83 -13.13
C TYR C 83 -13.56 31.79 -12.08
N LYS C 84 -14.81 31.64 -11.64
CA LYS C 84 -15.19 30.72 -10.56
C LYS C 84 -14.80 29.28 -10.80
N ASP C 85 -14.72 28.86 -12.04
CA ASP C 85 -14.39 27.49 -12.40
C ASP C 85 -12.88 27.19 -12.47
N ASN C 86 -12.01 28.15 -12.16
CA ASN C 86 -10.62 27.87 -11.79
C ASN C 86 -10.50 27.31 -10.38
N ASN C 87 -11.55 27.36 -9.59
CA ASN C 87 -11.68 26.56 -8.38
C ASN C 87 -12.50 25.32 -8.73
N ILE C 88 -11.90 24.15 -8.64
CA ILE C 88 -12.56 22.87 -8.80
C ILE C 88 -12.75 22.30 -7.41
N THR C 89 -13.90 21.73 -7.10
CA THR C 89 -14.10 21.08 -5.81
C THR C 89 -14.70 19.70 -5.98
N THR C 90 -14.61 18.84 -4.97
CA THR C 90 -15.34 17.58 -4.98
C THR C 90 -16.84 17.83 -5.10
N GLY C 91 -17.36 18.84 -4.43
CA GLY C 91 -18.74 19.27 -4.54
C GLY C 91 -19.12 19.65 -5.96
N LYS C 92 -18.30 20.45 -6.64
CA LYS C 92 -18.56 20.84 -8.02
C LYS C 92 -18.56 19.67 -9.00
N ILE C 93 -17.58 18.79 -8.87
CA ILE C 93 -17.36 17.70 -9.82
C ILE C 93 -18.43 16.64 -9.64
N TYR C 94 -18.73 16.25 -8.41
CA TYR C 94 -19.80 15.32 -8.13
C TYR C 94 -21.15 15.94 -8.48
N GLN C 95 -21.39 17.22 -8.20
CA GLN C 95 -22.65 17.83 -8.56
C GLN C 95 -22.87 17.87 -10.09
N HIS C 96 -21.83 18.16 -10.85
CA HIS C 96 -21.83 18.15 -12.31
C HIS C 96 -22.09 16.77 -12.91
N VAL C 97 -21.45 15.72 -12.42
CA VAL C 97 -21.69 14.34 -12.89
C VAL C 97 -23.05 13.83 -12.47
N ILE C 98 -23.55 14.19 -11.29
CA ILE C 98 -24.91 13.86 -10.87
C ILE C 98 -25.92 14.53 -11.80
N ASN C 99 -25.80 15.82 -12.08
CA ASN C 99 -26.72 16.52 -12.98
C ASN C 99 -26.76 15.92 -14.39
N LYS C 100 -25.61 15.56 -14.96
CA LYS C 100 -25.53 14.84 -16.24
C LYS C 100 -26.22 13.48 -16.18
N GLU C 101 -26.14 12.76 -15.06
CA GLU C 101 -26.86 11.50 -14.88
C GLU C 101 -28.37 11.70 -14.85
N ARG C 102 -28.89 12.72 -14.15
CA ARG C 102 -30.32 12.99 -14.07
C ARG C 102 -30.94 13.35 -15.42
N ARG C 103 -30.22 14.12 -16.25
CA ARG C 103 -30.62 14.46 -17.61
C ARG C 103 -30.49 13.31 -18.62
N GLY C 104 -29.77 12.24 -18.28
CA GLY C 104 -29.49 11.13 -19.18
C GLY C 104 -28.41 11.41 -20.22
N ASP C 105 -27.49 12.35 -19.94
CA ASP C 105 -26.36 12.64 -20.84
C ASP C 105 -25.40 11.43 -20.96
N TYR C 106 -25.33 10.58 -19.95
CA TYR C 106 -24.58 9.33 -19.95
C TYR C 106 -25.31 8.12 -20.60
N LEU C 107 -26.34 8.35 -21.43
CA LEU C 107 -26.94 7.36 -22.33
C LEU C 107 -27.40 6.05 -21.66
N GLY C 108 -27.86 6.15 -20.42
CA GLY C 108 -28.35 5.03 -19.64
C GLY C 108 -27.30 4.00 -19.20
N LYS C 109 -26.01 4.29 -19.35
CA LYS C 109 -24.90 3.55 -18.75
C LYS C 109 -24.81 3.78 -17.25
N THR C 110 -24.22 2.87 -16.50
CA THR C 110 -23.84 3.11 -15.10
C THR C 110 -22.78 4.19 -15.03
N VAL C 111 -23.04 5.29 -14.34
CA VAL C 111 -22.06 6.37 -14.13
C VAL C 111 -21.17 6.02 -12.95
N GLN C 112 -19.86 5.96 -13.14
CA GLN C 112 -18.87 5.39 -12.22
C GLN C 112 -17.78 6.40 -11.88
N VAL C 113 -17.10 6.25 -10.74
CA VAL C 113 -16.05 7.21 -10.37
C VAL C 113 -14.93 7.16 -11.40
N VAL C 114 -14.53 5.96 -11.81
CA VAL C 114 -13.71 5.73 -12.99
C VAL C 114 -14.58 5.00 -14.02
N PRO C 115 -14.82 5.53 -15.23
CA PRO C 115 -14.21 6.71 -15.81
C PRO C 115 -14.91 8.05 -15.51
N HIS C 116 -16.20 8.11 -15.14
CA HIS C 116 -17.00 9.33 -15.32
C HIS C 116 -16.69 10.51 -14.41
N ILE C 117 -16.39 10.32 -13.11
CA ILE C 117 -15.90 11.42 -12.26
C ILE C 117 -14.52 11.85 -12.72
N THR C 118 -13.64 10.91 -13.05
CA THR C 118 -12.28 11.20 -13.50
C THR C 118 -12.23 11.88 -14.87
N ASP C 119 -13.14 11.57 -15.79
CA ASP C 119 -13.33 12.25 -17.06
C ASP C 119 -13.86 13.67 -16.87
N ALA C 120 -14.76 13.91 -15.91
CA ALA C 120 -15.23 15.23 -15.57
C ALA C 120 -14.11 16.14 -15.06
N VAL C 121 -13.17 15.64 -14.25
CA VAL C 121 -12.00 16.39 -13.80
C VAL C 121 -11.09 16.77 -14.97
N GLN C 122 -10.90 15.90 -15.96
CA GLN C 122 -10.04 16.15 -17.12
C GLN C 122 -10.69 17.07 -18.12
N GLU C 123 -12.00 16.92 -18.40
CA GLU C 123 -12.77 17.86 -19.21
C GLU C 123 -12.73 19.26 -18.60
N TRP C 124 -12.89 19.38 -17.28
CA TRP C 124 -12.91 20.65 -16.60
C TRP C 124 -11.54 21.31 -16.63
N VAL C 125 -10.45 20.57 -16.41
CA VAL C 125 -9.08 21.08 -16.54
C VAL C 125 -8.75 21.54 -17.97
N MET C 126 -9.00 20.74 -19.01
CA MET C 126 -8.76 21.19 -20.39
C MET C 126 -9.61 22.40 -20.78
N ASN C 127 -10.88 22.44 -20.39
CA ASN C 127 -11.75 23.57 -20.66
C ASN C 127 -11.30 24.86 -19.96
N GLN C 128 -10.98 24.85 -18.68
CA GLN C 128 -10.59 26.08 -17.96
C GLN C 128 -9.16 26.50 -18.21
N ALA C 129 -8.24 25.59 -18.49
CA ALA C 129 -6.89 25.96 -18.88
C ALA C 129 -6.90 26.80 -20.18
N LYS C 130 -7.84 26.57 -21.10
CA LYS C 130 -8.02 27.36 -22.33
C LYS C 130 -8.66 28.75 -22.16
N VAL C 131 -9.27 29.06 -21.02
CA VAL C 131 -9.90 30.37 -20.77
C VAL C 131 -8.87 31.46 -20.51
N PRO C 132 -8.83 32.58 -21.27
CA PRO C 132 -7.90 33.67 -21.02
C PRO C 132 -8.20 34.40 -19.71
N VAL C 133 -7.15 34.66 -18.94
CA VAL C 133 -7.23 35.04 -17.52
C VAL C 133 -6.38 36.29 -17.17
N ASP C 134 -5.49 36.64 -18.08
CA ASP C 134 -4.82 37.92 -18.22
C ASP C 134 -5.73 38.95 -18.93
N GLY C 135 -5.29 40.20 -19.10
CA GLY C 135 -5.95 41.17 -19.97
C GLY C 135 -5.95 40.79 -21.45
N ASN C 136 -4.87 40.15 -21.90
CA ASN C 136 -4.73 39.65 -23.27
C ASN C 136 -5.83 38.64 -23.62
N LYS C 137 -6.32 38.67 -24.86
CA LYS C 137 -7.40 37.79 -25.37
C LYS C 137 -6.92 36.39 -25.76
N GLU C 138 -5.65 36.26 -26.13
CA GLU C 138 -5.01 35.01 -26.53
C GLU C 138 -5.01 33.96 -25.41
N GLU C 139 -5.18 32.66 -25.73
CA GLU C 139 -5.26 31.60 -24.70
C GLU C 139 -3.95 31.43 -23.91
N PRO C 140 -4.00 30.94 -22.65
CA PRO C 140 -2.80 30.65 -21.84
C PRO C 140 -1.80 29.67 -22.47
N GLN C 141 -0.63 29.56 -21.86
CA GLN C 141 0.45 28.68 -22.30
C GLN C 141 0.76 27.60 -21.29
N ILE C 142 0.80 27.97 -20.02
CA ILE C 142 0.94 27.04 -18.90
C ILE C 142 -0.27 27.17 -18.01
N CYS C 143 -0.81 26.06 -17.56
CA CYS C 143 -1.69 26.00 -16.41
C CYS C 143 -0.95 25.44 -15.21
N VAL C 144 -0.92 26.16 -14.08
CA VAL C 144 -0.47 25.60 -12.80
C VAL C 144 -1.67 25.07 -12.04
N ILE C 145 -1.71 23.78 -11.78
CA ILE C 145 -2.75 23.12 -11.02
C ILE C 145 -2.21 22.81 -9.62
N GLU C 146 -2.84 23.30 -8.57
CA GLU C 146 -2.55 22.88 -7.21
C GLU C 146 -3.62 21.91 -6.73
N LEU C 147 -3.24 20.74 -6.23
CA LEU C 147 -4.16 19.77 -5.65
C LEU C 147 -4.01 19.79 -4.13
N GLY C 148 -5.11 20.07 -3.44
CA GLY C 148 -5.21 20.08 -2.00
C GLY C 148 -5.23 18.69 -1.35
N GLY C 149 -5.11 18.66 -0.03
CA GLY C 149 -4.86 17.44 0.72
C GLY C 149 -3.52 16.79 0.39
N THR C 150 -3.26 15.64 0.98
CA THR C 150 -2.04 14.87 0.72
C THR C 150 -2.33 13.55 0.04
N ILE C 151 -1.37 13.06 -0.73
CA ILE C 151 -1.36 11.74 -1.35
C ILE C 151 -1.70 10.64 -0.33
N GLY C 152 -2.62 9.76 -0.70
CA GLY C 152 -3.17 8.73 0.18
C GLY C 152 -4.45 9.12 0.90
N ASP C 153 -4.85 10.38 0.89
CA ASP C 153 -6.18 10.82 1.31
C ASP C 153 -7.27 10.25 0.41
N ILE C 154 -8.38 9.84 1.01
CA ILE C 154 -9.57 9.40 0.30
C ILE C 154 -10.11 10.53 -0.59
N GLU C 155 -10.13 11.76 -0.10
CA GLU C 155 -10.73 12.88 -0.82
C GLU C 155 -9.99 13.22 -2.11
N GLY C 156 -8.68 12.98 -2.15
CA GLY C 156 -7.83 13.25 -3.30
C GLY C 156 -7.76 12.13 -4.32
N MET C 157 -8.29 10.94 -4.03
CA MET C 157 -8.23 9.77 -4.92
C MET C 157 -8.83 10.01 -6.31
N PRO C 158 -10.02 10.60 -6.48
CA PRO C 158 -10.55 10.85 -7.82
C PRO C 158 -9.72 11.86 -8.63
N PHE C 159 -8.94 12.73 -8.00
CA PHE C 159 -8.12 13.72 -8.69
C PHE C 159 -6.74 13.19 -9.03
N VAL C 160 -6.08 12.42 -8.19
CA VAL C 160 -4.82 11.76 -8.59
C VAL C 160 -5.06 10.74 -9.72
N GLU C 161 -6.19 10.03 -9.72
CA GLU C 161 -6.54 9.13 -10.81
C GLU C 161 -6.87 9.88 -12.10
N ALA C 162 -7.54 11.03 -12.00
CA ALA C 162 -7.71 11.92 -13.12
C ALA C 162 -6.36 12.37 -13.69
N PHE C 163 -5.40 12.79 -12.87
CA PHE C 163 -4.10 13.21 -13.37
C PHE C 163 -3.23 12.07 -13.87
N ARG C 164 -3.37 10.85 -13.32
CA ARG C 164 -2.77 9.63 -13.86
C ARG C 164 -3.23 9.35 -15.29
N GLN C 165 -4.51 9.50 -15.60
CA GLN C 165 -5.00 9.38 -16.98
C GLN C 165 -4.57 10.59 -17.82
N PHE C 166 -4.63 11.81 -17.25
CA PHE C 166 -4.40 13.08 -17.93
C PHE C 166 -2.99 13.25 -18.47
N GLN C 167 -1.95 12.76 -17.78
CA GLN C 167 -0.56 12.81 -18.27
C GLN C 167 -0.30 11.98 -19.53
N PHE C 168 -1.28 11.23 -20.03
CA PHE C 168 -1.25 10.58 -21.34
C PHE C 168 -2.16 11.26 -22.37
N LYS C 169 -3.17 12.02 -21.96
CA LYS C 169 -3.96 12.89 -22.86
C LYS C 169 -3.16 14.13 -23.26
N ALA C 170 -2.63 14.84 -22.28
CA ALA C 170 -1.55 15.78 -22.46
C ALA C 170 -0.28 14.94 -22.57
N LYS C 171 0.53 15.11 -23.62
CA LYS C 171 1.74 14.31 -23.80
C LYS C 171 2.78 14.58 -22.68
N ARG C 172 3.82 13.75 -22.59
CA ARG C 172 4.96 13.88 -21.66
C ARG C 172 5.60 15.27 -21.67
N GLU C 173 5.82 15.80 -22.87
CA GLU C 173 6.38 17.14 -23.09
C GLU C 173 5.39 18.28 -22.79
N ASN C 174 4.20 17.97 -22.26
CA ASN C 174 3.21 18.95 -21.82
C ASN C 174 2.84 18.83 -20.35
N PHE C 175 2.75 17.64 -19.78
CA PHE C 175 2.40 17.46 -18.38
C PHE C 175 3.64 17.30 -17.50
N CYS C 176 3.64 17.91 -16.32
CA CYS C 176 4.74 17.96 -15.38
C CYS C 176 4.22 17.94 -13.94
N ASN C 177 4.95 17.33 -13.02
CA ASN C 177 4.49 17.02 -11.67
C ASN C 177 5.46 17.54 -10.60
N ILE C 178 5.05 18.46 -9.72
CA ILE C 178 5.84 18.96 -8.60
C ILE C 178 5.31 18.30 -7.34
N HIS C 179 6.15 17.59 -6.60
CA HIS C 179 5.74 17.02 -5.33
C HIS C 179 6.38 17.79 -4.20
N VAL C 180 5.57 18.39 -3.35
CA VAL C 180 6.01 19.15 -2.19
C VAL C 180 5.93 18.22 -0.99
N SER C 181 6.99 18.07 -0.21
CA SER C 181 7.09 17.08 0.86
C SER C 181 7.74 17.66 2.10
N LEU C 182 7.47 17.10 3.27
CA LEU C 182 8.15 17.47 4.49
C LEU C 182 9.43 16.65 4.64
N VAL C 183 10.54 17.34 4.84
CA VAL C 183 11.78 16.78 5.35
C VAL C 183 11.94 17.30 6.78
N PRO C 184 11.53 16.55 7.81
CA PRO C 184 11.66 16.99 9.18
C PRO C 184 13.10 16.91 9.69
N GLN C 185 13.40 17.62 10.79
CA GLN C 185 14.57 17.34 11.60
C GLN C 185 14.26 17.52 13.08
N LEU C 186 14.84 16.66 13.91
CA LEU C 186 14.63 16.67 15.36
C LEU C 186 15.71 17.51 16.07
N SER C 187 15.37 18.06 17.22
CA SER C 187 16.22 19.06 17.90
C SER C 187 17.53 18.47 18.45
N ALA C 188 17.56 17.17 18.75
CA ALA C 188 18.70 16.49 19.37
C ALA C 188 19.84 16.21 18.38
N THR C 189 19.59 15.43 17.32
CA THR C 189 20.59 15.09 16.29
C THR C 189 20.79 16.20 15.26
N GLY C 190 19.74 16.97 14.93
CA GLY C 190 19.78 17.98 13.88
C GLY C 190 19.98 17.39 12.49
N GLU C 191 19.46 16.18 12.24
CA GLU C 191 19.53 15.48 10.96
C GLU C 191 18.21 15.57 10.20
N GLN C 192 18.28 15.96 8.92
CA GLN C 192 17.15 16.10 8.03
C GLN C 192 16.70 14.75 7.46
N LYS C 193 15.48 14.33 7.74
CA LYS C 193 15.02 12.96 7.50
C LYS C 193 14.25 12.83 6.20
N THR C 194 14.79 12.09 5.24
CA THR C 194 14.14 11.88 3.93
C THR C 194 13.00 10.87 3.91
N LYS C 195 12.72 10.19 5.02
CA LYS C 195 11.83 9.04 5.02
C LYS C 195 10.36 9.32 4.68
N PRO C 196 9.73 10.38 5.19
CA PRO C 196 8.38 10.70 4.77
C PRO C 196 8.32 11.06 3.28
N THR C 197 9.34 11.69 2.72
CA THR C 197 9.42 11.94 1.29
C THR C 197 9.47 10.65 0.50
N GLN C 198 10.28 9.68 0.92
CA GLN C 198 10.34 8.35 0.32
C GLN C 198 8.98 7.67 0.29
N ASN C 199 8.31 7.56 1.44
CA ASN C 199 7.04 6.88 1.57
C ASN C 199 5.90 7.57 0.83
N SER C 200 5.85 8.91 0.82
CA SER C 200 4.85 9.63 0.05
C SER C 200 5.10 9.56 -1.46
N VAL C 201 6.35 9.49 -1.91
CA VAL C 201 6.65 9.30 -3.34
C VAL C 201 6.37 7.88 -3.78
N ARG C 202 6.60 6.86 -2.96
CA ARG C 202 6.15 5.49 -3.22
C ARG C 202 4.63 5.42 -3.40
N ALA C 203 3.86 6.03 -2.51
CA ALA C 203 2.42 6.16 -2.61
C ALA C 203 1.95 6.93 -3.87
N LEU C 204 2.62 8.03 -4.23
CA LEU C 204 2.33 8.78 -5.44
C LEU C 204 2.57 7.95 -6.72
N ARG C 205 3.62 7.13 -6.78
CA ARG C 205 3.84 6.14 -7.86
C ARG C 205 2.82 5.03 -7.91
N GLY C 206 2.39 4.50 -6.78
CA GLY C 206 1.28 3.56 -6.71
C GLY C 206 0.00 4.15 -7.29
N LEU C 207 -0.38 5.35 -6.86
CA LEU C 207 -1.51 6.13 -7.39
C LEU C 207 -1.31 6.54 -8.86
N GLY C 208 -0.08 6.51 -9.35
CA GLY C 208 0.26 6.42 -10.75
C GLY C 208 0.99 7.62 -11.34
N LEU C 209 1.28 8.64 -10.54
CA LEU C 209 2.06 9.82 -10.92
C LEU C 209 3.50 9.63 -10.46
N SER C 210 4.46 10.28 -11.11
CA SER C 210 5.86 10.22 -10.68
C SER C 210 6.46 11.62 -10.66
N PRO C 211 7.11 12.09 -9.57
CA PRO C 211 7.61 13.45 -9.47
C PRO C 211 8.59 13.83 -10.58
N ASP C 212 8.56 15.09 -11.00
CA ASP C 212 9.51 15.67 -11.93
C ASP C 212 10.42 16.72 -11.29
N LEU C 213 9.92 17.43 -10.28
CA LEU C 213 10.67 18.07 -9.21
C LEU C 213 10.20 17.50 -7.88
N ILE C 214 11.06 17.47 -6.87
CA ILE C 214 10.67 17.39 -5.46
C ILE C 214 11.04 18.71 -4.81
N VAL C 215 10.08 19.33 -4.11
CA VAL C 215 10.31 20.50 -3.27
C VAL C 215 10.22 20.07 -1.82
N CYS C 216 11.30 20.21 -1.07
CA CYS C 216 11.32 19.87 0.34
C CYS C 216 10.96 21.12 1.16
N ARG C 217 9.90 21.04 1.96
CA ARG C 217 9.67 21.96 3.06
C ARG C 217 10.50 21.48 4.26
N SER C 218 11.36 22.33 4.80
CA SER C 218 12.23 21.98 5.95
C SER C 218 12.53 23.20 6.81
N SER C 219 12.89 23.03 8.08
CA SER C 219 13.15 24.18 8.97
C SER C 219 14.47 24.92 8.69
N THR C 220 15.38 24.34 7.92
CA THR C 220 16.64 24.92 7.43
C THR C 220 16.95 24.34 6.05
N PRO C 221 17.83 24.95 5.23
CA PRO C 221 18.14 24.43 3.91
C PRO C 221 18.62 22.98 3.93
N ILE C 222 18.12 22.14 3.03
CA ILE C 222 18.55 20.74 2.92
C ILE C 222 19.99 20.65 2.45
N GLU C 223 20.74 19.72 3.02
CA GLU C 223 22.10 19.40 2.56
C GLU C 223 22.14 18.52 1.31
N MET C 224 23.31 18.42 0.69
CA MET C 224 23.48 17.60 -0.51
C MET C 224 23.30 16.10 -0.24
N ALA C 225 23.61 15.64 0.98
CA ALA C 225 23.34 14.27 1.40
C ALA C 225 21.84 13.93 1.39
N VAL C 226 20.99 14.92 1.65
CA VAL C 226 19.54 14.84 1.54
C VAL C 226 19.13 14.87 0.07
N LYS C 227 19.66 15.79 -0.75
CA LYS C 227 19.34 15.86 -2.19
C LYS C 227 19.66 14.57 -2.92
N GLU C 228 20.80 13.96 -2.62
CA GLU C 228 21.25 12.69 -3.19
C GLU C 228 20.44 11.50 -2.70
N LYS C 229 20.05 11.43 -1.43
CA LYS C 229 19.21 10.33 -0.94
C LYS C 229 17.78 10.40 -1.48
N ILE C 230 17.19 11.59 -1.54
CA ILE C 230 15.87 11.77 -2.18
C ILE C 230 15.94 11.36 -3.65
N SER C 231 16.95 11.81 -4.39
CA SER C 231 17.22 11.36 -5.75
C SER C 231 17.35 9.84 -5.90
N MET C 232 17.98 9.14 -4.96
CA MET C 232 18.17 7.69 -4.95
C MET C 232 16.88 6.89 -4.78
N PHE C 233 15.88 7.39 -4.07
CA PHE C 233 14.58 6.74 -3.92
C PHE C 233 13.48 7.26 -4.85
N CYS C 234 13.55 8.52 -5.29
CA CYS C 234 12.47 9.20 -5.99
C CYS C 234 12.62 9.34 -7.50
N HIS C 235 13.71 8.87 -8.12
CA HIS C 235 13.85 8.85 -9.59
C HIS C 235 13.90 10.25 -10.22
N VAL C 236 14.42 11.21 -9.48
CA VAL C 236 14.73 12.59 -9.90
C VAL C 236 16.23 12.77 -9.83
N ASN C 237 16.82 13.66 -10.61
CA ASN C 237 18.25 13.99 -10.46
C ASN C 237 18.46 14.90 -9.23
N PRO C 238 19.64 14.96 -8.58
CA PRO C 238 19.84 15.78 -7.39
C PRO C 238 19.63 17.29 -7.60
N GLU C 239 19.78 17.82 -8.81
CA GLU C 239 19.42 19.20 -9.17
C GLU C 239 17.91 19.44 -9.26
N GLN C 240 17.11 18.38 -9.35
CA GLN C 240 15.65 18.41 -9.35
C GLN C 240 15.07 18.18 -7.95
N VAL C 241 15.89 18.19 -6.90
CA VAL C 241 15.46 18.26 -5.50
C VAL C 241 15.73 19.67 -4.98
N ILE C 242 14.68 20.44 -4.75
CA ILE C 242 14.65 21.81 -4.28
C ILE C 242 14.36 21.80 -2.79
N CYS C 243 14.73 22.83 -2.04
CA CYS C 243 14.05 23.12 -0.78
C CYS C 243 13.52 24.56 -0.74
N ILE C 244 12.43 24.74 -0.02
CA ILE C 244 11.92 26.02 0.44
C ILE C 244 11.83 25.88 1.95
N HIS C 245 12.90 26.27 2.61
CA HIS C 245 12.97 26.37 4.07
C HIS C 245 12.16 27.58 4.55
N ASP C 246 11.72 27.60 5.81
CA ASP C 246 10.89 28.70 6.29
C ASP C 246 11.67 30.04 6.33
N VAL C 247 11.04 31.08 5.80
CA VAL C 247 11.69 32.38 5.50
C VAL C 247 10.85 33.59 5.88
N SER C 248 11.49 34.74 5.83
CA SER C 248 10.97 36.06 6.18
C SER C 248 9.65 36.44 5.50
N SER C 249 9.43 36.06 4.25
CA SER C 249 8.34 36.56 3.42
C SER C 249 7.92 35.56 2.35
N THR C 250 6.63 35.55 1.98
CA THR C 250 6.16 34.89 0.78
C THR C 250 6.73 35.55 -0.47
N TYR C 251 7.03 36.84 -0.46
CA TYR C 251 7.68 37.50 -1.60
C TYR C 251 9.07 36.94 -1.90
N ARG C 252 9.73 36.30 -0.92
CA ARG C 252 11.01 35.64 -1.12
C ARG C 252 10.91 34.26 -1.74
N VAL C 253 9.80 33.54 -1.65
CA VAL C 253 9.71 32.16 -2.17
C VAL C 253 9.95 32.06 -3.68
N PRO C 254 9.40 32.92 -4.56
CA PRO C 254 9.77 32.94 -5.98
C PRO C 254 11.27 33.12 -6.18
N VAL C 255 11.88 33.95 -5.35
CA VAL C 255 13.30 34.33 -5.46
C VAL C 255 14.22 33.20 -5.03
N LEU C 256 13.83 32.41 -4.03
CA LEU C 256 14.49 31.15 -3.67
C LEU C 256 14.38 30.08 -4.76
N LEU C 257 13.24 29.98 -5.45
CA LEU C 257 13.08 29.02 -6.53
C LEU C 257 13.91 29.36 -7.77
N GLU C 258 14.10 30.63 -8.10
CA GLU C 258 15.05 31.05 -9.16
C GLU C 258 16.52 30.82 -8.80
N GLU C 259 16.91 30.95 -7.53
CA GLU C 259 18.22 30.53 -7.02
C GLU C 259 18.40 29.01 -7.12
N GLN C 260 17.37 28.22 -6.81
CA GLN C 260 17.34 26.76 -6.97
C GLN C 260 17.13 26.29 -8.43
N SER C 261 17.15 27.22 -9.39
CA SER C 261 17.26 26.98 -10.83
C SER C 261 16.09 26.27 -11.51
N ILE C 262 14.84 26.47 -11.07
CA ILE C 262 13.64 25.83 -11.66
C ILE C 262 13.32 26.28 -13.09
N VAL C 263 13.70 27.50 -13.49
CA VAL C 263 13.41 28.02 -14.83
C VAL C 263 14.13 27.22 -15.90
N LYS C 264 15.40 26.90 -15.66
CA LYS C 264 16.20 26.06 -16.55
C LYS C 264 15.51 24.72 -16.71
N TYR C 265 15.07 24.09 -15.61
CA TYR C 265 14.40 22.80 -15.67
C TYR C 265 13.07 22.82 -16.43
N PHE C 266 12.21 23.83 -16.24
CA PHE C 266 10.98 23.93 -17.00
C PHE C 266 11.21 24.21 -18.48
N LYS C 267 12.20 25.00 -18.87
CA LYS C 267 12.57 25.16 -20.27
C LYS C 267 12.96 23.82 -20.90
N GLU C 268 13.72 22.98 -20.20
CA GLU C 268 14.09 21.65 -20.70
C GLU C 268 12.90 20.70 -20.78
N ARG C 269 12.15 20.58 -19.68
CA ARG C 269 11.11 19.58 -19.50
C ARG C 269 9.84 19.89 -20.29
N LEU C 270 9.38 21.14 -20.32
CA LEU C 270 8.15 21.54 -21.00
C LEU C 270 8.41 22.22 -22.35
N HIS C 271 9.66 22.20 -22.84
CA HIS C 271 10.06 22.78 -24.14
C HIS C 271 9.57 24.22 -24.30
N LEU C 272 9.72 25.04 -23.26
CA LEU C 272 9.04 26.33 -23.17
C LEU C 272 9.65 27.38 -24.11
N PRO C 273 8.83 28.28 -24.70
CA PRO C 273 9.28 29.41 -25.54
C PRO C 273 10.22 30.43 -24.88
N ILE C 274 10.64 30.26 -23.62
CA ILE C 274 11.42 31.20 -22.81
C ILE C 274 12.70 31.67 -23.51
N GLY C 275 13.41 30.74 -24.16
CA GLY C 275 14.79 30.92 -24.63
C GLY C 275 15.80 30.95 -23.48
N ASP C 276 17.09 30.82 -23.78
CA ASP C 276 18.13 31.13 -22.80
C ASP C 276 18.26 32.65 -22.64
N SER C 277 18.29 33.17 -21.41
CA SER C 277 18.34 34.61 -21.16
C SER C 277 19.06 34.94 -19.85
N ALA C 278 19.74 36.09 -19.82
CA ALA C 278 20.39 36.65 -18.63
C ALA C 278 19.43 37.36 -17.67
N SER C 279 18.20 37.64 -18.09
CA SER C 279 17.21 38.39 -17.31
C SER C 279 15.77 37.92 -17.56
N ASN C 280 14.95 38.07 -16.53
CA ASN C 280 13.50 37.93 -16.50
C ASN C 280 12.96 38.81 -15.37
N LEU C 281 11.66 39.11 -15.38
CA LEU C 281 11.07 40.14 -14.51
C LEU C 281 11.14 39.87 -13.00
N LEU C 282 11.70 38.73 -12.58
CA LEU C 282 11.88 38.41 -11.16
C LEU C 282 12.85 39.35 -10.44
N PHE C 283 13.62 40.18 -11.14
CA PHE C 283 14.36 41.25 -10.47
C PHE C 283 13.44 42.26 -9.77
N LYS C 284 12.23 42.52 -10.27
CA LYS C 284 11.23 43.35 -9.58
C LYS C 284 10.69 42.69 -8.30
N TRP C 285 10.47 41.38 -8.32
CA TRP C 285 10.18 40.57 -7.12
C TRP C 285 11.35 40.52 -6.14
N ARG C 286 12.58 40.42 -6.63
CA ARG C 286 13.77 40.43 -5.79
C ARG C 286 13.95 41.75 -5.07
N ASN C 287 13.69 42.87 -5.74
CA ASN C 287 13.65 44.19 -5.11
C ASN C 287 12.62 44.25 -3.99
N MET C 288 11.37 43.83 -4.24
CA MET C 288 10.29 43.89 -3.27
C MET C 288 10.56 43.05 -2.01
N ALA C 289 11.14 41.87 -2.14
CA ALA C 289 11.52 41.06 -0.99
C ALA C 289 12.72 41.63 -0.21
N ASP C 290 13.69 42.24 -0.89
CA ASP C 290 14.78 42.96 -0.23
C ASP C 290 14.35 44.29 0.37
N ARG C 291 13.29 44.94 -0.13
CA ARG C 291 12.58 46.05 0.54
C ARG C 291 11.92 45.58 1.82
N TYR C 292 11.18 44.48 1.78
CA TYR C 292 10.38 43.97 2.90
C TYR C 292 11.22 43.64 4.14
N GLU C 293 12.44 43.12 3.96
CA GLU C 293 13.39 42.86 5.05
C GLU C 293 14.05 44.13 5.62
N ARG C 294 14.03 45.24 4.88
CA ARG C 294 14.52 46.57 5.25
C ARG C 294 13.46 47.50 5.87
N LEU C 295 12.19 47.10 5.96
CA LEU C 295 11.14 47.90 6.60
C LEU C 295 11.39 48.05 8.12
N GLN C 296 11.81 49.24 8.55
CA GLN C 296 12.11 49.57 9.95
C GLN C 296 11.08 50.51 10.60
N LYS C 297 10.69 51.60 9.92
CA LYS C 297 9.67 52.55 10.39
C LYS C 297 8.33 51.84 10.55
N ILE C 298 7.73 51.86 11.73
CA ILE C 298 6.40 51.23 11.96
C ILE C 298 5.28 52.15 11.46
N CYS C 299 4.22 51.58 10.88
CA CYS C 299 2.94 52.24 10.67
C CYS C 299 1.82 51.33 11.17
N SER C 300 1.13 51.75 12.23
CA SER C 300 0.32 50.86 13.07
C SER C 300 -1.16 51.17 13.00
N ILE C 301 -1.99 50.22 12.60
CA ILE C 301 -3.42 50.46 12.31
C ILE C 301 -4.31 49.49 13.08
N ALA C 302 -5.48 49.96 13.52
CA ALA C 302 -6.45 49.17 14.26
C ALA C 302 -7.50 48.60 13.32
N LEU C 303 -7.63 47.27 13.29
CA LEU C 303 -8.62 46.59 12.48
C LEU C 303 -9.70 46.05 13.42
N VAL C 304 -10.90 46.59 13.28
CA VAL C 304 -12.00 46.38 14.22
C VAL C 304 -12.93 45.30 13.68
N GLY C 305 -12.63 44.06 14.00
CA GLY C 305 -13.07 42.91 13.25
C GLY C 305 -14.19 42.13 13.92
N LYS C 306 -14.97 41.40 13.12
CA LYS C 306 -16.15 40.67 13.60
C LYS C 306 -15.86 39.33 14.29
N TYR C 307 -14.59 38.97 14.54
CA TYR C 307 -14.20 37.60 14.94
C TYR C 307 -13.27 37.56 16.15
N THR C 308 -13.29 36.45 16.90
CA THR C 308 -12.55 36.31 18.16
C THR C 308 -11.04 36.25 18.01
N LYS C 309 -10.51 35.78 16.87
CA LYS C 309 -9.09 35.79 16.50
C LYS C 309 -8.90 35.68 14.98
N LEU C 310 -7.83 36.27 14.45
CA LEU C 310 -7.34 36.02 13.09
C LEU C 310 -6.66 34.64 12.95
N ARG C 311 -7.28 33.75 12.16
CA ARG C 311 -6.54 32.70 11.43
C ARG C 311 -6.29 33.25 10.02
N ASP C 312 -7.37 33.55 9.30
CA ASP C 312 -7.39 34.09 7.94
C ASP C 312 -8.66 34.90 7.59
N CYS C 313 -9.45 35.36 8.57
CA CYS C 313 -10.77 35.99 8.33
C CYS C 313 -10.72 37.28 7.51
N TYR C 314 -9.55 37.92 7.52
CA TYR C 314 -9.23 39.18 6.88
C TYR C 314 -7.94 39.04 6.06
N ALA C 315 -7.64 37.84 5.56
CA ALA C 315 -6.39 37.50 4.88
C ALA C 315 -6.01 38.43 3.72
N SER C 316 -6.95 38.85 2.87
CA SER C 316 -6.64 39.78 1.79
C SER C 316 -6.71 41.24 2.24
N VAL C 317 -7.48 41.56 3.26
CA VAL C 317 -7.49 42.89 3.92
C VAL C 317 -6.12 43.21 4.50
N PHE C 318 -5.52 42.23 5.17
CA PHE C 318 -4.16 42.26 5.66
C PHE C 318 -3.18 42.40 4.50
N LYS C 319 -3.27 41.57 3.45
CA LYS C 319 -2.37 41.69 2.29
C LYS C 319 -2.48 43.03 1.57
N ALA C 320 -3.65 43.63 1.43
CA ALA C 320 -3.80 44.98 0.87
C ALA C 320 -3.15 46.08 1.72
N LEU C 321 -3.18 45.96 3.05
CA LEU C 321 -2.42 46.83 3.95
C LEU C 321 -0.91 46.60 3.82
N GLU C 322 -0.45 45.36 3.71
CA GLU C 322 0.96 45.06 3.47
C GLU C 322 1.46 45.61 2.13
N HIS C 323 0.73 45.44 1.03
CA HIS C 323 1.14 46.01 -0.25
C HIS C 323 1.32 47.51 -0.14
N SER C 324 0.38 48.16 0.54
CA SER C 324 0.36 49.59 0.78
C SER C 324 1.50 50.05 1.69
N ALA C 325 1.81 49.32 2.75
CA ALA C 325 2.92 49.63 3.64
C ALA C 325 4.29 49.41 2.98
N LEU C 326 4.46 48.37 2.16
CA LEU C 326 5.65 48.15 1.34
C LEU C 326 5.85 49.33 0.37
N ALA C 327 4.79 49.73 -0.33
CA ALA C 327 4.80 50.83 -1.27
C ALA C 327 5.11 52.18 -0.62
N ILE C 328 4.90 52.30 0.69
CA ILE C 328 5.11 53.48 1.52
C ILE C 328 6.36 53.31 2.42
N ASN C 329 7.12 52.23 2.23
CA ASN C 329 8.34 51.87 2.95
C ASN C 329 8.18 51.92 4.48
N HIS C 330 7.10 51.35 5.01
CA HIS C 330 6.84 51.16 6.43
C HIS C 330 6.53 49.69 6.73
N LYS C 331 6.91 49.19 7.90
CA LYS C 331 6.43 47.89 8.39
C LYS C 331 5.03 48.09 8.95
N LEU C 332 4.05 47.38 8.39
CA LEU C 332 2.70 47.38 8.93
C LEU C 332 2.71 46.71 10.30
N ASN C 333 2.05 47.32 11.27
CA ASN C 333 1.66 46.66 12.50
C ASN C 333 0.13 46.62 12.53
N LEU C 334 -0.45 45.42 12.50
CA LEU C 334 -1.89 45.21 12.48
C LEU C 334 -2.41 44.89 13.88
N MET C 335 -2.92 45.91 14.55
CA MET C 335 -3.54 45.78 15.85
C MET C 335 -4.97 45.28 15.66
N TYR C 336 -5.16 43.97 15.72
CA TYR C 336 -6.48 43.39 15.58
C TYR C 336 -7.29 43.57 16.85
N ILE C 337 -8.52 44.05 16.73
CA ILE C 337 -9.46 44.16 17.83
C ILE C 337 -10.67 43.30 17.50
N ASP C 338 -10.93 42.29 18.31
CA ASP C 338 -12.22 41.60 18.33
C ASP C 338 -13.29 42.61 18.78
N SER C 339 -14.08 43.13 17.83
CA SER C 339 -14.91 44.34 17.97
C SER C 339 -15.80 44.38 19.21
N ILE C 340 -16.37 43.24 19.61
CA ILE C 340 -17.20 43.11 20.82
C ILE C 340 -16.49 43.60 22.09
N ASP C 341 -15.16 43.47 22.17
CA ASP C 341 -14.37 43.89 23.33
C ASP C 341 -14.24 45.42 23.48
N LEU C 342 -14.69 46.22 22.51
CA LEU C 342 -14.87 47.66 22.68
C LEU C 342 -16.22 48.04 23.30
N GLU C 343 -17.23 47.16 23.30
CA GLU C 343 -18.56 47.48 23.82
C GLU C 343 -18.54 47.78 25.33
N LYS C 344 -19.12 48.92 25.73
CA LYS C 344 -19.34 49.34 27.13
C LYS C 344 -20.02 48.28 28.01
N ILE C 345 -20.83 47.42 27.40
CA ILE C 345 -21.50 46.26 28.01
C ILE C 345 -20.48 45.27 28.61
N THR C 346 -19.40 44.94 27.90
CA THR C 346 -18.46 43.89 28.32
C THR C 346 -17.71 44.21 29.62
N GLU C 347 -17.53 45.47 29.99
CA GLU C 347 -16.86 45.87 31.23
C GLU C 347 -17.57 45.36 32.51
N THR C 348 -18.85 45.00 32.38
CA THR C 348 -19.65 44.37 33.46
C THR C 348 -19.35 42.87 33.65
N GLU C 349 -18.50 42.27 32.82
CA GLU C 349 -18.25 40.82 32.79
C GLU C 349 -16.78 40.43 32.53
N ASP C 350 -16.03 41.21 31.74
CA ASP C 350 -14.59 41.04 31.53
C ASP C 350 -13.88 42.40 31.30
N PRO C 351 -13.72 43.23 32.36
CA PRO C 351 -13.12 44.55 32.25
C PRO C 351 -11.66 44.55 31.81
N VAL C 352 -10.89 43.49 32.09
CA VAL C 352 -9.50 43.36 31.61
C VAL C 352 -9.44 43.37 30.08
N LYS C 353 -10.29 42.59 29.39
CA LYS C 353 -10.37 42.59 27.91
C LYS C 353 -10.90 43.90 27.34
N PHE C 354 -11.84 44.56 28.04
CA PHE C 354 -12.36 45.87 27.66
C PHE C 354 -11.29 46.97 27.67
N HIS C 355 -10.51 47.09 28.74
CA HIS C 355 -9.44 48.09 28.76
C HIS C 355 -8.32 47.76 27.77
N GLU C 356 -8.02 46.49 27.55
CA GLU C 356 -7.02 46.02 26.59
C GLU C 356 -7.37 46.40 25.14
N ALA C 357 -8.63 46.21 24.73
CA ALA C 357 -9.12 46.64 23.42
C ALA C 357 -9.02 48.15 23.20
N TRP C 358 -9.40 48.97 24.19
CA TRP C 358 -9.33 50.41 24.08
C TRP C 358 -7.90 50.95 24.11
N GLN C 359 -6.98 50.35 24.86
CA GLN C 359 -5.57 50.71 24.78
C GLN C 359 -5.03 50.46 23.36
N LYS C 360 -5.30 49.29 22.76
CA LYS C 360 -4.90 48.98 21.37
C LYS C 360 -5.51 49.97 20.36
N LEU C 361 -6.78 50.33 20.49
CA LEU C 361 -7.40 51.33 19.64
C LEU C 361 -6.77 52.72 19.80
N CYS C 362 -6.42 53.12 21.02
CA CYS C 362 -5.79 54.41 21.29
C CYS C 362 -4.36 54.53 20.75
N LYS C 363 -3.63 53.42 20.51
CA LYS C 363 -2.31 53.41 19.84
C LYS C 363 -2.37 53.84 18.36
N ALA C 364 -3.51 53.69 17.70
CA ALA C 364 -3.68 53.69 16.24
C ALA C 364 -3.13 54.94 15.51
N ASP C 365 -2.39 54.70 14.43
CA ASP C 365 -2.07 55.69 13.40
C ASP C 365 -3.19 55.81 12.35
N GLY C 366 -4.05 54.80 12.23
CA GLY C 366 -5.24 54.75 11.39
C GLY C 366 -6.19 53.62 11.83
N ILE C 367 -7.46 53.69 11.45
CA ILE C 367 -8.50 52.70 11.75
C ILE C 367 -9.10 52.12 10.48
N LEU C 368 -9.24 50.79 10.44
CA LEU C 368 -9.89 50.03 9.37
C LEU C 368 -11.06 49.27 9.94
N VAL C 369 -12.27 49.57 9.48
CA VAL C 369 -13.44 48.77 9.82
C VAL C 369 -13.82 47.96 8.60
N PRO C 370 -13.51 46.65 8.58
CA PRO C 370 -13.76 45.82 7.44
C PRO C 370 -15.20 45.32 7.39
N GLY C 371 -15.56 44.77 6.23
CA GLY C 371 -16.88 44.24 5.95
C GLY C 371 -17.27 43.02 6.79
N GLY C 372 -18.54 42.65 6.66
CA GLY C 372 -19.16 41.55 7.37
C GLY C 372 -20.67 41.60 7.29
N PHE C 373 -21.35 40.74 8.04
CA PHE C 373 -22.79 40.64 8.12
C PHE C 373 -23.22 40.34 9.57
N GLY C 374 -24.44 40.73 9.94
CA GLY C 374 -25.08 40.41 11.23
C GLY C 374 -24.95 41.47 12.31
N ILE C 375 -25.65 41.26 13.43
CA ILE C 375 -25.66 42.17 14.59
C ILE C 375 -24.29 42.20 15.27
N ARG C 376 -23.60 41.06 15.33
CA ARG C 376 -22.39 40.82 16.12
C ARG C 376 -21.30 41.84 15.82
N GLY C 377 -20.74 42.46 16.86
CA GLY C 377 -19.63 43.39 16.73
C GLY C 377 -19.99 44.77 16.19
N THR C 378 -21.20 44.98 15.67
CA THR C 378 -21.61 46.28 15.12
C THR C 378 -21.54 47.41 16.16
N LEU C 379 -21.98 47.18 17.39
CA LEU C 379 -21.93 48.21 18.42
C LEU C 379 -20.49 48.59 18.74
N GLY C 380 -19.58 47.62 18.78
CA GLY C 380 -18.14 47.85 19.01
C GLY C 380 -17.44 48.57 17.86
N LYS C 381 -17.74 48.17 16.61
CA LYS C 381 -17.39 48.90 15.39
C LYS C 381 -17.85 50.34 15.46
N LEU C 382 -19.10 50.62 15.81
CA LEU C 382 -19.60 52.00 15.93
C LEU C 382 -18.80 52.84 16.93
N GLN C 383 -18.41 52.27 18.07
CA GLN C 383 -17.61 52.99 19.06
C GLN C 383 -16.22 53.31 18.48
N ALA C 384 -15.61 52.41 17.72
CA ALA C 384 -14.34 52.70 17.05
C ALA C 384 -14.46 53.70 15.90
N ILE C 385 -15.56 53.72 15.14
CA ILE C 385 -15.75 54.68 14.05
C ILE C 385 -15.88 56.09 14.62
N SER C 386 -16.70 56.23 15.65
CA SER C 386 -16.91 57.48 16.37
C SER C 386 -15.66 57.94 17.12
N TRP C 387 -14.83 57.03 17.66
CA TRP C 387 -13.49 57.37 18.13
C TRP C 387 -12.63 57.92 16.99
N ALA C 388 -12.62 57.27 15.83
CA ALA C 388 -11.85 57.69 14.68
C ALA C 388 -12.22 59.10 14.21
N ARG C 389 -13.51 59.41 14.13
CA ARG C 389 -14.05 60.71 13.74
C ARG C 389 -13.78 61.80 14.78
N THR C 390 -14.11 61.56 16.04
CA THR C 390 -13.94 62.55 17.11
C THR C 390 -12.47 62.81 17.43
N LYS C 391 -11.63 61.78 17.52
CA LYS C 391 -10.19 61.90 17.82
C LYS C 391 -9.30 62.13 16.60
N LYS C 392 -9.89 62.50 15.45
CA LYS C 392 -9.22 62.95 14.20
C LYS C 392 -8.25 61.94 13.54
N ILE C 393 -8.50 60.63 13.73
CA ILE C 393 -7.68 59.51 13.24
C ILE C 393 -8.04 59.15 11.78
N PRO C 394 -7.07 58.87 10.89
CA PRO C 394 -7.34 58.38 9.54
C PRO C 394 -8.22 57.11 9.51
N PHE C 395 -9.13 57.00 8.55
CA PHE C 395 -10.17 55.98 8.57
C PHE C 395 -10.55 55.42 7.20
N LEU C 396 -10.61 54.09 7.11
CA LEU C 396 -11.23 53.37 6.00
C LEU C 396 -12.33 52.43 6.51
N GLY C 397 -13.54 52.61 5.98
CA GLY C 397 -14.67 51.71 6.21
C GLY C 397 -14.98 50.92 4.96
N VAL C 398 -14.94 49.59 5.04
CA VAL C 398 -15.21 48.71 3.91
C VAL C 398 -16.52 47.99 4.11
N CYS C 399 -17.41 48.08 3.13
CA CYS C 399 -18.74 47.47 3.11
C CYS C 399 -19.54 47.76 4.39
N LEU C 400 -19.63 46.84 5.36
CA LEU C 400 -20.26 47.11 6.65
C LEU C 400 -19.66 48.34 7.35
N GLY C 401 -18.34 48.53 7.34
CA GLY C 401 -17.71 49.70 7.94
C GLY C 401 -18.12 51.03 7.31
N MET C 402 -18.58 51.01 6.06
CA MET C 402 -19.14 52.16 5.34
C MET C 402 -20.60 52.39 5.73
N GLN C 403 -21.39 51.34 5.80
CA GLN C 403 -22.79 51.41 6.23
C GLN C 403 -22.90 51.96 7.65
N LEU C 404 -22.08 51.44 8.57
CA LEU C 404 -21.95 51.97 9.93
C LEU C 404 -21.43 53.42 9.95
N ALA C 405 -20.57 53.82 9.03
CA ALA C 405 -20.10 55.20 8.95
C ALA C 405 -21.14 56.18 8.36
N VAL C 406 -22.13 55.72 7.59
CA VAL C 406 -23.31 56.53 7.26
C VAL C 406 -24.24 56.61 8.46
N ILE C 407 -24.49 55.49 9.13
CA ILE C 407 -25.34 55.39 10.32
C ILE C 407 -24.85 56.30 11.43
N GLU C 408 -23.59 56.21 11.84
CA GLU C 408 -23.13 56.99 12.99
C GLU C 408 -23.08 58.49 12.72
N PHE C 409 -22.86 58.90 11.46
CA PHE C 409 -22.94 60.32 11.11
C PHE C 409 -24.39 60.82 11.16
N ALA C 410 -25.39 60.02 10.79
CA ALA C 410 -26.78 60.38 11.03
C ALA C 410 -27.10 60.44 12.53
N ARG C 411 -26.72 59.42 13.31
CA ARG C 411 -26.94 59.35 14.76
C ARG C 411 -26.28 60.52 15.51
N ASN C 412 -24.98 60.68 15.37
CA ASN C 412 -24.17 61.60 16.16
C ASN C 412 -23.95 62.98 15.52
N CYS C 413 -24.09 63.16 14.20
CA CYS C 413 -23.83 64.47 13.56
C CYS C 413 -25.05 65.16 12.92
N LEU C 414 -26.12 64.45 12.58
CA LEU C 414 -27.43 65.03 12.21
C LEU C 414 -28.47 64.96 13.34
N ASN C 415 -28.13 64.30 14.45
CA ASN C 415 -29.03 63.99 15.58
C ASN C 415 -30.31 63.27 15.17
N LEU C 416 -30.22 62.38 14.19
CA LEU C 416 -31.27 61.45 13.73
C LEU C 416 -31.13 60.12 14.49
N LYS C 417 -31.07 60.13 15.83
CA LYS C 417 -30.58 58.99 16.63
C LYS C 417 -31.48 57.75 16.66
N ASP C 418 -32.69 57.84 16.13
CA ASP C 418 -33.53 56.66 15.82
C ASP C 418 -33.11 55.93 14.52
N ALA C 419 -32.13 56.46 13.76
CA ALA C 419 -31.59 55.85 12.54
C ALA C 419 -30.74 54.60 12.81
N ASP C 420 -31.05 53.55 12.05
CA ASP C 420 -30.44 52.24 12.17
C ASP C 420 -30.51 51.48 10.83
N SER C 421 -29.84 50.33 10.79
CA SER C 421 -29.82 49.38 9.68
C SER C 421 -31.18 48.68 9.43
N THR C 422 -31.19 47.70 8.54
CA THR C 422 -32.30 46.76 8.31
C THR C 422 -31.85 45.31 8.45
N GLU C 423 -30.55 44.97 8.33
CA GLU C 423 -30.05 43.62 8.64
C GLU C 423 -30.07 43.36 10.16
N PHE C 424 -29.73 44.40 10.92
CA PHE C 424 -29.88 44.55 12.35
C PHE C 424 -30.99 45.59 12.60
N ARG C 425 -31.88 45.32 13.55
CA ARG C 425 -33.16 46.01 13.79
C ARG C 425 -34.03 46.22 12.52
N PRO C 426 -34.56 45.15 11.92
CA PRO C 426 -35.31 45.23 10.64
C PRO C 426 -36.60 46.05 10.68
N ASN C 427 -37.11 46.36 11.86
CA ASN C 427 -38.29 47.18 12.13
C ASN C 427 -37.97 48.69 12.29
N ALA C 428 -36.80 49.18 11.90
CA ALA C 428 -36.29 50.51 12.30
C ALA C 428 -37.27 51.67 12.04
N PRO C 429 -37.43 52.63 12.98
CA PRO C 429 -38.28 53.82 12.80
C PRO C 429 -37.90 54.69 11.60
N VAL C 430 -36.62 54.86 11.32
CA VAL C 430 -36.10 55.53 10.11
C VAL C 430 -34.95 54.70 9.50
N PRO C 431 -35.23 53.79 8.56
CA PRO C 431 -34.28 52.80 8.08
C PRO C 431 -33.29 53.44 7.10
N LEU C 432 -32.13 53.84 7.62
CA LEU C 432 -31.09 54.58 6.89
C LEU C 432 -30.21 53.67 6.05
N VAL C 433 -30.02 52.42 6.45
CA VAL C 433 -29.41 51.36 5.64
C VAL C 433 -30.46 50.28 5.41
N ILE C 434 -30.68 49.88 4.16
CA ILE C 434 -31.80 49.06 3.70
C ILE C 434 -31.35 47.87 2.86
N ASP C 435 -32.11 46.79 2.91
CA ASP C 435 -32.03 45.67 1.97
C ASP C 435 -32.40 46.17 0.55
N MET C 436 -31.52 46.03 -0.43
CA MET C 436 -31.78 46.46 -1.82
C MET C 436 -31.12 45.54 -2.85
N PRO C 437 -31.55 44.28 -2.94
CA PRO C 437 -30.89 43.27 -3.75
C PRO C 437 -30.96 43.56 -5.26
N GLU C 438 -29.99 43.07 -6.03
CA GLU C 438 -30.00 43.14 -7.49
C GLU C 438 -31.04 42.21 -8.08
N HIS C 439 -31.77 42.71 -9.08
CA HIS C 439 -32.85 41.99 -9.77
C HIS C 439 -32.72 42.17 -11.29
N ASN C 440 -32.88 41.08 -12.03
CA ASN C 440 -32.65 40.98 -13.48
C ASN C 440 -33.66 40.01 -14.13
N PRO C 441 -33.94 40.14 -15.44
CA PRO C 441 -34.45 39.04 -16.25
C PRO C 441 -33.59 37.77 -16.11
N GLY C 442 -34.21 36.59 -16.21
CA GLY C 442 -33.53 35.29 -16.15
C GLY C 442 -33.01 34.88 -14.77
N ASN C 443 -33.41 35.58 -13.71
CA ASN C 443 -33.11 35.26 -12.31
C ASN C 443 -34.40 35.22 -11.47
N LEU C 444 -34.49 34.36 -10.45
CA LEU C 444 -35.65 34.24 -9.56
C LEU C 444 -35.45 35.05 -8.27
N GLY C 445 -36.32 36.02 -8.03
CA GLY C 445 -36.26 36.93 -6.88
C GLY C 445 -35.05 37.90 -6.88
N GLY C 446 -34.82 38.56 -5.76
CA GLY C 446 -33.66 39.42 -5.54
C GLY C 446 -32.41 38.66 -5.10
N THR C 447 -31.24 39.14 -5.51
CA THR C 447 -29.92 38.47 -5.41
C THR C 447 -28.84 39.45 -4.93
N MET C 448 -27.70 38.98 -4.42
CA MET C 448 -26.62 39.86 -3.95
C MET C 448 -26.00 40.71 -5.06
N ARG C 449 -25.59 41.94 -4.72
CA ARG C 449 -24.65 42.74 -5.50
C ARG C 449 -23.28 42.11 -5.28
N LEU C 450 -22.84 41.35 -6.26
CA LEU C 450 -21.81 40.33 -6.13
C LEU C 450 -20.92 40.31 -7.36
N GLY C 451 -19.61 40.50 -7.18
CA GLY C 451 -18.65 40.62 -8.27
C GLY C 451 -18.43 42.06 -8.75
N ILE C 452 -17.83 42.22 -9.94
CA ILE C 452 -17.36 43.52 -10.42
C ILE C 452 -18.50 44.37 -10.98
N ARG C 453 -18.56 45.64 -10.56
CA ARG C 453 -19.56 46.64 -10.92
C ARG C 453 -18.87 47.97 -11.14
N ARG C 454 -19.32 48.79 -12.09
CA ARG C 454 -18.81 50.14 -12.30
C ARG C 454 -19.40 51.11 -11.26
N THR C 455 -18.54 51.77 -10.50
CA THR C 455 -18.89 52.85 -9.55
C THR C 455 -18.33 54.16 -10.09
N VAL C 456 -19.19 55.16 -10.25
CA VAL C 456 -18.90 56.42 -10.96
C VAL C 456 -18.73 57.55 -9.96
N PHE C 457 -17.68 58.37 -10.12
CA PHE C 457 -17.48 59.53 -9.25
C PHE C 457 -18.47 60.66 -9.54
N LYS C 458 -19.04 61.23 -8.49
CA LYS C 458 -19.98 62.36 -8.53
C LYS C 458 -19.31 63.72 -8.70
N THR C 459 -18.04 63.84 -8.32
CA THR C 459 -17.32 65.09 -8.19
C THR C 459 -15.82 64.89 -8.46
N GLU C 460 -15.13 65.92 -8.92
CA GLU C 460 -13.68 65.95 -8.97
C GLU C 460 -13.05 66.18 -7.58
N ASN C 461 -13.82 66.67 -6.61
CA ASN C 461 -13.38 67.01 -5.25
C ASN C 461 -13.38 65.79 -4.31
N SER C 462 -12.70 64.73 -4.69
CA SER C 462 -12.56 63.48 -3.94
C SER C 462 -11.10 63.06 -3.82
N ILE C 463 -10.67 62.72 -2.59
CA ILE C 463 -9.35 62.14 -2.37
C ILE C 463 -9.26 60.77 -3.05
N LEU C 464 -10.29 59.92 -2.97
CA LEU C 464 -10.27 58.65 -3.69
C LEU C 464 -10.13 58.84 -5.19
N ARG C 465 -10.83 59.78 -5.82
CA ARG C 465 -10.64 60.08 -7.25
C ARG C 465 -9.19 60.44 -7.57
N LYS C 466 -8.52 61.22 -6.71
CA LYS C 466 -7.09 61.51 -6.86
C LYS C 466 -6.23 60.26 -6.71
N LEU C 467 -6.45 59.45 -5.68
CA LEU C 467 -5.71 58.20 -5.48
C LEU C 467 -5.93 57.19 -6.62
N TYR C 468 -7.12 57.12 -7.23
CA TYR C 468 -7.43 56.35 -8.43
C TYR C 468 -6.93 56.97 -9.75
N GLY C 469 -6.07 57.98 -9.73
CA GLY C 469 -5.47 58.52 -10.96
C GLY C 469 -6.30 59.53 -11.74
N ASP C 470 -7.25 60.18 -11.08
CA ASP C 470 -8.13 61.21 -11.65
C ASP C 470 -9.04 60.68 -12.78
N VAL C 471 -9.36 59.38 -12.74
CA VAL C 471 -10.20 58.65 -13.70
C VAL C 471 -11.70 58.92 -13.47
N PRO C 472 -12.59 58.94 -14.48
CA PRO C 472 -14.04 59.22 -14.32
C PRO C 472 -14.84 58.22 -13.47
N PHE C 473 -14.41 56.97 -13.42
CA PHE C 473 -15.09 55.86 -12.74
C PHE C 473 -14.09 54.76 -12.40
N ILE C 474 -14.49 53.81 -11.58
CA ILE C 474 -13.71 52.64 -11.22
C ILE C 474 -14.58 51.39 -11.35
N GLU C 475 -13.96 50.26 -11.64
CA GLU C 475 -14.57 48.94 -11.52
C GLU C 475 -13.97 48.21 -10.32
N GLU C 476 -14.80 47.79 -9.38
CA GLU C 476 -14.39 47.16 -8.13
C GLU C 476 -15.39 46.09 -7.71
N ARG C 477 -14.99 45.18 -6.82
CA ARG C 477 -15.78 44.00 -6.45
C ARG C 477 -16.66 44.24 -5.24
N HIS C 478 -17.90 43.80 -5.30
CA HIS C 478 -18.94 43.97 -4.30
C HIS C 478 -19.41 42.63 -3.75
N ARG C 479 -19.87 42.57 -2.51
CA ARG C 479 -20.53 41.39 -1.88
C ARG C 479 -21.45 41.85 -0.74
N HIS C 480 -22.66 42.28 -1.07
CA HIS C 480 -23.68 42.69 -0.10
C HIS C 480 -25.09 42.70 -0.69
N ARG C 481 -26.09 42.61 0.19
CA ARG C 481 -27.52 42.90 -0.09
C ARG C 481 -27.88 44.35 0.21
N PHE C 482 -27.28 44.91 1.23
CA PHE C 482 -27.69 46.15 1.88
C PHE C 482 -27.00 47.37 1.26
N GLU C 483 -27.61 48.54 1.44
CA GLU C 483 -27.24 49.84 0.86
C GLU C 483 -27.69 50.97 1.78
N VAL C 484 -27.12 52.17 1.69
CA VAL C 484 -27.78 53.36 2.22
C VAL C 484 -29.10 53.61 1.49
N ASN C 485 -30.14 53.94 2.25
CA ASN C 485 -31.46 54.33 1.78
C ASN C 485 -31.34 55.55 0.84
N PRO C 486 -31.69 55.43 -0.45
CA PRO C 486 -31.60 56.52 -1.42
C PRO C 486 -32.51 57.71 -1.12
N ASN C 487 -33.60 57.50 -0.40
CA ASN C 487 -34.55 58.57 -0.05
C ASN C 487 -34.04 59.44 1.12
N LEU C 488 -33.23 58.87 2.03
CA LEU C 488 -32.66 59.58 3.17
C LEU C 488 -31.33 60.29 2.84
N ILE C 489 -30.87 60.29 1.59
CA ILE C 489 -29.64 60.97 1.16
C ILE C 489 -29.75 62.50 1.33
N LYS C 490 -30.95 63.07 1.25
CA LYS C 490 -31.18 64.52 1.37
C LYS C 490 -30.71 65.08 2.72
N GLN C 491 -30.89 64.33 3.80
CA GLN C 491 -30.48 64.75 5.14
C GLN C 491 -28.97 65.01 5.26
N PHE C 492 -28.14 64.51 4.35
CA PHE C 492 -26.70 64.72 4.39
C PHE C 492 -26.22 66.00 3.70
N GLU C 493 -26.92 66.56 2.70
CA GLU C 493 -26.35 67.58 1.81
C GLU C 493 -25.95 68.91 2.49
N GLN C 494 -26.51 69.24 3.65
CA GLN C 494 -26.11 70.41 4.44
C GLN C 494 -24.79 70.21 5.20
N ASN C 495 -24.34 68.97 5.43
CA ASN C 495 -23.38 68.64 6.48
C ASN C 495 -22.17 67.84 5.97
N ASP C 496 -21.25 67.49 6.86
CA ASP C 496 -19.84 67.24 6.51
C ASP C 496 -19.58 65.93 5.74
N LEU C 497 -20.41 64.92 5.91
CA LEU C 497 -20.31 63.66 5.18
C LEU C 497 -20.90 63.80 3.78
N SER C 498 -20.02 63.77 2.78
CA SER C 498 -20.38 63.73 1.37
C SER C 498 -20.52 62.30 0.85
N PHE C 499 -21.33 62.10 -0.18
CA PHE C 499 -21.26 60.93 -1.05
C PHE C 499 -20.54 61.32 -2.35
N VAL C 500 -19.54 60.54 -2.76
CA VAL C 500 -18.68 60.85 -3.90
C VAL C 500 -18.68 59.77 -4.97
N GLY C 501 -19.24 58.59 -4.72
CA GLY C 501 -19.34 57.51 -5.70
C GLY C 501 -20.74 56.92 -5.74
N GLN C 502 -21.20 56.57 -6.93
CA GLN C 502 -22.58 56.18 -7.20
C GLN C 502 -22.62 55.05 -8.24
N ASP C 503 -23.62 54.18 -8.20
CA ASP C 503 -23.81 53.18 -9.24
C ASP C 503 -24.17 53.82 -10.59
N VAL C 504 -23.89 53.12 -11.69
CA VAL C 504 -24.28 53.55 -13.05
C VAL C 504 -25.80 53.65 -13.22
N ASP C 505 -26.62 52.91 -12.46
CA ASP C 505 -28.08 53.08 -12.47
C ASP C 505 -28.54 54.29 -11.66
N GLY C 506 -27.65 54.89 -10.88
CA GLY C 506 -27.91 55.95 -9.92
C GLY C 506 -28.52 55.49 -8.59
N ASP C 507 -29.06 54.28 -8.54
CA ASP C 507 -29.89 53.74 -7.46
C ASP C 507 -29.17 53.59 -6.10
N ARG C 508 -27.83 53.54 -6.10
CA ARG C 508 -27.01 53.16 -4.95
C ARG C 508 -25.85 54.14 -4.79
N MET C 509 -25.59 54.61 -3.56
CA MET C 509 -24.41 55.41 -3.23
C MET C 509 -23.34 54.52 -2.60
N GLU C 510 -22.13 54.60 -3.14
CA GLU C 510 -21.13 53.56 -3.02
C GLU C 510 -19.78 54.02 -2.47
N ILE C 511 -19.54 55.32 -2.37
CA ILE C 511 -18.38 55.90 -1.69
C ILE C 511 -18.81 57.15 -0.90
N ILE C 512 -18.34 57.31 0.33
CA ILE C 512 -18.50 58.50 1.18
C ILE C 512 -17.15 59.08 1.56
N GLU C 513 -17.06 60.41 1.68
CA GLU C 513 -15.90 61.09 2.28
C GLU C 513 -16.34 62.15 3.29
N LEU C 514 -15.76 62.14 4.48
CA LEU C 514 -15.99 63.13 5.53
C LEU C 514 -15.01 64.30 5.38
N ALA C 515 -15.53 65.50 5.20
CA ALA C 515 -14.72 66.72 5.10
C ALA C 515 -14.04 67.08 6.44
N ASN C 516 -13.10 68.03 6.39
CA ASN C 516 -12.44 68.61 7.57
C ASN C 516 -11.73 67.56 8.44
N HIS C 517 -11.14 66.55 7.79
CA HIS C 517 -10.50 65.38 8.41
C HIS C 517 -9.29 64.97 7.56
N PRO C 518 -8.20 64.43 8.13
CA PRO C 518 -7.02 64.03 7.36
C PRO C 518 -7.36 63.08 6.22
N TYR C 519 -8.11 62.02 6.51
CA TYR C 519 -8.62 61.05 5.55
C TYR C 519 -9.70 60.21 6.24
N PHE C 520 -10.95 60.28 5.82
CA PHE C 520 -12.03 59.46 6.34
C PHE C 520 -12.97 59.17 5.19
N VAL C 521 -12.99 57.91 4.80
CA VAL C 521 -13.68 57.43 3.61
C VAL C 521 -14.29 56.07 3.90
N GLY C 522 -15.40 55.80 3.25
CA GLY C 522 -15.99 54.48 3.21
C GLY C 522 -16.36 54.11 1.80
N VAL C 523 -16.24 52.83 1.48
CA VAL C 523 -16.55 52.24 0.17
C VAL C 523 -17.46 51.04 0.34
N GLN C 524 -18.40 50.80 -0.58
CA GLN C 524 -19.24 49.61 -0.54
C GLN C 524 -18.53 48.36 -1.12
N PHE C 525 -17.73 48.55 -2.17
CA PHE C 525 -16.84 47.51 -2.69
C PHE C 525 -15.74 47.14 -1.69
N HIS C 526 -15.16 45.95 -1.86
CA HIS C 526 -13.96 45.44 -1.21
C HIS C 526 -12.72 45.72 -2.09
N PRO C 527 -11.94 46.78 -1.87
CA PRO C 527 -10.78 47.08 -2.72
C PRO C 527 -9.62 46.09 -2.56
N GLU C 528 -9.57 45.29 -1.51
CA GLU C 528 -8.46 44.38 -1.25
C GLU C 528 -8.35 43.23 -2.26
N PHE C 529 -9.47 42.78 -2.84
CA PHE C 529 -9.49 41.71 -3.83
C PHE C 529 -8.84 42.12 -5.15
N SER C 530 -8.86 43.41 -5.45
CA SER C 530 -8.23 44.03 -6.63
C SER C 530 -6.78 44.44 -6.40
N SER C 531 -6.29 44.38 -5.18
CA SER C 531 -4.95 44.77 -4.77
C SER C 531 -3.89 43.79 -5.25
N ARG C 532 -2.69 44.23 -5.58
CA ARG C 532 -1.57 43.42 -6.07
C ARG C 532 -0.26 43.88 -5.42
N PRO C 533 0.72 43.00 -5.14
CA PRO C 533 1.96 43.37 -4.46
C PRO C 533 2.73 44.52 -5.10
N MET C 534 2.80 44.56 -6.44
CA MET C 534 3.48 45.62 -7.19
C MET C 534 2.70 46.94 -7.28
N LYS C 535 1.40 46.95 -6.98
CA LYS C 535 0.53 48.12 -7.11
C LYS C 535 -0.67 48.07 -6.14
N PRO C 536 -0.60 48.75 -4.99
CA PRO C 536 -1.66 48.72 -3.99
C PRO C 536 -3.00 49.23 -4.48
N SER C 537 -4.06 48.78 -3.84
CA SER C 537 -5.43 49.25 -4.02
C SER C 537 -5.60 50.64 -3.41
N PRO C 538 -5.95 51.68 -4.18
CA PRO C 538 -5.92 53.08 -3.75
C PRO C 538 -6.56 53.44 -2.41
N PRO C 539 -7.71 52.89 -1.97
CA PRO C 539 -8.25 53.22 -0.66
C PRO C 539 -7.35 52.80 0.51
N TYR C 540 -6.63 51.68 0.39
CA TYR C 540 -5.68 51.21 1.41
C TYR C 540 -4.38 52.01 1.35
N LEU C 541 -3.92 52.36 0.15
CA LEU C 541 -2.77 53.22 -0.05
C LEU C 541 -3.00 54.59 0.56
N GLY C 542 -4.17 55.19 0.34
CA GLY C 542 -4.59 56.42 0.99
C GLY C 542 -4.64 56.33 2.51
N LEU C 543 -5.15 55.24 3.06
CA LEU C 543 -5.22 55.02 4.51
C LEU C 543 -3.81 54.97 5.12
N LEU C 544 -2.88 54.25 4.51
CA LEU C 544 -1.51 54.15 5.02
C LEU C 544 -0.65 55.37 4.71
N LEU C 545 -0.87 56.05 3.58
CA LEU C 545 -0.34 57.40 3.36
C LEU C 545 -0.79 58.34 4.47
N ALA C 546 -2.08 58.40 4.77
CA ALA C 546 -2.61 59.26 5.81
C ALA C 546 -2.14 58.87 7.20
N ALA C 547 -1.94 57.58 7.48
CA ALA C 547 -1.52 57.08 8.78
C ALA C 547 -0.15 57.61 9.21
N THR C 548 0.89 57.47 8.40
CA THR C 548 2.22 58.06 8.67
C THR C 548 2.22 59.59 8.54
N GLY C 549 1.41 60.14 7.64
CA GLY C 549 1.26 61.56 7.40
C GLY C 549 1.71 62.02 6.01
N ASN C 550 1.96 61.09 5.11
CA ASN C 550 2.47 61.30 3.76
C ASN C 550 1.41 61.70 2.71
N LEU C 551 0.11 61.62 2.99
CA LEU C 551 -0.93 61.80 1.96
C LEU C 551 -0.89 63.18 1.30
N ASN C 552 -0.72 64.22 2.10
CA ASN C 552 -0.62 65.61 1.64
C ASN C 552 0.65 65.89 0.81
N ALA C 553 1.69 65.05 0.93
CA ALA C 553 2.85 65.08 0.06
C ALA C 553 2.69 64.18 -1.18
N TYR C 554 1.99 63.05 -1.09
CA TYR C 554 1.72 62.18 -2.24
C TYR C 554 0.82 62.85 -3.31
N LEU C 555 -0.19 63.60 -2.88
CA LEU C 555 -1.05 64.37 -3.79
C LEU C 555 -0.30 65.45 -4.62
N GLN C 556 0.96 65.78 -4.31
CA GLN C 556 1.76 66.75 -5.05
C GLN C 556 2.45 66.19 -6.32
N GLN C 557 2.56 64.87 -6.47
CA GLN C 557 3.21 64.26 -7.63
C GLN C 557 2.24 64.08 -8.80
N MET D 1 4.44 -16.14 28.75
CA MET D 1 5.24 -14.93 29.06
C MET D 1 4.61 -13.72 28.42
N LYS D 2 4.66 -12.56 29.06
CA LYS D 2 4.15 -11.32 28.50
C LYS D 2 5.21 -10.67 27.61
N TYR D 3 4.82 -10.09 26.48
CA TYR D 3 5.71 -9.51 25.49
C TYR D 3 5.22 -8.12 25.10
N ILE D 4 6.12 -7.15 25.04
CA ILE D 4 5.83 -5.80 24.59
C ILE D 4 6.71 -5.53 23.38
N LEU D 5 6.17 -5.53 22.17
CA LEU D 5 6.89 -5.10 20.98
C LEU D 5 6.79 -3.58 20.85
N VAL D 6 7.90 -2.88 20.69
CA VAL D 6 8.01 -1.44 20.45
C VAL D 6 8.48 -1.23 19.02
N THR D 7 7.70 -0.53 18.21
CA THR D 7 7.92 -0.27 16.78
C THR D 7 7.93 1.21 16.48
N GLY D 8 8.55 1.62 15.38
CA GLY D 8 8.62 3.01 14.96
C GLY D 8 7.89 3.26 13.66
N GLY D 9 7.15 4.36 13.58
CA GLY D 9 6.28 4.65 12.46
C GLY D 9 6.91 5.42 11.33
N VAL D 10 7.33 6.65 11.62
CA VAL D 10 7.45 7.69 10.59
C VAL D 10 8.87 7.91 10.10
N ILE D 11 9.81 7.95 11.04
CA ILE D 11 11.23 8.18 10.86
C ILE D 11 11.98 7.42 11.97
N SER D 12 13.22 7.01 11.71
CA SER D 12 13.94 6.11 12.62
C SER D 12 14.46 6.74 13.92
N GLY D 13 14.63 8.06 13.97
CA GLY D 13 15.29 8.76 15.08
C GLY D 13 14.41 9.23 16.24
N ILE D 14 13.14 8.84 16.28
CA ILE D 14 12.11 9.31 17.24
C ILE D 14 12.29 8.86 18.69
N GLY D 15 13.24 8.01 19.01
CA GLY D 15 13.50 7.55 20.36
C GLY D 15 12.81 6.27 20.77
N LYS D 16 12.62 5.30 19.87
CA LYS D 16 12.09 3.96 20.21
C LYS D 16 12.85 3.33 21.36
N GLY D 17 14.17 3.48 21.37
CA GLY D 17 15.06 2.96 22.40
C GLY D 17 14.88 3.56 23.78
N ILE D 18 14.60 4.85 23.92
CA ILE D 18 14.30 5.42 25.25
C ILE D 18 12.88 5.08 25.69
N ILE D 19 11.91 4.98 24.79
CA ILE D 19 10.58 4.47 25.11
C ILE D 19 10.68 3.05 25.64
N ALA D 20 11.26 2.12 24.89
CA ALA D 20 11.38 0.73 25.29
C ALA D 20 12.16 0.54 26.59
N SER D 21 13.24 1.28 26.78
CA SER D 21 13.98 1.28 28.04
C SER D 21 13.12 1.75 29.19
N SER D 22 12.37 2.82 28.99
CA SER D 22 11.57 3.45 30.05
C SER D 22 10.35 2.63 30.41
N ILE D 23 9.72 1.96 29.45
CA ILE D 23 8.69 0.94 29.67
C ILE D 23 9.27 -0.16 30.57
N GLY D 24 10.48 -0.61 30.27
CA GLY D 24 11.21 -1.61 31.02
C GLY D 24 11.52 -1.19 32.45
N THR D 25 12.02 0.02 32.65
CA THR D 25 12.25 0.64 33.96
C THR D 25 10.99 0.75 34.78
N ILE D 26 9.88 1.13 34.15
CA ILE D 26 8.56 1.21 34.78
C ILE D 26 8.13 -0.14 35.31
N LEU D 27 8.20 -1.19 34.50
CA LEU D 27 7.72 -2.52 34.84
C LEU D 27 8.65 -3.21 35.86
N LYS D 28 9.97 -3.01 35.75
CA LYS D 28 10.98 -3.28 36.78
C LYS D 28 10.62 -2.59 38.09
N SER D 29 10.25 -1.31 38.07
CA SER D 29 9.90 -0.57 39.29
C SER D 29 8.60 -1.05 39.96
N CYS D 30 7.67 -1.64 39.19
CA CYS D 30 6.46 -2.27 39.69
C CYS D 30 6.70 -3.63 40.37
N GLY D 31 7.92 -4.16 40.31
CA GLY D 31 8.31 -5.42 40.91
C GLY D 31 8.34 -6.62 39.97
N LEU D 32 8.31 -6.41 38.65
CA LEU D 32 8.38 -7.50 37.68
C LEU D 32 9.82 -7.78 37.23
N ARG D 33 10.16 -9.05 37.02
CA ARG D 33 11.43 -9.46 36.42
C ARG D 33 11.37 -9.23 34.92
N VAL D 34 12.01 -8.17 34.43
CA VAL D 34 11.91 -7.73 33.04
C VAL D 34 13.17 -8.10 32.28
N THR D 35 13.01 -8.78 31.15
CA THR D 35 14.04 -8.95 30.13
C THR D 35 13.78 -8.04 28.94
N ALA D 36 14.77 -7.84 28.10
CA ALA D 36 14.69 -7.00 26.94
C ALA D 36 15.45 -7.61 25.78
N ILE D 37 14.89 -7.52 24.58
CA ILE D 37 15.50 -7.91 23.31
C ILE D 37 15.53 -6.68 22.40
N LYS D 38 16.56 -6.54 21.58
CA LYS D 38 16.55 -5.58 20.47
C LYS D 38 16.74 -6.29 19.16
N ILE D 39 15.92 -5.97 18.18
CA ILE D 39 16.12 -6.35 16.80
C ILE D 39 16.83 -5.19 16.10
N ASP D 40 18.02 -5.46 15.58
CA ASP D 40 18.72 -4.58 14.65
C ASP D 40 18.64 -5.19 13.24
N PRO D 41 17.81 -4.67 12.34
CA PRO D 41 17.63 -5.27 11.02
C PRO D 41 18.83 -5.16 10.06
N TYR D 42 20.00 -4.80 10.57
CA TYR D 42 21.26 -4.81 9.84
C TYR D 42 21.87 -6.21 9.69
N ILE D 43 22.76 -6.39 8.72
CA ILE D 43 23.35 -7.69 8.36
C ILE D 43 24.61 -8.01 9.15
N ASN D 44 25.18 -7.06 9.87
CA ASN D 44 26.25 -7.37 10.82
C ASN D 44 25.77 -8.40 11.85
N ILE D 45 26.54 -9.47 12.07
CA ILE D 45 26.11 -10.51 13.03
C ILE D 45 26.39 -10.09 14.47
N ASP D 46 27.40 -9.26 14.66
CA ASP D 46 27.84 -8.69 15.93
C ASP D 46 28.37 -7.25 15.71
N ALA D 47 28.68 -6.54 16.78
CA ALA D 47 29.21 -5.18 16.68
C ALA D 47 30.73 -5.10 16.45
N GLY D 48 31.47 -6.21 16.47
CA GLY D 48 32.94 -6.19 16.55
C GLY D 48 33.65 -5.56 15.34
N THR D 49 32.97 -5.52 14.20
CA THR D 49 33.44 -4.91 12.94
C THR D 49 33.31 -3.38 12.93
N PHE D 50 32.51 -2.78 13.81
CA PHE D 50 32.22 -1.35 13.76
C PHE D 50 33.45 -0.49 14.06
N SER D 51 33.73 0.48 13.18
CA SER D 51 34.64 1.58 13.48
C SER D 51 33.85 2.61 14.27
N PRO D 52 34.13 2.88 15.56
CA PRO D 52 33.23 3.62 16.44
C PRO D 52 32.74 5.01 16.00
N TYR D 53 33.37 5.66 15.03
CA TYR D 53 32.85 6.91 14.45
C TYR D 53 31.53 6.68 13.70
N GLU D 54 31.48 5.64 12.88
CA GLU D 54 30.26 5.12 12.28
C GLU D 54 29.50 4.23 13.28
N HIS D 55 28.18 4.39 13.39
CA HIS D 55 27.27 3.65 14.29
C HIS D 55 27.44 3.93 15.79
N GLY D 56 28.67 3.91 16.30
CA GLY D 56 29.00 4.27 17.67
C GLY D 56 29.83 3.22 18.40
N GLU D 57 29.94 3.36 19.71
CA GLU D 57 30.61 2.43 20.63
C GLU D 57 30.25 0.94 20.42
N VAL D 58 31.19 0.03 20.67
CA VAL D 58 30.94 -1.40 20.81
C VAL D 58 30.77 -1.68 22.30
N PHE D 59 29.63 -2.23 22.69
CA PHE D 59 29.34 -2.57 24.08
C PHE D 59 29.71 -4.02 24.36
N VAL D 60 30.25 -4.31 25.53
CA VAL D 60 30.70 -5.65 25.86
C VAL D 60 29.85 -6.20 26.98
N LEU D 61 29.33 -7.40 26.77
CA LEU D 61 28.48 -8.11 27.70
C LEU D 61 29.28 -8.99 28.65
N ASN D 62 28.69 -9.45 29.75
CA ASN D 62 29.38 -10.36 30.67
C ASN D 62 29.91 -11.61 29.96
N ASP D 63 29.14 -12.16 29.02
CA ASP D 63 29.47 -13.38 28.27
C ASP D 63 30.54 -13.20 27.18
N GLY D 64 31.01 -11.97 26.97
CA GLY D 64 31.97 -11.64 25.92
C GLY D 64 31.37 -11.29 24.57
N GLY D 65 30.05 -11.15 24.45
CA GLY D 65 29.44 -10.60 23.25
C GLY D 65 29.88 -9.16 22.98
N GLU D 66 30.28 -8.86 21.75
CA GLU D 66 30.43 -7.50 21.22
C GLU D 66 29.12 -7.09 20.56
N VAL D 67 28.41 -6.16 21.16
CA VAL D 67 27.00 -5.87 20.87
C VAL D 67 26.79 -4.36 20.68
N ASP D 68 25.67 -3.96 20.11
CA ASP D 68 25.31 -2.56 19.90
C ASP D 68 25.25 -1.77 21.21
N LEU D 69 25.63 -0.49 21.17
CA LEU D 69 25.57 0.43 22.29
C LEU D 69 24.16 0.62 22.83
N ASP D 70 23.14 0.44 21.99
CA ASP D 70 21.74 0.45 22.38
C ASP D 70 21.42 -0.65 23.39
N LEU D 71 22.03 -1.84 23.38
CA LEU D 71 21.83 -2.82 24.46
C LEU D 71 22.49 -2.37 25.77
N GLY D 72 23.45 -1.46 25.74
CA GLY D 72 23.95 -0.83 26.95
C GLY D 72 22.94 0.08 27.62
N ASN D 73 22.02 0.67 26.86
CA ASN D 73 20.95 1.48 27.40
C ASN D 73 19.96 0.62 28.19
N TYR D 74 19.62 -0.57 27.71
CA TYR D 74 18.80 -1.53 28.45
C TYR D 74 19.50 -2.05 29.70
N GLU D 75 20.81 -2.26 29.67
CA GLU D 75 21.58 -2.58 30.87
C GLU D 75 21.65 -1.45 31.90
N ARG D 76 21.62 -0.18 31.47
CA ARG D 76 21.61 0.94 32.41
C ARG D 76 20.22 1.17 33.01
N PHE D 77 19.17 1.19 32.20
CA PHE D 77 17.82 1.53 32.66
C PHE D 77 17.09 0.41 33.42
N LEU D 78 17.42 -0.84 33.16
CA LEU D 78 16.99 -2.02 33.90
C LEU D 78 18.24 -2.60 34.58
N ASP D 79 18.23 -2.98 35.86
CA ASP D 79 19.40 -3.65 36.49
C ASP D 79 19.60 -5.11 35.99
N ILE D 80 20.06 -5.28 34.76
CA ILE D 80 20.21 -6.56 34.08
C ILE D 80 21.57 -6.66 33.38
N ASN D 81 21.97 -7.89 33.06
CA ASN D 81 23.21 -8.21 32.34
C ASN D 81 22.82 -9.10 31.17
N LEU D 82 22.75 -8.55 29.98
CA LEU D 82 22.23 -9.24 28.81
C LEU D 82 23.23 -10.28 28.29
N TYR D 83 22.74 -11.34 27.68
CA TYR D 83 23.51 -12.27 26.87
C TYR D 83 23.54 -11.83 25.41
N LYS D 84 24.52 -12.25 24.60
CA LYS D 84 24.66 -11.77 23.22
C LYS D 84 23.44 -11.99 22.35
N ASP D 85 22.65 -13.00 22.64
CA ASP D 85 21.46 -13.33 21.86
C ASP D 85 20.21 -12.56 22.25
N ASN D 86 20.27 -11.63 23.21
CA ASN D 86 19.27 -10.57 23.36
C ASN D 86 19.42 -9.48 22.29
N ASN D 87 20.49 -9.47 21.53
CA ASN D 87 20.60 -8.74 20.29
C ASN D 87 20.31 -9.72 19.16
N ILE D 88 19.23 -9.49 18.42
CA ILE D 88 18.88 -10.25 17.23
C ILE D 88 19.21 -9.36 16.05
N THR D 89 19.81 -9.90 15.00
CA THR D 89 20.09 -9.12 13.80
C THR D 89 19.63 -9.86 12.56
N THR D 90 19.46 -9.15 11.44
CA THR D 90 19.22 -9.82 10.16
C THR D 90 20.37 -10.74 9.82
N GLY D 91 21.61 -10.35 10.09
CA GLY D 91 22.78 -11.18 9.95
C GLY D 91 22.72 -12.45 10.77
N LYS D 92 22.34 -12.36 12.05
CA LYS D 92 22.22 -13.53 12.90
C LYS D 92 21.14 -14.51 12.45
N ILE D 93 19.97 -13.99 12.08
CA ILE D 93 18.81 -14.80 11.76
C ILE D 93 19.00 -15.49 10.41
N TYR D 94 19.46 -14.75 9.41
CA TYR D 94 19.78 -15.34 8.12
C TYR D 94 20.96 -16.29 8.24
N GLN D 95 22.00 -15.99 9.02
CA GLN D 95 23.11 -16.92 9.17
C GLN D 95 22.69 -18.24 9.84
N HIS D 96 21.81 -18.18 10.84
CA HIS D 96 21.25 -19.32 11.53
C HIS D 96 20.37 -20.19 10.62
N VAL D 97 19.49 -19.61 9.81
CA VAL D 97 18.66 -20.37 8.86
C VAL D 97 19.49 -20.93 7.71
N ILE D 98 20.51 -20.23 7.25
CA ILE D 98 21.45 -20.77 6.25
C ILE D 98 22.18 -21.97 6.82
N ASN D 99 22.75 -21.89 8.02
CA ASN D 99 23.46 -23.02 8.64
C ASN D 99 22.58 -24.25 8.82
N LYS D 100 21.33 -24.09 9.26
CA LYS D 100 20.36 -25.19 9.33
C LYS D 100 20.05 -25.79 7.95
N GLU D 101 20.02 -24.99 6.89
CA GLU D 101 19.84 -25.50 5.53
C GLU D 101 21.04 -26.34 5.08
N ARG D 102 22.28 -25.90 5.34
CA ARG D 102 23.50 -26.64 4.95
C ARG D 102 23.60 -27.99 5.63
N ARG D 103 23.22 -28.08 6.90
CA ARG D 103 23.17 -29.34 7.67
C ARG D 103 22.01 -30.26 7.29
N GLY D 104 21.00 -29.76 6.58
CA GLY D 104 19.80 -30.51 6.24
C GLY D 104 18.79 -30.64 7.38
N ASP D 105 18.80 -29.72 8.34
CA ASP D 105 17.82 -29.69 9.44
C ASP D 105 16.39 -29.44 8.93
N TYR D 106 16.24 -28.76 7.80
CA TYR D 106 14.97 -28.53 7.12
C TYR D 106 14.51 -29.69 6.19
N LEU D 107 15.04 -30.90 6.36
CA LEU D 107 14.53 -32.15 5.77
C LEU D 107 14.35 -32.13 4.24
N GLY D 108 15.21 -31.40 3.54
CA GLY D 108 15.21 -31.28 2.10
C GLY D 108 14.04 -30.50 1.50
N LYS D 109 13.24 -29.81 2.31
CA LYS D 109 12.25 -28.81 1.87
C LYS D 109 12.93 -27.54 1.38
N THR D 110 12.25 -26.75 0.54
CA THR D 110 12.68 -25.39 0.21
C THR D 110 12.60 -24.53 1.45
N VAL D 111 13.70 -23.92 1.89
CA VAL D 111 13.73 -22.99 3.02
C VAL D 111 13.37 -21.60 2.54
N GLN D 112 12.34 -20.99 3.10
CA GLN D 112 11.67 -19.79 2.60
C GLN D 112 11.63 -18.69 3.66
N VAL D 113 11.50 -17.42 3.28
CA VAL D 113 11.47 -16.34 4.27
C VAL D 113 10.26 -16.50 5.16
N VAL D 114 9.11 -16.80 4.57
CA VAL D 114 7.92 -17.29 5.27
C VAL D 114 7.69 -18.73 4.84
N PRO D 115 7.69 -19.74 5.74
CA PRO D 115 7.75 -19.63 7.19
C PRO D 115 9.15 -19.57 7.82
N HIS D 116 10.24 -20.02 7.18
CA HIS D 116 11.45 -20.43 7.91
C HIS D 116 12.28 -19.30 8.53
N ILE D 117 12.47 -18.14 7.88
CA ILE D 117 13.11 -16.99 8.54
C ILE D 117 12.21 -16.45 9.64
N THR D 118 10.90 -16.36 9.39
CA THR D 118 9.94 -15.87 10.38
C THR D 118 9.77 -16.79 11.59
N ASP D 119 9.87 -18.11 11.41
CA ASP D 119 9.90 -19.10 12.49
C ASP D 119 11.19 -19.01 13.30
N ALA D 120 12.33 -18.74 12.68
CA ALA D 120 13.58 -18.51 13.38
C ALA D 120 13.53 -17.30 14.29
N VAL D 121 12.90 -16.19 13.88
CA VAL D 121 12.69 -15.01 14.73
C VAL D 121 11.81 -15.33 15.94
N GLN D 122 10.77 -16.15 15.79
CA GLN D 122 9.86 -16.50 16.86
C GLN D 122 10.47 -17.53 17.82
N GLU D 123 11.19 -18.53 17.32
CA GLU D 123 11.97 -19.46 18.14
C GLU D 123 13.01 -18.70 18.96
N TRP D 124 13.71 -17.74 18.37
CA TRP D 124 14.74 -16.99 19.05
C TRP D 124 14.15 -16.09 20.12
N VAL D 125 13.03 -15.41 19.85
CA VAL D 125 12.32 -14.61 20.87
C VAL D 125 11.79 -15.46 22.02
N MET D 126 11.09 -16.56 21.80
CA MET D 126 10.64 -17.43 22.90
C MET D 126 11.79 -18.02 23.71
N ASN D 127 12.87 -18.46 23.05
CA ASN D 127 14.04 -18.99 23.72
C ASN D 127 14.75 -17.94 24.59
N GLN D 128 15.03 -16.73 24.09
CA GLN D 128 15.77 -15.72 24.87
C GLN D 128 14.91 -15.00 25.90
N ALA D 129 13.60 -14.84 25.67
CA ALA D 129 12.73 -14.29 26.68
C ALA D 129 12.71 -15.16 27.95
N LYS D 130 12.88 -16.48 27.84
CA LYS D 130 13.00 -17.43 28.96
C LYS D 130 14.32 -17.41 29.73
N VAL D 131 15.39 -16.83 29.20
CA VAL D 131 16.71 -16.78 29.86
C VAL D 131 16.73 -15.76 31.01
N PRO D 132 17.05 -16.14 32.25
CA PRO D 132 17.13 -15.20 33.36
C PRO D 132 18.29 -14.20 33.20
N VAL D 133 18.02 -12.93 33.46
CA VAL D 133 18.86 -11.80 33.06
C VAL D 133 19.13 -10.79 34.20
N ASP D 134 18.36 -10.93 35.27
CA ASP D 134 18.59 -10.41 36.61
C ASP D 134 19.55 -11.32 37.39
N GLY D 135 19.91 -10.98 38.63
CA GLY D 135 20.62 -11.87 39.54
C GLY D 135 19.80 -13.11 39.95
N ASN D 136 18.48 -12.95 40.08
CA ASN D 136 17.55 -14.02 40.39
C ASN D 136 17.60 -15.13 39.33
N LYS D 137 17.46 -16.39 39.74
CA LYS D 137 17.50 -17.58 38.87
C LYS D 137 16.19 -17.86 38.14
N GLU D 138 15.07 -17.43 38.71
CA GLU D 138 13.72 -17.59 38.17
C GLU D 138 13.55 -16.89 36.80
N GLU D 139 12.77 -17.47 35.87
CA GLU D 139 12.61 -16.91 34.52
C GLU D 139 11.90 -15.55 34.52
N PRO D 140 12.14 -14.66 33.53
CA PRO D 140 11.44 -13.37 33.39
C PRO D 140 9.92 -13.46 33.30
N GLN D 141 9.27 -12.30 33.39
CA GLN D 141 7.81 -12.17 33.34
C GLN D 141 7.35 -11.39 32.13
N ILE D 142 8.04 -10.29 31.82
CA ILE D 142 7.83 -9.49 30.63
C ILE D 142 9.12 -9.49 29.84
N CYS D 143 9.02 -9.66 28.53
CA CYS D 143 10.06 -9.28 27.59
C CYS D 143 9.69 -7.98 26.87
N VAL D 144 10.53 -6.96 26.92
CA VAL D 144 10.39 -5.78 26.05
C VAL D 144 11.22 -5.99 24.80
N ILE D 145 10.58 -6.02 23.64
CA ILE D 145 11.24 -6.17 22.35
C ILE D 145 11.22 -4.81 21.66
N GLU D 146 12.36 -4.26 21.30
CA GLU D 146 12.45 -3.08 20.43
C GLU D 146 12.83 -3.51 19.02
N LEU D 147 12.06 -3.11 18.01
CA LEU D 147 12.37 -3.37 16.61
C LEU D 147 12.87 -2.07 15.97
N GLY D 148 14.09 -2.14 15.43
CA GLY D 148 14.73 -1.05 14.71
C GLY D 148 14.18 -0.81 13.31
N GLY D 149 14.60 0.30 12.70
CA GLY D 149 14.00 0.82 11.48
C GLY D 149 12.53 1.24 11.64
N THR D 150 11.90 1.66 10.57
CA THR D 150 10.49 2.02 10.57
C THR D 150 9.65 1.08 9.74
N ILE D 151 8.37 0.96 10.10
CA ILE D 151 7.34 0.25 9.35
C ILE D 151 7.34 0.65 7.88
N GLY D 152 7.33 -0.35 6.99
CA GLY D 152 7.45 -0.16 5.55
C GLY D 152 8.87 -0.28 5.00
N ASP D 153 9.90 -0.30 5.85
CA ASP D 153 11.25 -0.67 5.47
C ASP D 153 11.32 -2.12 5.02
N ILE D 154 12.11 -2.38 3.98
CA ILE D 154 12.42 -3.72 3.50
C ILE D 154 13.10 -4.54 4.59
N GLU D 155 14.04 -3.94 5.32
CA GLU D 155 14.84 -4.67 6.31
C GLU D 155 14.01 -5.19 7.48
N GLY D 156 12.93 -4.50 7.82
CA GLY D 156 12.03 -4.83 8.92
C GLY D 156 10.92 -5.81 8.55
N MET D 157 10.70 -6.10 7.26
CA MET D 157 9.63 -6.98 6.78
C MET D 157 9.64 -8.38 7.40
N PRO D 158 10.76 -9.11 7.48
CA PRO D 158 10.75 -10.43 8.10
C PRO D 158 10.45 -10.40 9.60
N PHE D 159 10.66 -9.29 10.30
CA PHE D 159 10.39 -9.17 11.73
C PHE D 159 8.97 -8.73 12.02
N VAL D 160 8.37 -7.80 11.27
CA VAL D 160 6.95 -7.51 11.44
C VAL D 160 6.08 -8.71 11.07
N GLU D 161 6.45 -9.50 10.07
CA GLU D 161 5.73 -10.73 9.74
C GLU D 161 5.90 -11.81 10.81
N ALA D 162 7.09 -11.92 11.41
CA ALA D 162 7.29 -12.74 12.57
C ALA D 162 6.38 -12.30 13.72
N PHE D 163 6.28 -11.02 14.04
CA PHE D 163 5.41 -10.58 15.13
C PHE D 163 3.91 -10.67 14.80
N ARG D 164 3.53 -10.53 13.54
CA ARG D 164 2.17 -10.83 13.07
C ARG D 164 1.77 -12.27 13.34
N GLN D 165 2.63 -13.24 13.10
CA GLN D 165 2.38 -14.63 13.46
C GLN D 165 2.45 -14.83 14.99
N PHE D 166 3.43 -14.20 15.65
CA PHE D 166 3.75 -14.37 17.07
C PHE D 166 2.64 -13.94 18.01
N GLN D 167 1.90 -12.87 17.71
CA GLN D 167 0.76 -12.42 18.52
C GLN D 167 -0.42 -13.41 18.58
N PHE D 168 -0.36 -14.52 17.84
CA PHE D 168 -1.29 -15.64 17.95
C PHE D 168 -0.67 -16.88 18.61
N LYS D 169 0.67 -17.02 18.63
CA LYS D 169 1.38 -18.03 19.43
C LYS D 169 1.40 -17.65 20.91
N ALA D 170 1.84 -16.44 21.20
CA ALA D 170 1.55 -15.79 22.46
C ALA D 170 0.11 -15.26 22.36
N LYS D 171 -0.77 -15.58 23.31
CA LYS D 171 -2.16 -15.15 23.23
C LYS D 171 -2.30 -13.61 23.33
N ARG D 172 -3.49 -13.07 23.04
CA ARG D 172 -3.85 -11.65 23.16
C ARG D 172 -3.48 -11.04 24.50
N GLU D 173 -3.79 -11.74 25.57
CA GLU D 173 -3.48 -11.35 26.95
C GLU D 173 -2.00 -11.49 27.31
N ASN D 174 -1.13 -11.83 26.36
CA ASN D 174 0.31 -11.90 26.54
C ASN D 174 1.08 -10.98 25.60
N PHE D 175 0.67 -10.80 24.35
CA PHE D 175 1.36 -9.92 23.40
C PHE D 175 0.75 -8.54 23.36
N CYS D 176 1.57 -7.50 23.28
CA CYS D 176 1.18 -6.10 23.30
C CYS D 176 2.11 -5.28 22.41
N ASN D 177 1.59 -4.23 21.77
CA ASN D 177 2.27 -3.50 20.71
C ASN D 177 2.32 -1.99 21.00
N ILE D 178 3.48 -1.37 21.14
CA ILE D 178 3.67 0.07 21.31
C ILE D 178 4.16 0.63 19.99
N HIS D 179 3.43 1.58 19.41
CA HIS D 179 3.90 2.23 18.20
C HIS D 179 4.33 3.64 18.51
N VAL D 180 5.60 3.94 18.27
CA VAL D 180 6.19 5.25 18.49
C VAL D 180 6.16 5.98 17.16
N SER D 181 5.65 7.19 17.09
CA SER D 181 5.42 7.92 15.84
C SER D 181 5.78 9.38 15.97
N LEU D 182 6.11 10.04 14.87
CA LEU D 182 6.33 11.48 14.84
C LEU D 182 5.00 12.20 14.64
N VAL D 183 4.71 13.13 15.53
CA VAL D 183 3.70 14.18 15.33
C VAL D 183 4.45 15.49 15.12
N PRO D 184 4.71 15.91 13.89
CA PRO D 184 5.42 17.16 13.63
C PRO D 184 4.56 18.39 13.90
N GLN D 185 5.19 19.54 14.05
CA GLN D 185 4.52 20.84 13.91
C GLN D 185 5.44 21.85 13.23
N LEU D 186 4.85 22.69 12.39
CA LEU D 186 5.57 23.72 11.62
C LEU D 186 5.58 25.05 12.38
N SER D 187 6.61 25.86 12.13
CA SER D 187 6.85 27.08 12.93
C SER D 187 5.80 28.18 12.72
N ALA D 188 5.14 28.20 11.56
CA ALA D 188 4.17 29.23 11.18
C ALA D 188 2.82 29.09 11.88
N THR D 189 2.12 27.96 11.67
CA THR D 189 0.81 27.67 12.28
C THR D 189 0.92 27.18 13.72
N GLY D 190 1.98 26.45 14.07
CA GLY D 190 2.13 25.82 15.38
C GLY D 190 1.09 24.72 15.65
N GLU D 191 0.64 24.01 14.62
CA GLU D 191 -0.32 22.92 14.70
C GLU D 191 0.36 21.55 14.61
N GLN D 192 0.05 20.66 15.54
CA GLN D 192 0.58 19.32 15.64
C GLN D 192 -0.13 18.36 14.68
N LYS D 193 0.59 17.79 13.72
CA LYS D 193 0.01 17.09 12.58
C LYS D 193 -0.03 15.58 12.79
N THR D 194 -1.23 15.01 12.88
CA THR D 194 -1.41 13.56 13.07
C THR D 194 -1.20 12.70 11.83
N LYS D 195 -0.98 13.28 10.66
CA LYS D 195 -1.03 12.55 9.39
C LYS D 195 0.03 11.47 9.22
N PRO D 196 1.31 11.69 9.55
CA PRO D 196 2.29 10.62 9.47
C PRO D 196 1.96 9.47 10.43
N THR D 197 1.37 9.75 11.60
CA THR D 197 0.92 8.71 12.52
C THR D 197 -0.20 7.89 11.88
N GLN D 198 -1.17 8.53 11.25
CA GLN D 198 -2.25 7.85 10.51
C GLN D 198 -1.69 6.91 9.44
N ASN D 199 -0.84 7.40 8.55
CA ASN D 199 -0.29 6.63 7.45
C ASN D 199 0.64 5.49 7.90
N SER D 200 1.45 5.70 8.94
CA SER D 200 2.28 4.62 9.48
C SER D 200 1.47 3.57 10.23
N VAL D 201 0.37 3.94 10.89
CA VAL D 201 -0.51 2.97 11.53
C VAL D 201 -1.33 2.19 10.51
N ARG D 202 -1.77 2.80 9.41
CA ARG D 202 -2.36 2.08 8.29
C ARG D 202 -1.40 1.03 7.71
N ALA D 203 -0.15 1.39 7.46
CA ALA D 203 0.89 0.47 7.04
C ALA D 203 1.18 -0.65 8.06
N LEU D 204 1.23 -0.35 9.35
CA LEU D 204 1.39 -1.34 10.42
C LEU D 204 0.24 -2.35 10.47
N ARG D 205 -1.02 -1.92 10.26
CA ARG D 205 -2.18 -2.82 10.08
C ARG D 205 -2.14 -3.66 8.83
N GLY D 206 -1.71 -3.11 7.71
CA GLY D 206 -1.45 -3.88 6.50
C GLY D 206 -0.43 -4.99 6.73
N LEU D 207 0.72 -4.67 7.32
CA LEU D 207 1.76 -5.61 7.74
C LEU D 207 1.30 -6.57 8.83
N GLY D 208 0.21 -6.24 9.52
CA GLY D 208 -0.63 -7.16 10.27
C GLY D 208 -0.67 -6.98 11.77
N LEU D 209 0.04 -6.00 12.31
CA LEU D 209 0.04 -5.62 13.72
C LEU D 209 -0.90 -4.44 13.93
N SER D 210 -1.47 -4.27 15.12
CA SER D 210 -2.31 -3.12 15.42
C SER D 210 -1.89 -2.50 16.76
N PRO D 211 -1.65 -1.17 16.86
CA PRO D 211 -1.16 -0.56 18.09
C PRO D 211 -2.07 -0.79 19.30
N ASP D 212 -1.46 -0.91 20.47
CA ASP D 212 -2.16 -0.98 21.76
C ASP D 212 -1.93 0.25 22.63
N LEU D 213 -0.76 0.88 22.51
CA LEU D 213 -0.50 2.29 22.79
C LEU D 213 0.03 2.94 21.53
N ILE D 214 -0.21 4.25 21.38
CA ILE D 214 0.59 5.10 20.50
C ILE D 214 1.36 6.07 21.37
N VAL D 215 2.67 6.18 21.15
CA VAL D 215 3.53 7.17 21.76
C VAL D 215 3.92 8.18 20.70
N CYS D 216 3.54 9.44 20.88
CA CYS D 216 3.88 10.50 19.96
C CYS D 216 5.18 11.16 20.41
N ARG D 217 6.20 11.16 19.55
CA ARG D 217 7.35 12.05 19.66
C ARG D 217 6.95 13.39 19.05
N SER D 218 7.04 14.47 19.79
CA SER D 218 6.68 15.82 19.31
C SER D 218 7.53 16.91 19.99
N SER D 219 7.68 18.09 19.39
CA SER D 219 8.53 19.15 19.99
C SER D 219 7.93 19.83 21.22
N THR D 220 6.63 19.65 21.49
CA THR D 220 5.90 20.12 22.68
C THR D 220 4.79 19.12 22.99
N PRO D 221 4.21 19.11 24.20
CA PRO D 221 3.16 18.15 24.54
C PRO D 221 1.98 18.19 23.58
N ILE D 222 1.48 17.04 23.14
CA ILE D 222 0.32 16.95 22.25
C ILE D 222 -0.95 17.41 22.98
N GLU D 223 -1.80 18.13 22.28
CA GLU D 223 -3.12 18.52 22.78
C GLU D 223 -4.17 17.40 22.69
N MET D 224 -5.30 17.59 23.37
CA MET D 224 -6.38 16.60 23.36
C MET D 224 -7.02 16.44 21.97
N ALA D 225 -7.04 17.49 21.16
CA ALA D 225 -7.49 17.43 19.78
C ALA D 225 -6.63 16.48 18.92
N VAL D 226 -5.34 16.35 19.25
CA VAL D 226 -4.41 15.39 18.66
C VAL D 226 -4.68 14.00 19.22
N LYS D 227 -4.84 13.83 20.54
CA LYS D 227 -5.14 12.53 21.16
C LYS D 227 -6.41 11.91 20.61
N GLU D 228 -7.47 12.71 20.44
CA GLU D 228 -8.75 12.29 19.89
C GLU D 228 -8.70 11.99 18.39
N LYS D 229 -7.96 12.76 17.59
CA LYS D 229 -7.82 12.44 16.16
C LYS D 229 -6.98 11.19 15.90
N ILE D 230 -5.88 11.00 16.63
CA ILE D 230 -5.10 9.76 16.56
C ILE D 230 -5.97 8.57 16.97
N SER D 231 -6.72 8.67 18.06
CA SER D 231 -7.70 7.66 18.46
C SER D 231 -8.76 7.35 17.39
N MET D 232 -9.23 8.34 16.63
CA MET D 232 -10.23 8.20 15.57
C MET D 232 -9.72 7.41 14.34
N PHE D 233 -8.44 7.49 14.01
CA PHE D 233 -7.84 6.72 12.92
C PHE D 233 -7.13 5.44 13.34
N CYS D 234 -6.62 5.36 14.56
CA CYS D 234 -5.72 4.29 15.00
C CYS D 234 -6.34 3.21 15.89
N HIS D 235 -7.63 3.28 16.24
CA HIS D 235 -8.33 2.21 16.96
C HIS D 235 -7.78 1.98 18.39
N VAL D 236 -7.29 3.05 19.02
CA VAL D 236 -6.86 3.14 20.41
C VAL D 236 -7.79 4.13 21.11
N ASN D 237 -7.98 4.02 22.42
CA ASN D 237 -8.73 5.03 23.17
C ASN D 237 -7.86 6.29 23.39
N PRO D 238 -8.40 7.51 23.59
CA PRO D 238 -7.58 8.71 23.75
C PRO D 238 -6.63 8.69 24.96
N GLU D 239 -6.90 7.91 26.01
CA GLU D 239 -5.98 7.67 27.13
C GLU D 239 -4.80 6.76 26.76
N GLN D 240 -4.91 6.02 25.66
CA GLN D 240 -3.86 5.16 25.10
C GLN D 240 -3.03 5.88 24.03
N VAL D 241 -3.20 7.19 23.86
CA VAL D 241 -2.29 8.06 23.09
C VAL D 241 -1.45 8.87 24.06
N ILE D 242 -0.16 8.57 24.13
CA ILE D 242 0.84 9.18 24.99
C ILE D 242 1.63 10.18 24.15
N CYS D 243 2.27 11.17 24.76
CA CYS D 243 3.42 11.81 24.13
C CYS D 243 4.66 11.79 25.03
N ILE D 244 5.82 11.74 24.40
CA ILE D 244 7.12 12.03 24.98
C ILE D 244 7.70 13.15 24.13
N HIS D 245 7.44 14.37 24.55
CA HIS D 245 8.02 15.57 23.96
C HIS D 245 9.48 15.69 24.35
N ASP D 246 10.30 16.43 23.61
CA ASP D 246 11.74 16.52 23.91
C ASP D 246 11.98 17.23 25.26
N VAL D 247 12.83 16.64 26.09
CA VAL D 247 13.02 17.01 27.50
C VAL D 247 14.48 17.03 27.95
N SER D 248 14.69 17.58 29.14
CA SER D 248 15.98 17.79 29.80
C SER D 248 16.86 16.55 29.89
N SER D 249 16.30 15.36 30.11
CA SER D 249 17.03 14.15 30.47
C SER D 249 16.32 12.88 30.02
N THR D 250 17.08 11.84 29.67
CA THR D 250 16.54 10.48 29.54
C THR D 250 16.03 9.95 30.87
N TYR D 251 16.59 10.37 32.01
CA TYR D 251 16.07 9.98 33.32
C TYR D 251 14.64 10.46 33.57
N ARG D 252 14.19 11.50 32.86
CA ARG D 252 12.82 11.99 32.95
C ARG D 252 11.82 11.20 32.11
N VAL D 253 12.21 10.48 31.06
CA VAL D 253 11.27 9.77 30.19
C VAL D 253 10.45 8.70 30.93
N PRO D 254 11.00 7.84 31.79
CA PRO D 254 10.20 6.95 32.63
C PRO D 254 9.16 7.70 33.46
N VAL D 255 9.53 8.87 33.96
CA VAL D 255 8.73 9.68 34.88
C VAL D 255 7.58 10.36 34.14
N LEU D 256 7.78 10.78 32.88
CA LEU D 256 6.72 11.23 31.98
C LEU D 256 5.74 10.11 31.62
N LEU D 257 6.21 8.88 31.41
CA LEU D 257 5.33 7.76 31.11
C LEU D 257 4.44 7.34 32.29
N GLU D 258 4.92 7.42 33.53
CA GLU D 258 4.10 7.21 34.73
C GLU D 258 3.05 8.33 34.95
N GLU D 259 3.38 9.58 34.62
CA GLU D 259 2.40 10.67 34.55
C GLU D 259 1.34 10.43 33.48
N GLN D 260 1.71 9.92 32.30
CA GLN D 260 0.82 9.52 31.21
C GLN D 260 0.11 8.17 31.45
N SER D 261 0.26 7.59 32.64
CA SER D 261 -0.53 6.48 33.19
C SER D 261 -0.38 5.12 32.49
N ILE D 262 0.79 4.77 31.95
CA ILE D 262 1.02 3.49 31.25
C ILE D 262 0.96 2.25 32.15
N VAL D 263 1.24 2.38 33.44
CA VAL D 263 1.23 1.24 34.39
C VAL D 263 -0.17 0.69 34.53
N LYS D 264 -1.16 1.55 34.68
CA LYS D 264 -2.56 1.18 34.74
C LYS D 264 -2.94 0.40 33.50
N TYR D 265 -2.57 0.90 32.32
CA TYR D 265 -2.88 0.23 31.05
C TYR D 265 -2.23 -1.14 30.92
N PHE D 266 -0.96 -1.31 31.27
CA PHE D 266 -0.33 -2.64 31.23
C PHE D 266 -0.91 -3.62 32.24
N LYS D 267 -1.30 -3.19 33.44
CA LYS D 267 -2.02 -4.04 34.38
C LYS D 267 -3.32 -4.55 33.78
N GLU D 268 -4.08 -3.71 33.08
CA GLU D 268 -5.32 -4.11 32.42
C GLU D 268 -5.07 -5.05 31.24
N ARG D 269 -4.18 -4.65 30.33
CA ARG D 269 -3.96 -5.30 29.05
C ARG D 269 -3.20 -6.62 29.16
N LEU D 270 -2.15 -6.68 29.97
CA LEU D 270 -1.31 -7.87 30.13
C LEU D 270 -1.64 -8.66 31.41
N HIS D 271 -2.71 -8.32 32.12
CA HIS D 271 -3.16 -9.00 33.34
C HIS D 271 -2.04 -9.15 34.36
N LEU D 272 -1.26 -8.09 34.57
CA LEU D 272 0.03 -8.20 35.27
C LEU D 272 -0.15 -8.40 36.79
N PRO D 273 0.72 -9.19 37.46
CA PRO D 273 0.75 -9.37 38.92
C PRO D 273 0.94 -8.12 39.79
N ILE D 274 1.03 -6.92 39.21
CA ILE D 274 1.37 -5.65 39.88
C ILE D 274 0.45 -5.36 41.08
N GLY D 275 -0.84 -5.62 40.95
CA GLY D 275 -1.89 -5.14 41.85
C GLY D 275 -2.13 -3.63 41.73
N ASP D 276 -3.24 -3.14 42.28
CA ASP D 276 -3.40 -1.69 42.47
C ASP D 276 -2.53 -1.22 43.64
N SER D 277 -1.76 -0.14 43.48
CA SER D 277 -0.85 0.34 44.51
C SER D 277 -0.65 1.86 44.44
N ALA D 278 -0.44 2.48 45.60
CA ALA D 278 -0.10 3.90 45.73
C ALA D 278 1.38 4.22 45.46
N SER D 279 2.25 3.21 45.40
CA SER D 279 3.69 3.39 45.21
C SER D 279 4.32 2.26 44.39
N ASN D 280 5.40 2.60 43.71
CA ASN D 280 6.35 1.75 43.02
C ASN D 280 7.70 2.48 42.96
N LEU D 281 8.79 1.76 42.69
CA LEU D 281 10.16 2.27 42.85
C LEU D 281 10.53 3.47 41.95
N LEU D 282 9.64 3.93 41.08
CA LEU D 282 9.88 5.09 40.23
C LEU D 282 10.04 6.39 41.00
N PHE D 283 9.71 6.45 42.30
CA PHE D 283 10.09 7.60 43.11
C PHE D 283 11.61 7.79 43.21
N LYS D 284 12.42 6.73 43.17
CA LYS D 284 13.88 6.83 43.11
C LYS D 284 14.37 7.40 41.77
N TRP D 285 13.75 7.01 40.65
CA TRP D 285 13.94 7.65 39.34
C TRP D 285 13.48 9.10 39.30
N ARG D 286 12.35 9.43 39.93
CA ARG D 286 11.84 10.79 40.01
C ARG D 286 12.79 11.70 40.78
N ASN D 287 13.37 11.22 41.89
CA ASN D 287 14.43 11.93 42.60
C ASN D 287 15.63 12.20 41.71
N MET D 288 16.16 11.20 41.01
CA MET D 288 17.35 11.34 40.17
C MET D 288 17.16 12.34 39.03
N ALA D 289 16.00 12.36 38.38
CA ALA D 289 15.71 13.36 37.35
C ALA D 289 15.51 14.78 37.90
N ASP D 290 14.92 14.92 39.08
CA ASP D 290 14.83 16.22 39.77
C ASP D 290 16.16 16.68 40.37
N ARG D 291 17.08 15.77 40.70
CA ARG D 291 18.50 16.07 40.98
C ARG D 291 19.20 16.61 39.74
N TYR D 292 19.05 15.95 38.60
CA TYR D 292 19.76 16.27 37.35
C TYR D 292 19.46 17.68 36.84
N GLU D 293 18.22 18.16 36.99
CA GLU D 293 17.83 19.54 36.65
C GLU D 293 18.33 20.61 37.63
N ARG D 294 18.73 20.21 38.85
CA ARG D 294 19.30 21.03 39.92
C ARG D 294 20.84 21.06 39.94
N LEU D 295 21.54 20.31 39.08
CA LEU D 295 22.99 20.33 38.99
C LEU D 295 23.51 21.71 38.49
N GLN D 296 24.08 22.50 39.38
CA GLN D 296 24.62 23.84 39.10
C GLN D 296 26.16 23.91 39.13
N LYS D 297 26.81 23.34 40.16
CA LYS D 297 28.28 23.28 40.28
C LYS D 297 28.86 22.49 39.12
N ILE D 298 29.76 23.08 38.32
CA ILE D 298 30.41 22.36 37.21
C ILE D 298 31.55 21.46 37.73
N CYS D 299 31.72 20.28 37.14
CA CYS D 299 32.95 19.48 37.25
C CYS D 299 33.40 19.05 35.85
N SER D 300 34.55 19.54 35.41
CA SER D 300 34.92 19.57 34.00
C SER D 300 36.13 18.70 33.69
N ILE D 301 35.99 17.72 32.80
CA ILE D 301 37.02 16.70 32.56
C ILE D 301 37.38 16.61 31.08
N ALA D 302 38.65 16.36 30.78
CA ALA D 302 39.17 16.22 29.43
C ALA D 302 39.19 14.76 29.01
N LEU D 303 38.49 14.42 27.94
CA LEU D 303 38.47 13.08 27.38
C LEU D 303 39.29 13.08 26.10
N VAL D 304 40.40 12.36 26.11
CA VAL D 304 41.41 12.42 25.06
C VAL D 304 41.22 11.25 24.11
N GLY D 305 40.40 11.46 23.09
CA GLY D 305 39.74 10.39 22.36
C GLY D 305 40.33 10.12 21.00
N LYS D 306 40.14 8.90 20.49
CA LYS D 306 40.73 8.45 19.22
C LYS D 306 40.01 8.93 17.95
N TYR D 307 39.00 9.80 18.05
CA TYR D 307 38.07 10.11 16.95
C TYR D 307 37.87 11.61 16.70
N THR D 308 37.53 11.99 15.47
CA THR D 308 37.41 13.40 15.05
C THR D 308 36.25 14.16 15.67
N LYS D 309 35.16 13.49 16.06
CA LYS D 309 34.01 14.04 16.79
C LYS D 309 33.23 12.93 17.50
N LEU D 310 32.61 13.25 18.64
CA LEU D 310 31.57 12.42 19.28
C LEU D 310 30.23 12.45 18.53
N ARG D 311 29.82 11.32 17.96
CA ARG D 311 28.41 10.99 17.77
C ARG D 311 28.00 10.12 18.97
N ASP D 312 28.65 8.98 19.12
CA ASP D 312 28.44 8.00 20.19
C ASP D 312 29.68 7.11 20.48
N CYS D 313 30.88 7.49 20.06
CA CYS D 313 32.10 6.66 20.15
C CYS D 313 32.51 6.27 21.58
N TYR D 314 32.06 7.07 22.54
CA TYR D 314 32.33 6.97 23.97
C TYR D 314 31.01 7.07 24.75
N ALA D 315 29.89 6.63 24.16
CA ALA D 315 28.55 6.78 24.71
C ALA D 315 28.36 6.25 26.13
N SER D 316 28.94 5.12 26.50
CA SER D 316 28.84 4.61 27.87
C SER D 316 29.93 5.17 28.78
N VAL D 317 31.08 5.59 28.25
CA VAL D 317 32.11 6.33 28.97
C VAL D 317 31.57 7.66 29.50
N PHE D 318 30.83 8.37 28.64
CA PHE D 318 30.09 9.56 28.97
C PHE D 318 29.01 9.25 30.01
N LYS D 319 28.19 8.22 29.82
CA LYS D 319 27.16 7.86 30.81
C LYS D 319 27.75 7.47 32.16
N ALA D 320 28.87 6.78 32.25
CA ALA D 320 29.55 6.49 33.52
C ALA D 320 30.07 7.74 34.24
N LEU D 321 30.56 8.75 33.50
CA LEU D 321 30.88 10.05 34.05
C LEU D 321 29.64 10.81 34.53
N GLU D 322 28.52 10.77 33.79
CA GLU D 322 27.26 11.35 34.23
C GLU D 322 26.70 10.70 35.49
N HIS D 323 26.70 9.37 35.60
CA HIS D 323 26.22 8.71 36.81
C HIS D 323 27.04 9.16 38.01
N SER D 324 28.35 9.26 37.83
CA SER D 324 29.30 9.69 38.84
C SER D 324 29.12 11.17 39.22
N ALA D 325 28.89 12.05 38.26
CA ALA D 325 28.65 13.46 38.52
C ALA D 325 27.29 13.71 39.20
N LEU D 326 26.24 12.98 38.83
CA LEU D 326 24.95 13.00 39.51
C LEU D 326 25.10 12.56 40.98
N ALA D 327 25.81 11.46 41.21
CA ALA D 327 26.09 10.92 42.53
C ALA D 327 26.94 11.85 43.41
N ILE D 328 27.66 12.78 42.80
CA ILE D 328 28.54 13.77 43.42
C ILE D 328 27.92 15.18 43.35
N ASN D 329 26.67 15.29 42.89
CA ASN D 329 25.88 16.51 42.75
C ASN D 329 26.62 17.64 41.99
N HIS D 330 27.26 17.31 40.87
CA HIS D 330 27.89 18.24 39.94
C HIS D 330 27.35 18.04 38.52
N LYS D 331 27.25 19.10 37.72
CA LYS D 331 27.02 18.96 36.29
C LYS D 331 28.34 18.60 35.62
N LEU D 332 28.40 17.47 34.95
CA LEU D 332 29.56 17.09 34.15
C LEU D 332 29.70 18.06 32.99
N ASN D 333 30.91 18.54 32.75
CA ASN D 333 31.28 19.16 31.48
C ASN D 333 32.34 18.28 30.83
N LEU D 334 32.03 17.71 29.67
CA LEU D 334 32.91 16.79 28.95
C LEU D 334 33.64 17.54 27.84
N MET D 335 34.86 17.96 28.11
CA MET D 335 35.75 18.59 27.15
C MET D 335 36.38 17.50 26.29
N TYR D 336 35.77 17.20 25.16
CA TYR D 336 36.30 16.21 24.25
C TYR D 336 37.48 16.76 23.46
N ILE D 337 38.58 16.03 23.42
CA ILE D 337 39.74 16.36 22.61
C ILE D 337 39.96 15.23 21.61
N ASP D 338 39.87 15.53 20.33
CA ASP D 338 40.38 14.68 19.26
C ASP D 338 41.90 14.57 19.43
N SER D 339 42.39 13.45 19.98
CA SER D 339 43.75 13.28 20.53
C SER D 339 44.89 13.74 19.63
N ILE D 340 44.78 13.52 18.31
CA ILE D 340 45.76 13.95 17.31
C ILE D 340 46.04 15.47 17.38
N ASP D 341 45.07 16.29 17.77
CA ASP D 341 45.20 17.75 17.85
C ASP D 341 46.07 18.22 19.03
N LEU D 342 46.48 17.33 19.95
CA LEU D 342 47.53 17.61 20.94
C LEU D 342 48.95 17.38 20.40
N GLU D 343 49.14 16.62 19.32
CA GLU D 343 50.48 16.30 18.80
C GLU D 343 51.23 17.55 18.31
N LYS D 344 52.46 17.74 18.81
CA LYS D 344 53.43 18.78 18.39
C LYS D 344 53.62 18.89 16.87
N ILE D 345 53.45 17.78 16.16
CA ILE D 345 53.48 17.66 14.69
C ILE D 345 52.41 18.54 14.02
N THR D 346 51.18 18.56 14.54
CA THR D 346 50.06 19.27 13.87
C THR D 346 50.22 20.79 13.81
N GLU D 347 51.00 21.41 14.70
CA GLU D 347 51.24 22.86 14.69
C GLU D 347 51.94 23.34 13.40
N THR D 348 52.60 22.44 12.67
CA THR D 348 53.20 22.69 11.35
C THR D 348 52.19 22.75 10.20
N GLU D 349 50.90 22.49 10.46
CA GLU D 349 49.86 22.37 9.42
C GLU D 349 48.49 22.96 9.81
N ASP D 350 48.11 22.92 11.09
CA ASP D 350 46.91 23.57 11.64
C ASP D 350 47.12 24.06 13.09
N PRO D 351 47.92 25.12 13.30
CA PRO D 351 48.24 25.63 14.64
C PRO D 351 47.02 26.14 15.43
N VAL D 352 45.97 26.62 14.76
CA VAL D 352 44.73 27.05 15.44
C VAL D 352 44.09 25.88 16.19
N LYS D 353 43.95 24.69 15.57
CA LYS D 353 43.43 23.48 16.23
C LYS D 353 44.36 22.95 17.32
N PHE D 354 45.67 23.08 17.15
CA PHE D 354 46.65 22.70 18.15
C PHE D 354 46.56 23.52 19.44
N HIS D 355 46.51 24.85 19.34
CA HIS D 355 46.36 25.68 20.54
C HIS D 355 44.98 25.50 21.19
N GLU D 356 43.93 25.29 20.39
CA GLU D 356 42.56 25.03 20.88
C GLU D 356 42.47 23.76 21.72
N ALA D 357 43.08 22.65 21.28
CA ALA D 357 43.15 21.41 22.04
C ALA D 357 43.90 21.56 23.37
N TRP D 358 45.03 22.26 23.39
CA TRP D 358 45.79 22.48 24.62
C TRP D 358 45.12 23.44 25.60
N GLN D 359 44.42 24.46 25.13
CA GLN D 359 43.59 25.30 25.99
C GLN D 359 42.52 24.45 26.70
N LYS D 360 41.78 23.61 25.95
CA LYS D 360 40.77 22.71 26.52
C LYS D 360 41.37 21.73 27.54
N LEU D 361 42.54 21.15 27.25
CA LEU D 361 43.24 20.28 28.20
C LEU D 361 43.67 21.03 29.47
N CYS D 362 44.14 22.27 29.35
CA CYS D 362 44.56 23.09 30.48
C CYS D 362 43.40 23.51 31.40
N LYS D 363 42.14 23.56 30.93
CA LYS D 363 40.95 23.81 31.76
C LYS D 363 40.66 22.69 32.78
N ALA D 364 41.12 21.46 32.52
CA ALA D 364 40.66 20.23 33.14
C ALA D 364 40.72 20.20 34.68
N ASP D 365 39.64 19.73 35.31
CA ASP D 365 39.59 19.28 36.70
C ASP D 365 40.03 17.82 36.86
N GLY D 366 40.00 17.05 35.77
CA GLY D 366 40.47 15.66 35.65
C GLY D 366 40.65 15.26 34.19
N ILE D 367 41.44 14.21 33.93
CA ILE D 367 41.71 13.67 32.58
C ILE D 367 41.28 12.20 32.50
N LEU D 368 40.58 11.85 31.43
CA LEU D 368 40.17 10.49 31.07
C LEU D 368 40.78 10.11 29.73
N VAL D 369 41.61 9.09 29.72
CA VAL D 369 42.12 8.53 28.46
C VAL D 369 41.42 7.19 28.25
N PRO D 370 40.42 7.13 27.36
CA PRO D 370 39.65 5.94 27.15
C PRO D 370 40.36 4.96 26.21
N GLY D 371 39.82 3.74 26.18
CA GLY D 371 40.33 2.64 25.37
C GLY D 371 40.23 2.85 23.87
N GLY D 372 40.85 1.94 23.14
CA GLY D 372 40.91 1.94 21.68
C GLY D 372 41.98 0.99 21.17
N PHE D 373 42.23 1.03 19.87
CA PHE D 373 43.24 0.22 19.17
C PHE D 373 43.93 1.05 18.08
N GLY D 374 45.17 0.70 17.74
CA GLY D 374 45.94 1.27 16.63
C GLY D 374 46.90 2.40 17.00
N ILE D 375 47.71 2.82 16.03
CA ILE D 375 48.71 3.89 16.18
C ILE D 375 48.02 5.24 16.44
N ARG D 376 46.89 5.49 15.78
CA ARG D 376 46.22 6.79 15.69
C ARG D 376 45.93 7.38 17.07
N GLY D 377 46.31 8.63 17.28
CA GLY D 377 46.03 9.36 18.52
C GLY D 377 46.87 8.97 19.72
N THR D 378 47.65 7.89 19.65
CA THR D 378 48.49 7.45 20.77
C THR D 378 49.51 8.49 21.19
N LEU D 379 50.17 9.16 20.25
CA LEU D 379 51.16 10.19 20.61
C LEU D 379 50.48 11.37 21.32
N GLY D 380 49.29 11.75 20.90
CA GLY D 380 48.51 12.83 21.53
C GLY D 380 47.97 12.46 22.92
N LYS D 381 47.46 11.23 23.08
CA LYS D 381 47.16 10.61 24.36
C LYS D 381 48.37 10.65 25.29
N LEU D 382 49.55 10.25 24.85
CA LEU D 382 50.76 10.28 25.68
C LEU D 382 51.09 11.69 26.19
N GLN D 383 50.93 12.71 25.35
CA GLN D 383 51.17 14.09 25.76
C GLN D 383 50.17 14.52 26.84
N ALA D 384 48.90 14.12 26.74
CA ALA D 384 47.92 14.39 27.78
C ALA D 384 48.13 13.59 29.07
N ILE D 385 48.62 12.35 29.00
CA ILE D 385 48.88 11.56 30.21
C ILE D 385 50.04 12.18 30.99
N SER D 386 51.11 12.52 30.28
CA SER D 386 52.28 13.20 30.84
C SER D 386 51.96 14.61 31.36
N TRP D 387 51.06 15.35 30.70
CA TRP D 387 50.48 16.58 31.28
C TRP D 387 49.76 16.29 32.59
N ALA D 388 48.91 15.26 32.64
CA ALA D 388 48.16 14.89 33.82
C ALA D 388 49.07 14.55 35.01
N ARG D 389 50.13 13.77 34.77
CA ARG D 389 51.12 13.39 35.78
C ARG D 389 51.98 14.55 36.24
N THR D 390 52.57 15.32 35.33
CA THR D 390 53.46 16.43 35.67
C THR D 390 52.71 17.60 36.30
N LYS D 391 51.54 17.99 35.77
CA LYS D 391 50.73 19.09 36.29
C LYS D 391 49.74 18.69 37.41
N LYS D 392 49.91 17.51 38.01
CA LYS D 392 49.22 17.00 39.22
C LYS D 392 47.68 16.87 39.12
N ILE D 393 47.17 16.64 37.90
CA ILE D 393 45.74 16.54 37.57
C ILE D 393 45.19 15.12 37.84
N PRO D 394 44.00 14.93 38.43
CA PRO D 394 43.37 13.62 38.57
C PRO D 394 43.23 12.85 37.24
N PHE D 395 43.42 11.54 37.25
CA PHE D 395 43.56 10.76 36.02
C PHE D 395 42.96 9.36 36.08
N LEU D 396 42.18 9.01 35.05
CA LEU D 396 41.76 7.65 34.76
C LEU D 396 42.18 7.23 33.36
N GLY D 397 42.93 6.14 33.27
CA GLY D 397 43.29 5.48 32.01
C GLY D 397 42.54 4.17 31.86
N VAL D 398 41.77 4.02 30.79
CA VAL D 398 40.98 2.81 30.52
C VAL D 398 41.57 2.07 29.34
N CYS D 399 41.87 0.79 29.52
CA CYS D 399 42.44 -0.12 28.53
C CYS D 399 43.68 0.47 27.84
N LEU D 400 43.57 1.02 26.62
CA LEU D 400 44.69 1.71 25.98
C LEU D 400 45.26 2.84 26.85
N GLY D 401 44.44 3.63 27.52
CA GLY D 401 44.93 4.70 28.40
C GLY D 401 45.75 4.19 29.60
N MET D 402 45.57 2.93 29.98
CA MET D 402 46.36 2.25 31.00
C MET D 402 47.67 1.73 30.43
N GLN D 403 47.64 1.13 29.24
CA GLN D 403 48.84 0.66 28.56
C GLN D 403 49.79 1.82 28.27
N LEU D 404 49.27 2.93 27.76
CA LEU D 404 50.03 4.17 27.58
C LEU D 404 50.54 4.74 28.91
N ALA D 405 49.80 4.60 30.01
CA ALA D 405 50.25 5.06 31.32
C ALA D 405 51.33 4.17 31.95
N VAL D 406 51.45 2.88 31.58
CA VAL D 406 52.64 2.08 31.90
C VAL D 406 53.81 2.48 31.03
N ILE D 407 53.58 2.67 29.73
CA ILE D 407 54.60 3.08 28.75
C ILE D 407 55.23 4.41 29.13
N GLU D 408 54.44 5.46 29.37
CA GLU D 408 55.04 6.78 29.62
C GLU D 408 55.77 6.85 30.95
N PHE D 409 55.38 6.07 31.96
CA PHE D 409 56.13 6.00 33.20
C PHE D 409 57.47 5.27 33.01
N ALA D 410 57.55 4.25 32.15
CA ALA D 410 58.83 3.69 31.78
C ALA D 410 59.69 4.70 30.98
N ARG D 411 59.12 5.35 29.96
CA ARG D 411 59.82 6.34 29.14
C ARG D 411 60.34 7.53 29.95
N ASN D 412 59.46 8.22 30.67
CA ASN D 412 59.73 9.49 31.34
C ASN D 412 60.15 9.35 32.81
N CYS D 413 59.83 8.26 33.53
CA CYS D 413 60.17 8.15 34.97
C CYS D 413 61.19 7.05 35.33
N LEU D 414 61.39 6.03 34.50
CA LEU D 414 62.49 5.06 34.63
C LEU D 414 63.63 5.33 33.62
N ASN D 415 63.45 6.28 32.71
CA ASN D 415 64.34 6.59 31.58
C ASN D 415 64.66 5.38 30.69
N LEU D 416 63.67 4.50 30.50
CA LEU D 416 63.69 3.36 29.57
C LEU D 416 63.11 3.81 28.21
N LYS D 417 63.60 4.89 27.62
CA LYS D 417 62.90 5.60 26.54
C LYS D 417 62.82 4.88 25.19
N ASP D 418 63.51 3.76 25.01
CA ASP D 418 63.28 2.82 23.92
C ASP D 418 62.05 1.90 24.13
N ALA D 419 61.37 1.98 25.29
CA ALA D 419 60.15 1.23 25.59
C ALA D 419 58.92 1.72 24.82
N ASP D 420 58.22 0.76 24.24
CA ASP D 420 57.06 0.97 23.38
C ASP D 420 56.13 -0.25 23.39
N SER D 421 54.97 -0.10 22.77
CA SER D 421 53.96 -1.14 22.55
C SER D 421 54.41 -2.25 21.59
N THR D 422 53.49 -3.14 21.22
CA THR D 422 53.62 -4.15 20.17
C THR D 422 52.50 -4.02 19.13
N GLU D 423 51.34 -3.42 19.43
CA GLU D 423 50.32 -3.11 18.41
C GLU D 423 50.77 -1.98 17.49
N PHE D 424 51.45 -1.00 18.09
CA PHE D 424 52.20 0.06 17.46
C PHE D 424 53.69 -0.20 17.73
N ARG D 425 54.54 -0.02 16.71
CA ARG D 425 55.95 -0.47 16.64
C ARG D 425 56.19 -1.94 17.06
N PRO D 426 55.69 -2.93 16.30
CA PRO D 426 55.75 -4.35 16.65
C PRO D 426 57.16 -4.94 16.79
N ASN D 427 58.18 -4.26 16.27
CA ASN D 427 59.60 -4.59 16.33
C ASN D 427 60.33 -4.01 17.56
N ALA D 428 59.63 -3.53 18.60
CA ALA D 428 60.21 -2.68 19.65
C ALA D 428 61.49 -3.26 20.30
N PRO D 429 62.54 -2.44 20.55
CA PRO D 429 63.76 -2.86 21.23
C PRO D 429 63.55 -3.44 22.64
N VAL D 430 62.62 -2.88 23.42
CA VAL D 430 62.19 -3.41 24.72
C VAL D 430 60.65 -3.35 24.81
N PRO D 431 59.93 -4.43 24.42
CA PRO D 431 58.48 -4.41 24.24
C PRO D 431 57.79 -4.49 25.60
N LEU D 432 57.41 -3.33 26.14
CA LEU D 432 56.82 -3.16 27.46
C LEU D 432 55.32 -3.46 27.50
N VAL D 433 54.62 -3.25 26.40
CA VAL D 433 53.25 -3.72 26.20
C VAL D 433 53.25 -4.71 25.04
N ILE D 434 52.69 -5.90 25.23
CA ILE D 434 52.81 -7.06 24.35
C ILE D 434 51.46 -7.68 24.00
N ASP D 435 51.38 -8.29 22.83
CA ASP D 435 50.28 -9.17 22.42
C ASP D 435 50.29 -10.42 23.33
N MET D 436 49.20 -10.71 24.03
CA MET D 436 49.09 -11.87 24.93
C MET D 436 47.68 -12.45 24.95
N PRO D 437 47.19 -13.01 23.83
CA PRO D 437 45.81 -13.44 23.69
C PRO D 437 45.45 -14.62 24.61
N GLU D 438 44.17 -14.74 24.96
CA GLU D 438 43.64 -15.87 25.71
C GLU D 438 43.59 -17.13 24.85
N HIS D 439 44.01 -18.25 25.43
CA HIS D 439 44.07 -19.56 24.76
C HIS D 439 43.49 -20.64 25.67
N ASN D 440 42.66 -21.52 25.10
CA ASN D 440 41.88 -22.54 25.80
C ASN D 440 41.75 -23.82 24.94
N PRO D 441 41.52 -25.00 25.55
CA PRO D 441 40.90 -26.13 24.87
C PRO D 441 39.60 -25.75 24.15
N GLY D 442 39.31 -26.40 23.03
CA GLY D 442 38.09 -26.18 22.24
C GLY D 442 38.02 -24.87 21.46
N ASN D 443 39.13 -24.13 21.34
CA ASN D 443 39.28 -22.91 20.56
C ASN D 443 40.50 -23.02 19.62
N LEU D 444 40.45 -22.43 18.41
CA LEU D 444 41.56 -22.43 17.46
C LEU D 444 42.41 -21.15 17.56
N GLY D 445 43.69 -21.30 17.87
CA GLY D 445 44.63 -20.19 18.06
C GLY D 445 44.35 -19.32 19.29
N GLY D 446 45.02 -18.17 19.38
CA GLY D 446 44.80 -17.16 20.41
C GLY D 446 43.63 -16.21 20.09
N THR D 447 42.92 -15.76 21.13
CA THR D 447 41.64 -15.02 21.07
C THR D 447 41.65 -13.83 22.04
N MET D 448 40.77 -12.84 21.88
CA MET D 448 40.72 -11.69 22.78
C MET D 448 40.34 -12.04 24.22
N ARG D 449 40.92 -11.31 25.18
CA ARG D 449 40.42 -11.23 26.56
C ARG D 449 39.17 -10.36 26.50
N LEU D 450 38.02 -11.02 26.53
CA LEU D 450 36.75 -10.48 26.07
C LEU D 450 35.62 -10.93 26.99
N GLY D 451 34.88 -9.99 27.57
CA GLY D 451 33.84 -10.25 28.57
C GLY D 451 34.34 -10.24 30.01
N ILE D 452 33.56 -10.79 30.93
CA ILE D 452 33.81 -10.66 32.37
C ILE D 452 34.88 -11.62 32.87
N ARG D 453 35.83 -11.10 33.64
CA ARG D 453 37.00 -11.79 34.19
C ARG D 453 37.21 -11.32 35.63
N ARG D 454 37.63 -12.21 36.54
CA ARG D 454 37.99 -11.82 37.90
C ARG D 454 39.38 -11.17 37.95
N THR D 455 39.47 -9.94 38.44
CA THR D 455 40.71 -9.21 38.71
C THR D 455 40.89 -9.07 40.21
N VAL D 456 42.02 -9.53 40.74
CA VAL D 456 42.28 -9.69 42.17
C VAL D 456 43.22 -8.60 42.67
N PHE D 457 42.91 -7.96 43.79
CA PHE D 457 43.78 -6.95 44.38
C PHE D 457 45.03 -7.57 45.02
N LYS D 458 46.20 -6.97 44.74
CA LYS D 458 47.50 -7.36 45.28
C LYS D 458 47.77 -6.85 46.71
N THR D 459 47.09 -5.78 47.11
CA THR D 459 47.37 -5.03 48.33
C THR D 459 46.10 -4.39 48.87
N GLU D 460 46.02 -4.17 50.18
CA GLU D 460 44.99 -3.34 50.80
C GLU D 460 45.24 -1.84 50.57
N ASN D 461 46.46 -1.44 50.19
CA ASN D 461 46.88 -0.06 49.99
C ASN D 461 46.54 0.48 48.58
N SER D 462 45.28 0.39 48.20
CA SER D 462 44.75 0.84 46.91
C SER D 462 43.51 1.72 47.10
N ILE D 463 43.49 2.87 46.42
CA ILE D 463 42.31 3.73 46.38
C ILE D 463 41.17 3.00 45.66
N LEU D 464 41.42 2.30 44.55
CA LEU D 464 40.38 1.53 43.89
C LEU D 464 39.80 0.45 44.80
N ARG D 465 40.61 -0.28 45.57
CA ARG D 465 40.07 -1.24 46.56
C ARG D 465 39.14 -0.57 47.57
N LYS D 466 39.48 0.64 48.04
CA LYS D 466 38.57 1.41 48.91
C LYS D 466 37.29 1.81 48.19
N LEU D 467 37.37 2.35 46.96
CA LEU D 467 36.19 2.72 46.19
C LEU D 467 35.31 1.51 45.85
N TYR D 468 35.87 0.32 45.60
CA TYR D 468 35.15 -0.95 45.44
C TYR D 468 34.63 -1.58 46.76
N GLY D 469 34.64 -0.88 47.89
CA GLY D 469 34.05 -1.39 49.14
C GLY D 469 34.93 -2.32 49.97
N ASP D 470 36.24 -2.25 49.79
CA ASP D 470 37.25 -3.03 50.52
C ASP D 470 37.12 -4.54 50.29
N VAL D 471 36.59 -4.94 49.12
CA VAL D 471 36.38 -6.32 48.67
C VAL D 471 37.69 -6.97 48.17
N PRO D 472 37.94 -8.29 48.33
CA PRO D 472 39.17 -8.97 47.90
C PRO D 472 39.49 -8.95 46.40
N PHE D 473 38.47 -8.88 45.55
CA PHE D 473 38.56 -8.95 44.09
C PHE D 473 37.34 -8.29 43.46
N ILE D 474 37.39 -8.04 42.16
CA ILE D 474 36.29 -7.51 41.37
C ILE D 474 36.10 -8.35 40.11
N GLU D 475 34.89 -8.42 39.60
CA GLU D 475 34.61 -8.91 38.26
C GLU D 475 34.21 -7.75 37.36
N GLU D 476 34.92 -7.58 36.25
CA GLU D 476 34.75 -6.45 35.32
C GLU D 476 34.99 -6.92 33.89
N ARG D 477 34.53 -6.14 32.91
CA ARG D 477 34.53 -6.53 31.49
C ARG D 477 35.76 -6.03 30.76
N HIS D 478 36.36 -6.90 29.96
CA HIS D 478 37.60 -6.69 29.20
C HIS D 478 37.34 -6.79 27.71
N ARG D 479 38.13 -6.08 26.88
CA ARG D 479 38.15 -6.19 25.41
C ARG D 479 39.50 -5.75 24.86
N HIS D 480 40.48 -6.64 24.88
CA HIS D 480 41.83 -6.41 24.35
C HIS D 480 42.60 -7.71 24.08
N ARG D 481 43.60 -7.63 23.19
CA ARG D 481 44.66 -8.63 22.99
C ARG D 481 45.89 -8.36 23.85
N PHE D 482 46.21 -7.09 24.03
CA PHE D 482 47.47 -6.60 24.55
C PHE D 482 47.48 -6.47 26.07
N GLU D 483 48.66 -6.47 26.67
CA GLU D 483 48.93 -6.48 28.12
C GLU D 483 50.28 -5.82 28.39
N VAL D 484 50.55 -5.34 29.60
CA VAL D 484 51.93 -5.09 30.03
C VAL D 484 52.72 -6.40 30.06
N ASN D 485 53.95 -6.36 29.54
CA ASN D 485 54.92 -7.44 29.56
C ASN D 485 55.19 -7.89 31.00
N PRO D 486 54.85 -9.14 31.39
CA PRO D 486 55.04 -9.64 32.74
C PRO D 486 56.51 -9.73 33.18
N ASN D 487 57.44 -9.86 32.24
CA ASN D 487 58.87 -9.94 32.53
C ASN D 487 59.48 -8.56 32.87
N LEU D 488 58.95 -7.48 32.31
CA LEU D 488 59.41 -6.12 32.56
C LEU D 488 58.76 -5.46 33.80
N ILE D 489 57.93 -6.18 34.57
CA ILE D 489 57.31 -5.66 35.79
C ILE D 489 58.35 -5.32 36.87
N LYS D 490 59.51 -6.00 36.89
CA LYS D 490 60.57 -5.77 37.88
C LYS D 490 61.10 -4.34 37.87
N GLN D 491 61.21 -3.72 36.70
CA GLN D 491 61.70 -2.35 36.55
C GLN D 491 60.84 -1.32 37.29
N PHE D 492 59.60 -1.64 37.65
CA PHE D 492 58.72 -0.72 38.38
C PHE D 492 58.87 -0.75 39.90
N GLU D 493 59.29 -1.86 40.54
CA GLU D 493 59.14 -2.04 41.99
C GLU D 493 59.92 -1.03 42.86
N GLN D 494 60.97 -0.39 42.35
CA GLN D 494 61.68 0.68 43.06
C GLN D 494 60.93 2.03 43.07
N ASN D 495 59.98 2.25 42.15
CA ASN D 495 59.52 3.59 41.77
C ASN D 495 57.99 3.76 41.87
N ASP D 496 57.48 4.93 41.53
CA ASP D 496 56.20 5.45 42.06
C ASP D 496 54.95 4.76 41.50
N LEU D 497 55.00 4.21 40.29
CA LEU D 497 53.91 3.48 39.69
C LEU D 497 53.85 2.05 40.23
N SER D 498 52.81 1.78 41.02
CA SER D 498 52.50 0.45 41.52
C SER D 498 51.54 -0.29 40.58
N PHE D 499 51.59 -1.63 40.59
CA PHE D 499 50.51 -2.48 40.11
C PHE D 499 49.72 -3.00 41.31
N VAL D 500 48.39 -2.87 41.28
CA VAL D 500 47.51 -3.20 42.41
C VAL D 500 46.46 -4.25 42.07
N GLY D 501 46.25 -4.58 40.80
CA GLY D 501 45.31 -5.61 40.37
C GLY D 501 45.93 -6.58 39.38
N GLN D 502 45.58 -7.85 39.49
CA GLN D 502 46.21 -8.94 38.76
C GLN D 502 45.17 -9.98 38.34
N ASP D 503 45.38 -10.70 37.25
CA ASP D 503 44.51 -11.81 36.88
C ASP D 503 44.60 -12.97 37.87
N VAL D 504 43.56 -13.80 37.97
CA VAL D 504 43.56 -15.02 38.78
C VAL D 504 44.62 -16.04 38.35
N ASP D 505 45.06 -16.07 37.08
CA ASP D 505 46.18 -16.90 36.65
C ASP D 505 47.55 -16.30 37.03
N GLY D 506 47.58 -15.06 37.50
CA GLY D 506 48.77 -14.27 37.78
C GLY D 506 49.44 -13.67 36.53
N ASP D 507 49.14 -14.17 35.34
CA ASP D 507 49.82 -13.89 34.08
C ASP D 507 49.76 -12.43 33.60
N ARG D 508 48.80 -11.64 34.10
CA ARG D 508 48.44 -10.32 33.56
C ARG D 508 48.27 -9.33 34.72
N MET D 509 48.84 -8.13 34.62
CA MET D 509 48.62 -7.03 35.56
C MET D 509 47.59 -6.07 34.98
N GLU D 510 46.57 -5.76 35.78
CA GLU D 510 45.28 -5.26 35.29
C GLU D 510 44.83 -3.96 35.92
N ILE D 511 45.47 -3.50 37.00
CA ILE D 511 45.25 -2.17 37.59
C ILE D 511 46.60 -1.59 38.03
N ILE D 512 46.85 -0.31 37.75
CA ILE D 512 48.01 0.48 38.22
C ILE D 512 47.55 1.67 39.04
N GLU D 513 48.30 2.06 40.06
CA GLU D 513 48.14 3.33 40.77
C GLU D 513 49.47 4.06 40.95
N LEU D 514 49.52 5.35 40.60
CA LEU D 514 50.68 6.21 40.81
C LEU D 514 50.61 6.88 42.19
N ALA D 515 51.63 6.64 43.01
CA ALA D 515 51.74 7.26 44.33
C ALA D 515 52.00 8.78 44.25
N ASN D 516 51.88 9.46 45.39
CA ASN D 516 52.22 10.88 45.55
C ASN D 516 51.44 11.81 44.59
N HIS D 517 50.18 11.47 44.33
CA HIS D 517 49.28 12.12 43.37
C HIS D 517 47.84 12.09 43.93
N PRO D 518 46.98 13.09 43.67
CA PRO D 518 45.61 13.11 44.18
C PRO D 518 44.84 11.84 43.83
N TYR D 519 44.85 11.44 42.57
CA TYR D 519 44.27 10.21 42.05
C TYR D 519 44.81 9.96 40.64
N PHE D 520 45.56 8.89 40.41
CA PHE D 520 46.04 8.53 39.08
C PHE D 520 46.09 7.03 39.03
N VAL D 521 45.21 6.47 38.21
CA VAL D 521 44.94 5.05 38.13
C VAL D 521 44.68 4.67 36.69
N GLY D 522 45.05 3.45 36.34
CA GLY D 522 44.67 2.84 35.09
C GLY D 522 44.16 1.45 35.31
N VAL D 523 43.19 1.03 34.51
CA VAL D 523 42.55 -0.28 34.54
C VAL D 523 42.54 -0.90 33.15
N GLN D 524 42.71 -2.22 33.03
CA GLN D 524 42.61 -2.91 31.74
C GLN D 524 41.14 -3.16 31.33
N PHE D 525 40.27 -3.49 32.28
CA PHE D 525 38.83 -3.56 32.06
C PHE D 525 38.23 -2.19 31.73
N HIS D 526 37.05 -2.20 31.10
CA HIS D 526 36.16 -1.07 30.87
C HIS D 526 35.11 -0.98 31.99
N PRO D 527 35.26 -0.14 33.02
CA PRO D 527 34.29 -0.08 34.12
C PRO D 527 32.96 0.55 33.73
N GLU D 528 32.86 1.27 32.61
CA GLU D 528 31.65 1.96 32.21
C GLU D 528 30.49 1.02 31.84
N PHE D 529 30.79 -0.17 31.31
CA PHE D 529 29.78 -1.16 30.93
C PHE D 529 29.04 -1.74 32.13
N SER D 530 29.70 -1.76 33.29
CA SER D 530 29.15 -2.20 34.57
C SER D 530 28.47 -1.10 35.37
N SER D 531 28.58 0.15 34.92
CA SER D 531 28.02 1.34 35.57
C SER D 531 26.49 1.40 35.43
N ARG D 532 25.79 1.93 36.43
CA ARG D 532 24.31 2.07 36.46
C ARG D 532 23.93 3.42 37.02
N PRO D 533 22.83 4.06 36.59
CA PRO D 533 22.44 5.40 37.05
C PRO D 533 22.32 5.54 38.55
N MET D 534 21.77 4.55 39.25
CA MET D 534 21.63 4.54 40.71
C MET D 534 22.91 4.25 41.49
N LYS D 535 23.95 3.71 40.84
CA LYS D 535 25.20 3.32 41.48
C LYS D 535 26.40 3.37 40.51
N PRO D 536 27.20 4.43 40.52
CA PRO D 536 28.33 4.60 39.60
C PRO D 536 29.39 3.51 39.71
N SER D 537 30.12 3.30 38.64
CA SER D 537 31.29 2.43 38.56
C SER D 537 32.47 3.06 39.29
N PRO D 538 33.02 2.44 40.35
CA PRO D 538 33.99 3.05 41.25
C PRO D 538 35.19 3.80 40.64
N PRO D 539 35.85 3.35 39.55
CA PRO D 539 36.94 4.14 38.97
C PRO D 539 36.52 5.51 38.45
N TYR D 540 35.31 5.64 37.91
CA TYR D 540 34.77 6.91 37.44
C TYR D 540 34.28 7.78 38.58
N LEU D 541 33.71 7.17 39.62
CA LEU D 541 33.32 7.84 40.86
C LEU D 541 34.54 8.43 41.56
N GLY D 542 35.62 7.67 41.67
CA GLY D 542 36.90 8.15 42.16
C GLY D 542 37.48 9.31 41.36
N LEU D 543 37.43 9.25 40.02
CA LEU D 543 37.91 10.31 39.14
C LEU D 543 37.13 11.61 39.37
N LEU D 544 35.80 11.56 39.47
CA LEU D 544 34.98 12.75 39.68
C LEU D 544 34.96 13.21 41.12
N LEU D 545 35.08 12.34 42.11
CA LEU D 545 35.41 12.71 43.49
C LEU D 545 36.72 13.49 43.52
N ALA D 546 37.79 12.96 42.92
CA ALA D 546 39.08 13.63 42.90
C ALA D 546 39.07 14.94 42.12
N ALA D 547 38.27 15.04 41.05
CA ALA D 547 38.19 16.22 40.20
C ALA D 547 37.72 17.47 40.95
N THR D 548 36.58 17.41 41.64
CA THR D 548 36.09 18.52 42.49
C THR D 548 36.94 18.69 43.76
N GLY D 549 37.49 17.60 44.30
CA GLY D 549 38.34 17.57 45.48
C GLY D 549 37.74 16.84 46.67
N ASN D 550 36.66 16.10 46.47
CA ASN D 550 35.88 15.38 47.48
C ASN D 550 36.47 14.00 47.86
N LEU D 551 37.44 13.44 47.16
CA LEU D 551 37.88 12.04 47.38
C LEU D 551 38.40 11.79 48.80
N ASN D 552 39.21 12.72 49.31
CA ASN D 552 39.77 12.65 50.65
C ASN D 552 38.72 12.80 51.76
N ALA D 553 37.55 13.36 51.46
CA ALA D 553 36.39 13.36 52.35
C ALA D 553 35.49 12.13 52.17
N TYR D 554 35.36 11.58 50.97
CA TYR D 554 34.59 10.36 50.72
C TYR D 554 35.18 9.12 51.39
N LEU D 555 36.51 8.98 51.39
CA LEU D 555 37.21 7.91 52.08
C LEU D 555 36.99 7.89 53.61
N GLN D 556 36.43 8.93 54.22
CA GLN D 556 36.14 8.99 55.66
C GLN D 556 34.83 8.31 56.09
N GLN D 557 33.92 8.01 55.16
CA GLN D 557 32.63 7.37 55.49
C GLN D 557 32.75 5.84 55.52
#